data_5YTX
# 
_entry.id   5YTX 
# 
_audit_conform.dict_name       mmcif_pdbx.dic 
_audit_conform.dict_version    5.380 
_audit_conform.dict_location   http://mmcif.pdb.org/dictionaries/ascii/mmcif_pdbx.dic 
# 
loop_
_database_2.database_id 
_database_2.database_code 
_database_2.pdbx_database_accession 
_database_2.pdbx_DOI 
PDB   5YTX         pdb_00005ytx 10.2210/pdb5ytx/pdb 
WWPDB D_1300005910 ?            ?                   
# 
loop_
_pdbx_database_related.db_name 
_pdbx_database_related.details 
_pdbx_database_related.db_id 
_pdbx_database_related.content_type 
PDB . 5YTS unspecified 
PDB . 5YTT unspecified 
PDB . 5YTV unspecified 
# 
_pdbx_database_status.status_code                     REL 
_pdbx_database_status.status_code_sf                  REL 
_pdbx_database_status.status_code_mr                  ? 
_pdbx_database_status.entry_id                        5YTX 
_pdbx_database_status.recvd_initial_deposition_date   2017-11-20 
_pdbx_database_status.SG_entry                        N 
_pdbx_database_status.deposit_site                    PDBJ 
_pdbx_database_status.process_site                    PDBJ 
_pdbx_database_status.status_code_cs                  ? 
_pdbx_database_status.methods_development_category    ? 
_pdbx_database_status.pdb_format_compatible           Y 
_pdbx_database_status.status_code_nmr_data            ? 
# 
loop_
_audit_author.name 
_audit_author.pdbx_ordinal 
_audit_author.identifier_ORCID 
'Yang, X.'  1 ? 
'Huang, Y.' 2 ? 
# 
_citation.abstract                  ? 
_citation.abstract_id_CAS           ? 
_citation.book_id_ISBN              ? 
_citation.book_publisher            ? 
_citation.book_publisher_city       ? 
_citation.book_title                ? 
_citation.coordinate_linkage        ? 
_citation.country                   US 
_citation.database_id_Medline       ? 
_citation.details                   ? 
_citation.id                        primary 
_citation.journal_abbrev            J.Biol.Chem. 
_citation.journal_id_ASTM           JBCHA3 
_citation.journal_id_CSD            0071 
_citation.journal_id_ISSN           1083-351X 
_citation.journal_full              ? 
_citation.journal_issue             ? 
_citation.journal_volume            294 
_citation.language                  ? 
_citation.page_first                10998 
_citation.page_last                 11010 
_citation.title                     
'Crystal structure of a Y-box binding protein 1 (YB-1)-RNA complex reveals key features and residues interacting with RNA.' 
_citation.year                      2019 
_citation.database_id_CSD           ? 
_citation.pdbx_database_id_DOI      10.1074/jbc.RA119.007545 
_citation.pdbx_database_id_PubMed   31160337 
_citation.unpublished_flag          ? 
# 
loop_
_citation_author.citation_id 
_citation_author.name 
_citation_author.ordinal 
_citation_author.identifier_ORCID 
primary 'Yang, X.J.' 1 ?                   
primary 'Zhu, H.'    2 ?                   
primary 'Mu, S.R.'   3 ?                   
primary 'Wei, W.J.'  4 ?                   
primary 'Yuan, X.'   5 ?                   
primary 'Wang, M.'   6 ?                   
primary 'Liu, Y.'    7 0000-0002-6647-8491 
primary 'Hui, J.'    8 0000-0002-1999-4776 
primary 'Huang, Y.'  9 0000-0002-2806-2874 
# 
_cell.angle_alpha                  90.00 
_cell.angle_alpha_esd              ? 
_cell.angle_beta                   90.00 
_cell.angle_beta_esd               ? 
_cell.angle_gamma                  120.00 
_cell.angle_gamma_esd              ? 
_cell.entry_id                     5YTX 
_cell.details                      ? 
_cell.formula_units_Z              ? 
_cell.length_a                     66.512 
_cell.length_a_esd                 ? 
_cell.length_b                     66.512 
_cell.length_b_esd                 ? 
_cell.length_c                     33.633 
_cell.length_c_esd                 ? 
_cell.volume                       ? 
_cell.volume_esd                   ? 
_cell.Z_PDB                        6 
_cell.reciprocal_angle_alpha       ? 
_cell.reciprocal_angle_beta        ? 
_cell.reciprocal_angle_gamma       ? 
_cell.reciprocal_angle_alpha_esd   ? 
_cell.reciprocal_angle_beta_esd    ? 
_cell.reciprocal_angle_gamma_esd   ? 
_cell.reciprocal_length_a          ? 
_cell.reciprocal_length_b          ? 
_cell.reciprocal_length_c          ? 
_cell.reciprocal_length_a_esd      ? 
_cell.reciprocal_length_b_esd      ? 
_cell.reciprocal_length_c_esd      ? 
_cell.pdbx_unique_axis             ? 
# 
_symmetry.entry_id                         5YTX 
_symmetry.cell_setting                     ? 
_symmetry.Int_Tables_number                171 
_symmetry.space_group_name_Hall            ? 
_symmetry.space_group_name_H-M             'P 62' 
_symmetry.pdbx_full_space_group_name_H-M   ? 
# 
loop_
_entity.id 
_entity.type 
_entity.src_method 
_entity.pdbx_description 
_entity.formula_weight 
_entity.pdbx_number_of_molecules 
_entity.pdbx_ec 
_entity.pdbx_mutation 
_entity.pdbx_fragment 
_entity.details 
1 polymer man 'Nuclease-sensitive element-binding protein 1' 8997.026 1  ? ? ? ? 
2 polymer syn 
;RNA (5'-R(P*UP*CP*AP*AP*CP*U)-3')
;
1836.149 1  ? ? ? ? 
3 water   nat water                                          18.015   50 ? ? ? ? 
# 
_entity_name_com.entity_id   1 
_entity_name_com.name        
;CCAAT-binding transcription factor I subunit A,CBF-A,DNA-binding protein B,DBPB,Enhancer factor I subunit A,EFI-A,Y-box transcription factor,Y-box-binding protein 1,YB-1
;
# 
loop_
_entity_poly.entity_id 
_entity_poly.type 
_entity_poly.nstd_linkage 
_entity_poly.nstd_monomer 
_entity_poly.pdbx_seq_one_letter_code 
_entity_poly.pdbx_seq_one_letter_code_can 
_entity_poly.pdbx_strand_id 
_entity_poly.pdbx_target_identifier 
1 'polypeptide(L)'   no no 
;GSGDKKVIATKVLGTVKWFNVRNGYGFINRNDTKEDVFVHQTAIKKNNPRKYLRSVGDGETVEFDVVEGEKGAEAANVTG
PGG
;
;GSGDKKVIATKVLGTVKWFNVRNGYGFINRNDTKEDVFVHQTAIKKNNPRKYLRSVGDGETVEFDVVEGEKGAEAANVTG
PGG
;
A ? 
2 polyribonucleotide no no UCAACU                                                                                 UCAACU B ? 
# 
loop_
_entity_poly_seq.entity_id 
_entity_poly_seq.num 
_entity_poly_seq.mon_id 
_entity_poly_seq.hetero 
1 1  GLY n 
1 2  SER n 
1 3  GLY n 
1 4  ASP n 
1 5  LYS n 
1 6  LYS n 
1 7  VAL n 
1 8  ILE n 
1 9  ALA n 
1 10 THR n 
1 11 LYS n 
1 12 VAL n 
1 13 LEU n 
1 14 GLY n 
1 15 THR n 
1 16 VAL n 
1 17 LYS n 
1 18 TRP n 
1 19 PHE n 
1 20 ASN n 
1 21 VAL n 
1 22 ARG n 
1 23 ASN n 
1 24 GLY n 
1 25 TYR n 
1 26 GLY n 
1 27 PHE n 
1 28 ILE n 
1 29 ASN n 
1 30 ARG n 
1 31 ASN n 
1 32 ASP n 
1 33 THR n 
1 34 LYS n 
1 35 GLU n 
1 36 ASP n 
1 37 VAL n 
1 38 PHE n 
1 39 VAL n 
1 40 HIS n 
1 41 GLN n 
1 42 THR n 
1 43 ALA n 
1 44 ILE n 
1 45 LYS n 
1 46 LYS n 
1 47 ASN n 
1 48 ASN n 
1 49 PRO n 
1 50 ARG n 
1 51 LYS n 
1 52 TYR n 
1 53 LEU n 
1 54 ARG n 
1 55 SER n 
1 56 VAL n 
1 57 GLY n 
1 58 ASP n 
1 59 GLY n 
1 60 GLU n 
1 61 THR n 
1 62 VAL n 
1 63 GLU n 
1 64 PHE n 
1 65 ASP n 
1 66 VAL n 
1 67 VAL n 
1 68 GLU n 
1 69 GLY n 
1 70 GLU n 
1 71 LYS n 
1 72 GLY n 
1 73 ALA n 
1 74 GLU n 
1 75 ALA n 
1 76 ALA n 
1 77 ASN n 
1 78 VAL n 
1 79 THR n 
1 80 GLY n 
1 81 PRO n 
1 82 GLY n 
1 83 GLY n 
2 1  U   n 
2 2  C   n 
2 3  A   n 
2 4  A   n 
2 5  C   n 
2 6  U   n 
# 
_entity_src_gen.entity_id                          1 
_entity_src_gen.pdbx_src_id                        1 
_entity_src_gen.pdbx_alt_source_flag               sample 
_entity_src_gen.pdbx_seq_type                      'Biological sequence' 
_entity_src_gen.pdbx_beg_seq_num                   1 
_entity_src_gen.pdbx_end_seq_num                   83 
_entity_src_gen.gene_src_common_name               Human 
_entity_src_gen.gene_src_genus                     ? 
_entity_src_gen.pdbx_gene_src_gene                 'YBX1, NSEP1, YB1' 
_entity_src_gen.gene_src_species                   ? 
_entity_src_gen.gene_src_strain                    ? 
_entity_src_gen.gene_src_tissue                    ? 
_entity_src_gen.gene_src_tissue_fraction           ? 
_entity_src_gen.gene_src_details                   ? 
_entity_src_gen.pdbx_gene_src_fragment             ? 
_entity_src_gen.pdbx_gene_src_scientific_name      'Homo sapiens' 
_entity_src_gen.pdbx_gene_src_ncbi_taxonomy_id     9606 
_entity_src_gen.pdbx_gene_src_variant              ? 
_entity_src_gen.pdbx_gene_src_cell_line            ? 
_entity_src_gen.pdbx_gene_src_atcc                 ? 
_entity_src_gen.pdbx_gene_src_organ                ? 
_entity_src_gen.pdbx_gene_src_organelle            ? 
_entity_src_gen.pdbx_gene_src_cell                 ? 
_entity_src_gen.pdbx_gene_src_cellular_location    ? 
_entity_src_gen.host_org_common_name               ? 
_entity_src_gen.pdbx_host_org_scientific_name      'Escherichia coli' 
_entity_src_gen.pdbx_host_org_ncbi_taxonomy_id     562 
_entity_src_gen.host_org_genus                     ? 
_entity_src_gen.pdbx_host_org_gene                 ? 
_entity_src_gen.pdbx_host_org_organ                ? 
_entity_src_gen.host_org_species                   ? 
_entity_src_gen.pdbx_host_org_tissue               ? 
_entity_src_gen.pdbx_host_org_tissue_fraction      ? 
_entity_src_gen.pdbx_host_org_strain               ? 
_entity_src_gen.pdbx_host_org_variant              ? 
_entity_src_gen.pdbx_host_org_cell_line            ? 
_entity_src_gen.pdbx_host_org_atcc                 ? 
_entity_src_gen.pdbx_host_org_culture_collection   ? 
_entity_src_gen.pdbx_host_org_cell                 ? 
_entity_src_gen.pdbx_host_org_organelle            ? 
_entity_src_gen.pdbx_host_org_cellular_location    ? 
_entity_src_gen.pdbx_host_org_vector_type          ? 
_entity_src_gen.pdbx_host_org_vector               ? 
_entity_src_gen.host_org_details                   ? 
_entity_src_gen.expression_system_id               ? 
_entity_src_gen.plasmid_name                       ? 
_entity_src_gen.plasmid_details                    ? 
_entity_src_gen.pdbx_description                   ? 
# 
_pdbx_entity_src_syn.entity_id              2 
_pdbx_entity_src_syn.pdbx_src_id            1 
_pdbx_entity_src_syn.pdbx_alt_source_flag   sample 
_pdbx_entity_src_syn.pdbx_beg_seq_num       1 
_pdbx_entity_src_syn.pdbx_end_seq_num       6 
_pdbx_entity_src_syn.organism_scientific    'synthetic construct' 
_pdbx_entity_src_syn.organism_common_name   ? 
_pdbx_entity_src_syn.ncbi_taxonomy_id       32630 
_pdbx_entity_src_syn.details                ? 
# 
loop_
_struct_ref.id 
_struct_ref.db_name 
_struct_ref.db_code 
_struct_ref.pdbx_db_accession 
_struct_ref.pdbx_db_isoform 
_struct_ref.entity_id 
_struct_ref.pdbx_seq_one_letter_code 
_struct_ref.pdbx_align_begin 
1 UNP YBOX1_HUMAN P67809 ? 1 
;GDKKVIATKVLGTVKWFNVRNGYGFINRNDTKEDVFVHQTAIKKNNPRKYLRSVGDGETVEFDVVEGEKGAEAANVTGPG
G
;
50 
2 PDB 5YTX        5YTX   ? 2 ?                                                                                    1  
# 
loop_
_struct_ref_seq.align_id 
_struct_ref_seq.ref_id 
_struct_ref_seq.pdbx_PDB_id_code 
_struct_ref_seq.pdbx_strand_id 
_struct_ref_seq.seq_align_beg 
_struct_ref_seq.pdbx_seq_align_beg_ins_code 
_struct_ref_seq.seq_align_end 
_struct_ref_seq.pdbx_seq_align_end_ins_code 
_struct_ref_seq.pdbx_db_accession 
_struct_ref_seq.db_align_beg 
_struct_ref_seq.pdbx_db_align_beg_ins_code 
_struct_ref_seq.db_align_end 
_struct_ref_seq.pdbx_db_align_end_ins_code 
_struct_ref_seq.pdbx_auth_seq_align_beg 
_struct_ref_seq.pdbx_auth_seq_align_end 
1 1 5YTX A 3 ? 83 ? P67809 50 ? 130 ? 50 130 
2 2 5YTX B 1 ? 6  ? 5YTX   1  ? 6   ? 1  6   
# 
loop_
_struct_ref_seq_dif.align_id 
_struct_ref_seq_dif.pdbx_pdb_id_code 
_struct_ref_seq_dif.mon_id 
_struct_ref_seq_dif.pdbx_pdb_strand_id 
_struct_ref_seq_dif.seq_num 
_struct_ref_seq_dif.pdbx_pdb_ins_code 
_struct_ref_seq_dif.pdbx_seq_db_name 
_struct_ref_seq_dif.pdbx_seq_db_accession_code 
_struct_ref_seq_dif.db_mon_id 
_struct_ref_seq_dif.pdbx_seq_db_seq_num 
_struct_ref_seq_dif.details 
_struct_ref_seq_dif.pdbx_auth_seq_num 
_struct_ref_seq_dif.pdbx_ordinal 
1 5YTX GLY A 1 ? UNP P67809 ? ? 'expression tag' 48 1 
1 5YTX SER A 2 ? UNP P67809 ? ? 'expression tag' 49 2 
# 
loop_
_chem_comp.id 
_chem_comp.type 
_chem_comp.mon_nstd_flag 
_chem_comp.name 
_chem_comp.pdbx_synonyms 
_chem_comp.formula 
_chem_comp.formula_weight 
A   'RNA linking'       y "ADENOSINE-5'-MONOPHOSPHATE" ? 'C10 H14 N5 O7 P' 347.221 
ALA 'L-peptide linking' y ALANINE                      ? 'C3 H7 N O2'      89.093  
ARG 'L-peptide linking' y ARGININE                     ? 'C6 H15 N4 O2 1'  175.209 
ASN 'L-peptide linking' y ASPARAGINE                   ? 'C4 H8 N2 O3'     132.118 
ASP 'L-peptide linking' y 'ASPARTIC ACID'              ? 'C4 H7 N O4'      133.103 
C   'RNA linking'       y "CYTIDINE-5'-MONOPHOSPHATE"  ? 'C9 H14 N3 O8 P'  323.197 
GLN 'L-peptide linking' y GLUTAMINE                    ? 'C5 H10 N2 O3'    146.144 
GLU 'L-peptide linking' y 'GLUTAMIC ACID'              ? 'C5 H9 N O4'      147.129 
GLY 'peptide linking'   y GLYCINE                      ? 'C2 H5 N O2'      75.067  
HIS 'L-peptide linking' y HISTIDINE                    ? 'C6 H10 N3 O2 1'  156.162 
HOH non-polymer         . WATER                        ? 'H2 O'            18.015  
ILE 'L-peptide linking' y ISOLEUCINE                   ? 'C6 H13 N O2'     131.173 
LEU 'L-peptide linking' y LEUCINE                      ? 'C6 H13 N O2'     131.173 
LYS 'L-peptide linking' y LYSINE                       ? 'C6 H15 N2 O2 1'  147.195 
PHE 'L-peptide linking' y PHENYLALANINE                ? 'C9 H11 N O2'     165.189 
PRO 'L-peptide linking' y PROLINE                      ? 'C5 H9 N O2'      115.130 
SER 'L-peptide linking' y SERINE                       ? 'C3 H7 N O3'      105.093 
THR 'L-peptide linking' y THREONINE                    ? 'C4 H9 N O3'      119.119 
TRP 'L-peptide linking' y TRYPTOPHAN                   ? 'C11 H12 N2 O2'   204.225 
TYR 'L-peptide linking' y TYROSINE                     ? 'C9 H11 N O3'     181.189 
U   'RNA linking'       y "URIDINE-5'-MONOPHOSPHATE"   ? 'C9 H13 N2 O9 P'  324.181 
VAL 'L-peptide linking' y VALINE                       ? 'C5 H11 N O2'     117.146 
# 
_exptl.absorpt_coefficient_mu     ? 
_exptl.absorpt_correction_T_max   ? 
_exptl.absorpt_correction_T_min   ? 
_exptl.absorpt_correction_type    ? 
_exptl.absorpt_process_details    ? 
_exptl.entry_id                   5YTX 
_exptl.crystals_number            1 
_exptl.details                    ? 
_exptl.method                     'X-RAY DIFFRACTION' 
_exptl.method_details             ? 
# 
_exptl_crystal.colour                      ? 
_exptl_crystal.density_diffrn              ? 
_exptl_crystal.density_Matthews            1.98 
_exptl_crystal.density_method              ? 
_exptl_crystal.density_percent_sol         37.95 
_exptl_crystal.description                 ? 
_exptl_crystal.F_000                       ? 
_exptl_crystal.id                          1 
_exptl_crystal.preparation                 ? 
_exptl_crystal.size_max                    ? 
_exptl_crystal.size_mid                    ? 
_exptl_crystal.size_min                    ? 
_exptl_crystal.size_rad                    ? 
_exptl_crystal.colour_lustre               ? 
_exptl_crystal.colour_modifier             ? 
_exptl_crystal.colour_primary              ? 
_exptl_crystal.density_meas                ? 
_exptl_crystal.density_meas_esd            ? 
_exptl_crystal.density_meas_gt             ? 
_exptl_crystal.density_meas_lt             ? 
_exptl_crystal.density_meas_temp           ? 
_exptl_crystal.density_meas_temp_esd       ? 
_exptl_crystal.density_meas_temp_gt        ? 
_exptl_crystal.density_meas_temp_lt        ? 
_exptl_crystal.pdbx_crystal_image_url      ? 
_exptl_crystal.pdbx_crystal_image_format   ? 
_exptl_crystal.pdbx_mosaicity              ? 
_exptl_crystal.pdbx_mosaicity_esd          ? 
# 
_exptl_crystal_grow.apparatus       ? 
_exptl_crystal_grow.atmosphere      ? 
_exptl_crystal_grow.crystal_id      1 
_exptl_crystal_grow.details         ? 
_exptl_crystal_grow.method          'VAPOR DIFFUSION, HANGING DROP' 
_exptl_crystal_grow.method_ref      ? 
_exptl_crystal_grow.pH              ? 
_exptl_crystal_grow.pressure        ? 
_exptl_crystal_grow.pressure_esd    ? 
_exptl_crystal_grow.seeding         ? 
_exptl_crystal_grow.seeding_ref     ? 
_exptl_crystal_grow.temp            290 
_exptl_crystal_grow.temp_details    ? 
_exptl_crystal_grow.temp_esd        ? 
_exptl_crystal_grow.time            ? 
_exptl_crystal_grow.pdbx_details    '30 % (v/v) 2-methyl-2,4-pentanediol, 0.1 M sodium acetate, pH 4.5, 25 % (w/v) PEG 1500' 
_exptl_crystal_grow.pdbx_pH_range   ? 
# 
_diffrn.ambient_environment    ? 
_diffrn.ambient_temp           100 
_diffrn.ambient_temp_details   ? 
_diffrn.ambient_temp_esd       ? 
_diffrn.crystal_id             1 
_diffrn.crystal_support        ? 
_diffrn.crystal_treatment      ? 
_diffrn.details                ? 
_diffrn.id                     1 
_diffrn.ambient_pressure       ? 
_diffrn.ambient_pressure_esd   ? 
_diffrn.ambient_pressure_gt    ? 
_diffrn.ambient_pressure_lt    ? 
_diffrn.ambient_temp_gt        ? 
_diffrn.ambient_temp_lt        ? 
# 
_diffrn_detector.details                      ? 
_diffrn_detector.detector                     CCD 
_diffrn_detector.diffrn_id                    1 
_diffrn_detector.type                         'ADSC QUANTUM 315' 
_diffrn_detector.area_resol_mean              ? 
_diffrn_detector.dtime                        ? 
_diffrn_detector.pdbx_frames_total            ? 
_diffrn_detector.pdbx_collection_time_total   ? 
_diffrn_detector.pdbx_collection_date         2014-12-21 
# 
_diffrn_radiation.collimation                      ? 
_diffrn_radiation.diffrn_id                        1 
_diffrn_radiation.filter_edge                      ? 
_diffrn_radiation.inhomogeneity                    ? 
_diffrn_radiation.monochromator                    ? 
_diffrn_radiation.polarisn_norm                    ? 
_diffrn_radiation.polarisn_ratio                   ? 
_diffrn_radiation.probe                            ? 
_diffrn_radiation.type                             ? 
_diffrn_radiation.xray_symbol                      ? 
_diffrn_radiation.wavelength_id                    1 
_diffrn_radiation.pdbx_monochromatic_or_laue_m_l   M 
_diffrn_radiation.pdbx_wavelength_list             ? 
_diffrn_radiation.pdbx_wavelength                  ? 
_diffrn_radiation.pdbx_diffrn_protocol             'SINGLE WAVELENGTH' 
_diffrn_radiation.pdbx_analyzer                    ? 
_diffrn_radiation.pdbx_scattering_type             x-ray 
# 
_diffrn_radiation_wavelength.id           1 
_diffrn_radiation_wavelength.wavelength   0.97915 
_diffrn_radiation_wavelength.wt           1.0 
# 
_diffrn_source.current                     ? 
_diffrn_source.details                     ? 
_diffrn_source.diffrn_id                   1 
_diffrn_source.power                       ? 
_diffrn_source.size                        ? 
_diffrn_source.source                      SYNCHROTRON 
_diffrn_source.target                      ? 
_diffrn_source.type                        'SSRF BEAMLINE BL19U1' 
_diffrn_source.voltage                     ? 
_diffrn_source.take-off_angle              ? 
_diffrn_source.pdbx_wavelength_list        0.97915 
_diffrn_source.pdbx_wavelength             ? 
_diffrn_source.pdbx_synchrotron_beamline   BL19U1 
_diffrn_source.pdbx_synchrotron_site       SSRF 
# 
_reflns.B_iso_Wilson_estimate            ? 
_reflns.entry_id                         5YTX 
_reflns.data_reduction_details           ? 
_reflns.data_reduction_method            ? 
_reflns.d_resolution_high                1.55 
_reflns.d_resolution_low                 30 
_reflns.details                          ? 
_reflns.limit_h_max                      ? 
_reflns.limit_h_min                      ? 
_reflns.limit_k_max                      ? 
_reflns.limit_k_min                      ? 
_reflns.limit_l_max                      ? 
_reflns.limit_l_min                      ? 
_reflns.number_all                       ? 
_reflns.number_obs                       12349 
_reflns.observed_criterion               ? 
_reflns.observed_criterion_F_max         ? 
_reflns.observed_criterion_F_min         ? 
_reflns.observed_criterion_I_max         ? 
_reflns.observed_criterion_I_min         ? 
_reflns.observed_criterion_sigma_F       ? 
_reflns.observed_criterion_sigma_I       ? 
_reflns.percent_possible_obs             98.9 
_reflns.R_free_details                   ? 
_reflns.Rmerge_F_all                     ? 
_reflns.Rmerge_F_obs                     ? 
_reflns.Friedel_coverage                 ? 
_reflns.number_gt                        ? 
_reflns.threshold_expression             ? 
_reflns.pdbx_redundancy                  6.0 
_reflns.pdbx_Rmerge_I_obs                ? 
_reflns.pdbx_Rmerge_I_all                ? 
_reflns.pdbx_Rsym_value                  ? 
_reflns.pdbx_netI_over_av_sigmaI         ? 
_reflns.pdbx_netI_over_sigmaI            35.4 
_reflns.pdbx_res_netI_over_av_sigmaI_2   ? 
_reflns.pdbx_res_netI_over_sigmaI_2      ? 
_reflns.pdbx_chi_squared                 ? 
_reflns.pdbx_scaling_rejects             ? 
_reflns.pdbx_d_res_high_opt              ? 
_reflns.pdbx_d_res_low_opt               ? 
_reflns.pdbx_d_res_opt_method            ? 
_reflns.phase_calculation_details        ? 
_reflns.pdbx_Rrim_I_all                  ? 
_reflns.pdbx_Rpim_I_all                  ? 
_reflns.pdbx_d_opt                       ? 
_reflns.pdbx_number_measured_all         ? 
_reflns.pdbx_diffrn_id                   1 
_reflns.pdbx_ordinal                     1 
_reflns.pdbx_CC_half                     ? 
_reflns.pdbx_R_split                     ? 
# 
_reflns_shell.d_res_high                  1.55 
_reflns_shell.d_res_low                   1.61 
_reflns_shell.meanI_over_sigI_all         ? 
_reflns_shell.meanI_over_sigI_obs         ? 
_reflns_shell.number_measured_all         ? 
_reflns_shell.number_measured_obs         ? 
_reflns_shell.number_possible             ? 
_reflns_shell.number_unique_all           ? 
_reflns_shell.number_unique_obs           ? 
_reflns_shell.percent_possible_all        ? 
_reflns_shell.percent_possible_obs        ? 
_reflns_shell.Rmerge_F_all                ? 
_reflns_shell.Rmerge_F_obs                ? 
_reflns_shell.Rmerge_I_all                ? 
_reflns_shell.Rmerge_I_obs                ? 
_reflns_shell.meanI_over_sigI_gt          ? 
_reflns_shell.meanI_over_uI_all           ? 
_reflns_shell.meanI_over_uI_gt            ? 
_reflns_shell.number_measured_gt          ? 
_reflns_shell.number_unique_gt            ? 
_reflns_shell.percent_possible_gt         ? 
_reflns_shell.Rmerge_F_gt                 ? 
_reflns_shell.Rmerge_I_gt                 ? 
_reflns_shell.pdbx_redundancy             ? 
_reflns_shell.pdbx_Rsym_value             ? 
_reflns_shell.pdbx_chi_squared            ? 
_reflns_shell.pdbx_netI_over_sigmaI_all   ? 
_reflns_shell.pdbx_netI_over_sigmaI_obs   ? 
_reflns_shell.pdbx_Rrim_I_all             ? 
_reflns_shell.pdbx_Rpim_I_all             ? 
_reflns_shell.pdbx_rejects                ? 
_reflns_shell.pdbx_ordinal                1 
_reflns_shell.pdbx_diffrn_id              1 
_reflns_shell.pdbx_CC_half                ? 
_reflns_shell.pdbx_R_split                ? 
# 
_refine.aniso_B[1][1]                            ? 
_refine.aniso_B[1][2]                            ? 
_refine.aniso_B[1][3]                            ? 
_refine.aniso_B[2][2]                            ? 
_refine.aniso_B[2][3]                            ? 
_refine.aniso_B[3][3]                            ? 
_refine.B_iso_max                                ? 
_refine.B_iso_mean                               ? 
_refine.B_iso_min                                ? 
_refine.correlation_coeff_Fo_to_Fc               ? 
_refine.correlation_coeff_Fo_to_Fc_free          ? 
_refine.details                                  ? 
_refine.diff_density_max                         ? 
_refine.diff_density_max_esd                     ? 
_refine.diff_density_min                         ? 
_refine.diff_density_min_esd                     ? 
_refine.diff_density_rms                         ? 
_refine.diff_density_rms_esd                     ? 
_refine.entry_id                                 5YTX 
_refine.pdbx_refine_id                           'X-RAY DIFFRACTION' 
_refine.ls_abs_structure_details                 ? 
_refine.ls_abs_structure_Flack                   ? 
_refine.ls_abs_structure_Flack_esd               ? 
_refine.ls_abs_structure_Rogers                  ? 
_refine.ls_abs_structure_Rogers_esd              ? 
_refine.ls_d_res_high                            1.551 
_refine.ls_d_res_low                             28.801 
_refine.ls_extinction_coef                       ? 
_refine.ls_extinction_coef_esd                   ? 
_refine.ls_extinction_expression                 ? 
_refine.ls_extinction_method                     ? 
_refine.ls_goodness_of_fit_all                   ? 
_refine.ls_goodness_of_fit_all_esd               ? 
_refine.ls_goodness_of_fit_obs                   ? 
_refine.ls_goodness_of_fit_obs_esd               ? 
_refine.ls_hydrogen_treatment                    ? 
_refine.ls_matrix_type                           ? 
_refine.ls_number_constraints                    ? 
_refine.ls_number_parameters                     ? 
_refine.ls_number_reflns_all                     ? 
_refine.ls_number_reflns_obs                     12345 
_refine.ls_number_reflns_R_free                  1213 
_refine.ls_number_reflns_R_work                  ? 
_refine.ls_number_restraints                     ? 
_refine.ls_percent_reflns_obs                    99.01 
_refine.ls_percent_reflns_R_free                 9.83 
_refine.ls_R_factor_all                          ? 
_refine.ls_R_factor_obs                          0.2041 
_refine.ls_R_factor_R_free                       0.2404 
_refine.ls_R_factor_R_free_error                 ? 
_refine.ls_R_factor_R_free_error_details         ? 
_refine.ls_R_factor_R_work                       0.2003 
_refine.ls_R_Fsqd_factor_obs                     ? 
_refine.ls_R_I_factor_obs                        ? 
_refine.ls_redundancy_reflns_all                 ? 
_refine.ls_redundancy_reflns_obs                 ? 
_refine.ls_restrained_S_all                      ? 
_refine.ls_restrained_S_obs                      ? 
_refine.ls_shift_over_esd_max                    ? 
_refine.ls_shift_over_esd_mean                   ? 
_refine.ls_structure_factor_coef                 ? 
_refine.ls_weighting_details                     ? 
_refine.ls_weighting_scheme                      ? 
_refine.ls_wR_factor_all                         ? 
_refine.ls_wR_factor_obs                         ? 
_refine.ls_wR_factor_R_free                      ? 
_refine.ls_wR_factor_R_work                      ? 
_refine.occupancy_max                            ? 
_refine.occupancy_min                            ? 
_refine.solvent_model_details                    ? 
_refine.solvent_model_param_bsol                 ? 
_refine.solvent_model_param_ksol                 ? 
_refine.ls_R_factor_gt                           ? 
_refine.ls_goodness_of_fit_gt                    ? 
_refine.ls_goodness_of_fit_ref                   ? 
_refine.ls_shift_over_su_max                     ? 
_refine.ls_shift_over_su_max_lt                  ? 
_refine.ls_shift_over_su_mean                    ? 
_refine.ls_shift_over_su_mean_lt                 ? 
_refine.pdbx_ls_sigma_I                          ? 
_refine.pdbx_ls_sigma_F                          1.40 
_refine.pdbx_ls_sigma_Fsqd                       ? 
_refine.pdbx_data_cutoff_high_absF               ? 
_refine.pdbx_data_cutoff_high_rms_absF           ? 
_refine.pdbx_data_cutoff_low_absF                ? 
_refine.pdbx_isotropic_thermal_model             ? 
_refine.pdbx_ls_cross_valid_method               'FREE R-VALUE' 
_refine.pdbx_method_to_determine_struct          'MOLECULAR REPLACEMENT' 
_refine.pdbx_starting_model                      3PF5 
_refine.pdbx_stereochemistry_target_values       ? 
_refine.pdbx_R_Free_selection_details            ? 
_refine.pdbx_stereochem_target_val_spec_case     ? 
_refine.pdbx_overall_ESU_R                       ? 
_refine.pdbx_overall_ESU_R_Free                  ? 
_refine.pdbx_solvent_vdw_probe_radii             1.11 
_refine.pdbx_solvent_ion_probe_radii             ? 
_refine.pdbx_solvent_shrinkage_radii             0.90 
_refine.pdbx_real_space_R                        ? 
_refine.pdbx_density_correlation                 ? 
_refine.pdbx_pd_number_of_powder_patterns        ? 
_refine.pdbx_pd_number_of_points                 ? 
_refine.pdbx_pd_meas_number_of_points            ? 
_refine.pdbx_pd_proc_ls_prof_R_factor            ? 
_refine.pdbx_pd_proc_ls_prof_wR_factor           ? 
_refine.pdbx_pd_Marquardt_correlation_coeff      ? 
_refine.pdbx_pd_Fsqrd_R_factor                   ? 
_refine.pdbx_pd_ls_matrix_band_width             ? 
_refine.pdbx_overall_phase_error                 26.31 
_refine.pdbx_overall_SU_R_free_Cruickshank_DPI   ? 
_refine.pdbx_overall_SU_R_free_Blow_DPI          ? 
_refine.pdbx_overall_SU_R_Blow_DPI               ? 
_refine.pdbx_TLS_residual_ADP_flag               ? 
_refine.pdbx_diffrn_id                           1 
_refine.overall_SU_B                             ? 
_refine.overall_SU_ML                            0.22 
_refine.overall_SU_R_Cruickshank_DPI             ? 
_refine.overall_SU_R_free                        ? 
_refine.overall_FOM_free_R_set                   ? 
_refine.overall_FOM_work_R_set                   ? 
_refine.pdbx_average_fsc_overall                 ? 
_refine.pdbx_average_fsc_work                    ? 
_refine.pdbx_average_fsc_free                    ? 
# 
_refine_hist.pdbx_refine_id                   'X-RAY DIFFRACTION' 
_refine_hist.cycle_id                         LAST 
_refine_hist.pdbx_number_atoms_protein        574 
_refine_hist.pdbx_number_atoms_nucleic_acid   84 
_refine_hist.pdbx_number_atoms_ligand         0 
_refine_hist.number_atoms_solvent             50 
_refine_hist.number_atoms_total               708 
_refine_hist.d_res_high                       1.551 
_refine_hist.d_res_low                        28.801 
# 
loop_
_refine_ls_restr.pdbx_refine_id 
_refine_ls_restr.criterion 
_refine_ls_restr.dev_ideal 
_refine_ls_restr.dev_ideal_target 
_refine_ls_restr.number 
_refine_ls_restr.rejects 
_refine_ls_restr.type 
_refine_ls_restr.weight 
_refine_ls_restr.pdbx_restraint_function 
'X-RAY DIFFRACTION' ? 0.006  ? 698 ? f_bond_d           ? ? 
'X-RAY DIFFRACTION' ? 0.919  ? 962 ? f_angle_d          ? ? 
'X-RAY DIFFRACTION' ? 11.942 ? 271 ? f_dihedral_angle_d ? ? 
'X-RAY DIFFRACTION' ? 0.037  ? 114 ? f_chiral_restr     ? ? 
'X-RAY DIFFRACTION' ? 0.004  ? 109 ? f_plane_restr      ? ? 
# 
loop_
_refine_ls_shell.pdbx_refine_id 
_refine_ls_shell.d_res_high 
_refine_ls_shell.d_res_low 
_refine_ls_shell.number_reflns_all 
_refine_ls_shell.number_reflns_obs 
_refine_ls_shell.number_reflns_R_free 
_refine_ls_shell.number_reflns_R_work 
_refine_ls_shell.percent_reflns_obs 
_refine_ls_shell.percent_reflns_R_free 
_refine_ls_shell.R_factor_all 
_refine_ls_shell.R_factor_obs 
_refine_ls_shell.R_factor_R_free 
_refine_ls_shell.R_factor_R_free_error 
_refine_ls_shell.R_factor_R_work 
_refine_ls_shell.redundancy_reflns_all 
_refine_ls_shell.redundancy_reflns_obs 
_refine_ls_shell.wR_factor_all 
_refine_ls_shell.wR_factor_obs 
_refine_ls_shell.wR_factor_R_free 
_refine_ls_shell.wR_factor_R_work 
_refine_ls_shell.pdbx_total_number_of_bins_used 
_refine_ls_shell.pdbx_phase_error 
_refine_ls_shell.pdbx_fsc_work 
_refine_ls_shell.pdbx_fsc_free 
'X-RAY DIFFRACTION' 1.5508 1.6128  . . 133 1213 99.00  . . . 0.3657 . 0.3269 . . . . . . . . . . 
'X-RAY DIFFRACTION' 1.6128 1.6862  . . 142 1238 100.00 . . . 0.3416 . 0.3002 . . . . . . . . . . 
'X-RAY DIFFRACTION' 1.6862 1.7751  . . 135 1243 100.00 . . . 0.2980 . 0.2605 . . . . . . . . . . 
'X-RAY DIFFRACTION' 1.7751 1.8863  . . 137 1207 99.00  . . . 0.2510 . 0.2044 . . . . . . . . . . 
'X-RAY DIFFRACTION' 1.8863 2.0319  . . 132 1238 99.00  . . . 0.2343 . 0.1912 . . . . . . . . . . 
'X-RAY DIFFRACTION' 2.0319 2.2363  . . 131 1247 99.00  . . . 0.2289 . 0.1745 . . . . . . . . . . 
'X-RAY DIFFRACTION' 2.2363 2.5598  . . 136 1253 99.00  . . . 0.2198 . 0.1862 . . . . . . . . . . 
'X-RAY DIFFRACTION' 2.5598 3.2244  . . 129 1237 99.00  . . . 0.2538 . 0.2044 . . . . . . . . . . 
'X-RAY DIFFRACTION' 3.2244 28.8055 . . 138 1256 97.00  . . . 0.2156 . 0.1830 . . . . . . . . . . 
# 
_struct.entry_id                     5YTX 
_struct.title                        'Crystal structure of YB1 cold-shock domain in complex with UCAACU' 
_struct.pdbx_model_details           ? 
_struct.pdbx_formula_weight          ? 
_struct.pdbx_formula_weight_method   ? 
_struct.pdbx_model_type_details      ? 
_struct.pdbx_CASP_flag               N 
# 
_struct_keywords.entry_id        5YTX 
_struct_keywords.text            'YB1, cold-shock domain, CAAC, RNA BINDING PROTEIN, RNA BINDING PROTEIN-RNA complex' 
_struct_keywords.pdbx_keywords   'RNA BINDING PROTEIN/RNA' 
# 
loop_
_struct_asym.id 
_struct_asym.pdbx_blank_PDB_chainid_flag 
_struct_asym.pdbx_modified 
_struct_asym.entity_id 
_struct_asym.details 
A N N 1 ? 
B N N 2 ? 
C N N 3 ? 
D N N 3 ? 
# 
_struct_conf.conf_type_id            HELX_P 
_struct_conf.id                      HELX_P1 
_struct_conf.pdbx_PDB_helix_id       AA1 
_struct_conf.beg_label_comp_id       THR 
_struct_conf.beg_label_asym_id       A 
_struct_conf.beg_label_seq_id        42 
_struct_conf.pdbx_beg_PDB_ins_code   ? 
_struct_conf.end_label_comp_id       ILE 
_struct_conf.end_label_asym_id       A 
_struct_conf.end_label_seq_id        44 
_struct_conf.pdbx_end_PDB_ins_code   ? 
_struct_conf.beg_auth_comp_id        THR 
_struct_conf.beg_auth_asym_id        A 
_struct_conf.beg_auth_seq_id         89 
_struct_conf.end_auth_comp_id        ILE 
_struct_conf.end_auth_asym_id        A 
_struct_conf.end_auth_seq_id         91 
_struct_conf.pdbx_PDB_helix_class    5 
_struct_conf.details                 ? 
_struct_conf.pdbx_PDB_helix_length   3 
# 
_struct_conf_type.id          HELX_P 
_struct_conf_type.criteria    ? 
_struct_conf_type.reference   ? 
# 
_struct_sheet.id               AA1 
_struct_sheet.type             ? 
_struct_sheet.number_strands   6 
_struct_sheet.details          ? 
# 
loop_
_struct_sheet_order.sheet_id 
_struct_sheet_order.range_id_1 
_struct_sheet_order.range_id_2 
_struct_sheet_order.offset 
_struct_sheet_order.sense 
AA1 1 2 ? anti-parallel 
AA1 2 3 ? anti-parallel 
AA1 3 4 ? parallel      
AA1 4 5 ? anti-parallel 
AA1 5 6 ? anti-parallel 
# 
loop_
_struct_sheet_range.sheet_id 
_struct_sheet_range.id 
_struct_sheet_range.beg_label_comp_id 
_struct_sheet_range.beg_label_asym_id 
_struct_sheet_range.beg_label_seq_id 
_struct_sheet_range.pdbx_beg_PDB_ins_code 
_struct_sheet_range.end_label_comp_id 
_struct_sheet_range.end_label_asym_id 
_struct_sheet_range.end_label_seq_id 
_struct_sheet_range.pdbx_end_PDB_ins_code 
_struct_sheet_range.beg_auth_comp_id 
_struct_sheet_range.beg_auth_asym_id 
_struct_sheet_range.beg_auth_seq_id 
_struct_sheet_range.end_auth_comp_id 
_struct_sheet_range.end_auth_asym_id 
_struct_sheet_range.end_auth_seq_id 
AA1 1 LYS A 6  ? ASN A 20 ? LYS A 53  ASN A 67  
AA1 2 TYR A 25 ? ARG A 30 ? TYR A 72  ARG A 77  
AA1 3 ASP A 36 ? HIS A 40 ? ASP A 83  HIS A 87  
AA1 4 GLY A 72 ? THR A 79 ? GLY A 119 THR A 126 
AA1 5 THR A 61 ? GLY A 69 ? THR A 108 GLY A 116 
AA1 6 LYS A 6  ? ASN A 20 ? LYS A 53  ASN A 67  
# 
loop_
_pdbx_struct_sheet_hbond.sheet_id 
_pdbx_struct_sheet_hbond.range_id_1 
_pdbx_struct_sheet_hbond.range_id_2 
_pdbx_struct_sheet_hbond.range_1_label_atom_id 
_pdbx_struct_sheet_hbond.range_1_label_comp_id 
_pdbx_struct_sheet_hbond.range_1_label_asym_id 
_pdbx_struct_sheet_hbond.range_1_label_seq_id 
_pdbx_struct_sheet_hbond.range_1_PDB_ins_code 
_pdbx_struct_sheet_hbond.range_1_auth_atom_id 
_pdbx_struct_sheet_hbond.range_1_auth_comp_id 
_pdbx_struct_sheet_hbond.range_1_auth_asym_id 
_pdbx_struct_sheet_hbond.range_1_auth_seq_id 
_pdbx_struct_sheet_hbond.range_2_label_atom_id 
_pdbx_struct_sheet_hbond.range_2_label_comp_id 
_pdbx_struct_sheet_hbond.range_2_label_asym_id 
_pdbx_struct_sheet_hbond.range_2_label_seq_id 
_pdbx_struct_sheet_hbond.range_2_PDB_ins_code 
_pdbx_struct_sheet_hbond.range_2_auth_atom_id 
_pdbx_struct_sheet_hbond.range_2_auth_comp_id 
_pdbx_struct_sheet_hbond.range_2_auth_asym_id 
_pdbx_struct_sheet_hbond.range_2_auth_seq_id 
AA1 1 2 N THR A 15 ? N THR A 62  O ASN A 29 ? O ASN A 76  
AA1 2 3 N ILE A 28 ? N ILE A 75  O VAL A 37 ? O VAL A 84  
AA1 3 4 N PHE A 38 ? N PHE A 85  O ALA A 75 ? O ALA A 122 
AA1 4 5 O ALA A 76 ? O ALA A 123 N ASP A 65 ? N ASP A 112 
AA1 5 6 O VAL A 66 ? O VAL A 113 N ILE A 8  ? N ILE A 55  
# 
_atom_sites.entry_id                    5YTX 
_atom_sites.fract_transf_matrix[1][1]   0.00456205 
_atom_sites.fract_transf_matrix[1][2]   -0.01437404 
_atom_sites.fract_transf_matrix[1][3]   -0.00860048 
_atom_sites.fract_transf_matrix[2][1]   0.01501148 
_atom_sites.fract_transf_matrix[2][2]   -0.00791310 
_atom_sites.fract_transf_matrix[2][3]   0.00366642 
_atom_sites.fract_transf_matrix[3][1]   -0.01375547 
_atom_sites.fract_transf_matrix[3][2]   -0.01661170 
_atom_sites.fract_transf_matrix[3][3]   0.02046679 
_atom_sites.fract_transf_vector[1]      -0.424385 
_atom_sites.fract_transf_vector[2]      -0.145247 
_atom_sites.fract_transf_vector[3]      -1.082322 
# 
loop_
_atom_type.symbol 
C 
N 
O 
P 
# 
loop_
_atom_site.group_PDB 
_atom_site.id 
_atom_site.type_symbol 
_atom_site.label_atom_id 
_atom_site.label_alt_id 
_atom_site.label_comp_id 
_atom_site.label_asym_id 
_atom_site.label_entity_id 
_atom_site.label_seq_id 
_atom_site.pdbx_PDB_ins_code 
_atom_site.Cartn_x 
_atom_site.Cartn_y 
_atom_site.Cartn_z 
_atom_site.occupancy 
_atom_site.B_iso_or_equiv 
_atom_site.pdbx_formal_charge 
_atom_site.auth_seq_id 
_atom_site.auth_comp_id 
_atom_site.auth_asym_id 
_atom_site.auth_atom_id 
_atom_site.pdbx_PDB_model_num 
ATOM   1   N N     . LYS A 1 5  ? -3.426  -8.595  -10.934 1.00 73.42  ? 52  LYS A N     1 
ATOM   2   C CA    . LYS A 1 5  ? -3.428  -7.384  -11.750 1.00 67.95  ? 52  LYS A CA    1 
ATOM   3   C C     . LYS A 1 5  ? -4.822  -6.769  -11.847 1.00 55.73  ? 52  LYS A C     1 
ATOM   4   O O     . LYS A 1 5  ? -4.959  -5.611  -12.237 1.00 55.02  ? 52  LYS A O     1 
ATOM   5   C CB    . LYS A 1 5  ? -2.889  -7.674  -13.154 1.00 73.84  ? 52  LYS A CB    1 
ATOM   6   C CG    . LYS A 1 5  ? -2.004  -8.906  -13.246 1.00 76.17  ? 52  LYS A CG    1 
ATOM   7   C CD    . LYS A 1 5  ? -1.495  -9.126  -14.663 1.00 78.01  ? 52  LYS A CD    1 
ATOM   8   C CE    . LYS A 1 5  ? -2.493  -9.914  -15.499 1.00 85.13  ? 52  LYS A CE    1 
ATOM   9   N NZ    . LYS A 1 5  ? -2.605  -11.328 -15.039 1.00 77.80  ? 52  LYS A NZ    1 
ATOM   10  N N     . LYS A 1 6  ? -5.848  -7.538  -11.483 1.00 46.17  ? 53  LYS A N     1 
ATOM   11  C CA    . LYS A 1 6  ? -7.227  -7.045  -11.509 1.00 37.23  ? 53  LYS A CA    1 
ATOM   12  C C     . LYS A 1 6  ? -7.438  -5.894  -10.523 1.00 33.12  ? 53  LYS A C     1 
ATOM   13  O O     . LYS A 1 6  ? -7.292  -6.061  -9.307  1.00 32.41  ? 53  LYS A O     1 
ATOM   14  C CB    . LYS A 1 6  ? -8.204  -8.177  -11.199 1.00 40.56  ? 53  LYS A CB    1 
ATOM   15  C CG    . LYS A 1 6  ? -9.646  -7.840  -11.487 1.00 44.82  ? 53  LYS A CG    1 
ATOM   16  C CD    . LYS A 1 6  ? -10.494 -9.101  -11.643 1.00 56.33  ? 53  LYS A CD    1 
ATOM   17  C CE    . LYS A 1 6  ? -9.941  -10.005 -12.737 1.00 60.61  ? 53  LYS A CE    1 
ATOM   18  N NZ    . LYS A 1 6  ? -10.721 -11.270 -12.912 1.00 62.67  ? 53  LYS A NZ    1 
ATOM   19  N N     . VAL A 1 7  ? -7.792  -4.729  -11.050 1.00 34.36  ? 54  VAL A N     1 
ATOM   20  C CA    . VAL A 1 7  ? -7.991  -3.556  -10.208 1.00 34.11  ? 54  VAL A CA    1 
ATOM   21  C C     . VAL A 1 7  ? -9.361  -3.593  -9.525  1.00 29.43  ? 54  VAL A C     1 
ATOM   22  O O     . VAL A 1 7  ? -10.404 -3.663  -10.185 1.00 31.54  ? 54  VAL A O     1 
ATOM   23  C CB    . VAL A 1 7  ? -7.846  -2.253  -11.015 1.00 34.25  ? 54  VAL A CB    1 
ATOM   24  C CG1   . VAL A 1 7  ? -7.956  -1.056  -10.099 1.00 33.84  ? 54  VAL A CG1   1 
ATOM   25  C CG2   . VAL A 1 7  ? -6.512  -2.234  -11.747 1.00 38.24  ? 54  VAL A CG2   1 
ATOM   26  N N     . ILE A 1 8  ? -9.338  -3.535  -8.196  1.00 28.35  ? 55  ILE A N     1 
ATOM   27  C CA    A ILE A 1 8  ? -10.551 -3.588  -7.389  0.47 31.81  ? 55  ILE A CA    1 
ATOM   28  C CA    B ILE A 1 8  ? -10.556 -3.593  -7.401  0.53 31.82  ? 55  ILE A CA    1 
ATOM   29  C C     . ILE A 1 8  ? -11.025 -2.188  -7.021  1.00 33.71  ? 55  ILE A C     1 
ATOM   30  O O     . ILE A 1 8  ? -12.227 -1.897  -7.024  1.00 35.93  ? 55  ILE A O     1 
ATOM   31  C CB    A ILE A 1 8  ? -10.325 -4.412  -6.110  0.47 34.69  ? 55  ILE A CB    1 
ATOM   32  C CB    B ILE A 1 8  ? -10.336 -4.443  -6.139  0.53 34.88  ? 55  ILE A CB    1 
ATOM   33  C CG1   A ILE A 1 8  ? -10.144 -5.885  -6.468  0.47 38.09  ? 55  ILE A CG1   1 
ATOM   34  C CG1   B ILE A 1 8  ? -9.942  -5.869  -6.533  0.53 38.41  ? 55  ILE A CG1   1 
ATOM   35  C CG2   A ILE A 1 8  ? -11.483 -4.250  -5.146  0.47 37.15  ? 55  ILE A CG2   1 
ATOM   36  C CG2   B ILE A 1 8  ? -11.575 -4.451  -5.269  0.53 37.35  ? 55  ILE A CG2   1 
ATOM   37  C CD1   A ILE A 1 8  ? -11.265 -6.426  -7.299  0.47 40.84  ? 55  ILE A CD1   1 
ATOM   38  C CD1   B ILE A 1 8  ? -9.410  -6.699  -5.381  0.53 35.77  ? 55  ILE A CD1   1 
ATOM   39  N N     . ALA A 1 9  ? -10.071 -1.319  -6.715  1.00 27.09  ? 56  ALA A N     1 
ATOM   40  C CA    . ALA A 1 9  ? -10.385 0.051   -6.352  1.00 24.92  ? 56  ALA A CA    1 
ATOM   41  C C     . ALA A 1 9  ? -9.252  0.995   -6.745  1.00 26.34  ? 56  ALA A C     1 
ATOM   42  O O     . ALA A 1 9  ? -8.091  0.587   -6.829  1.00 27.46  ? 56  ALA A O     1 
ATOM   43  C CB    . ALA A 1 9  ? -10.678 0.148   -4.858  1.00 29.80  ? 56  ALA A CB    1 
ATOM   44  N N     . THR A 1 10 ? -9.579  2.253   -7.023  1.00 24.77  ? 57  THR A N     1 
ATOM   45  C CA    . THR A 1 10 ? -8.511  3.232   -7.260  1.00 23.22  ? 57  THR A CA    1 
ATOM   46  C C     . THR A 1 10 ? -8.642  4.461   -6.369  1.00 24.59  ? 57  THR A C     1 
ATOM   47  O O     . THR A 1 10 ? -9.733  4.775   -5.877  1.00 26.95  ? 57  THR A O     1 
ATOM   48  C CB    . THR A 1 10 ? -8.469  3.721   -8.727  1.00 29.56  ? 57  THR A CB    1 
ATOM   49  O OG1   . THR A 1 10 ? -9.691  4.395   -9.056  1.00 32.74  ? 57  THR A OG1   1 
ATOM   50  C CG2   . THR A 1 10 ? -8.203  2.579   -9.686  1.00 33.69  ? 57  THR A CG2   1 
ATOM   51  N N     . LYS A 1 11 ? -7.515  5.143   -6.187  1.00 23.23  ? 58  LYS A N     1 
ATOM   52  C CA    . LYS A 1 11 ? -7.448  6.400   -5.446  1.00 26.30  ? 58  LYS A CA    1 
ATOM   53  C C     . LYS A 1 11 ? -7.968  6.223   -4.031  1.00 24.16  ? 58  LYS A C     1 
ATOM   54  O O     . LYS A 1 11 ? -8.703  7.062   -3.505  1.00 28.62  ? 58  LYS A O     1 
ATOM   55  C CB    . LYS A 1 11 ? -8.226  7.498   -6.179  1.00 37.29  ? 58  LYS A CB    1 
ATOM   56  C CG    . LYS A 1 11 ? -7.707  7.764   -7.584  1.00 47.03  ? 58  LYS A CG    1 
ATOM   57  C CD    . LYS A 1 11 ? -8.564  8.784   -8.319  1.00 56.04  ? 58  LYS A CD    1 
ATOM   58  C CE    . LYS A 1 11 ? -8.190  8.861   -9.797  1.00 65.07  ? 58  LYS A CE    1 
ATOM   59  N NZ    . LYS A 1 11 ? -8.431  7.571   -10.511 1.00 69.42  ? 58  LYS A NZ    1 
ATOM   60  N N     . VAL A 1 12 ? -7.583  5.104   -3.433  1.00 20.23  ? 59  VAL A N     1 
ATOM   61  C CA    . VAL A 1 12 ? -7.926  4.775   -2.060  1.00 20.77  ? 59  VAL A CA    1 
ATOM   62  C C     . VAL A 1 12 ? -6.921  5.453   -1.136  1.00 17.85  ? 59  VAL A C     1 
ATOM   63  O O     . VAL A 1 12 ? -5.726  5.451   -1.425  1.00 20.07  ? 59  VAL A O     1 
ATOM   64  C CB    . VAL A 1 12 ? -7.902  3.237   -1.823  1.00 22.29  ? 59  VAL A CB    1 
ATOM   65  C CG1   . VAL A 1 12 ? -8.282  2.905   -0.397  1.00 23.51  ? 59  VAL A CG1   1 
ATOM   66  C CG2   . VAL A 1 12 ? -8.830  2.508   -2.821  1.00 25.35  ? 59  VAL A CG2   1 
ATOM   67  N N     . LEU A 1 13 ? -7.404  6.039   -0.048  1.00 18.92  ? 60  LEU A N     1 
ATOM   68  C CA    . LEU A 1 13 ? -6.508  6.647   0.938   1.00 19.62  ? 60  LEU A CA    1 
ATOM   69  C C     . LEU A 1 13 ? -6.355  5.717   2.126   1.00 16.98  ? 60  LEU A C     1 
ATOM   70  O O     . LEU A 1 13 ? -7.304  5.045   2.519   1.00 19.54  ? 60  LEU A O     1 
ATOM   71  C CB    . LEU A 1 13 ? -7.053  8.010   1.398   1.00 21.24  ? 60  LEU A CB    1 
ATOM   72  C CG    . LEU A 1 13 ? -7.008  9.103   0.339   1.00 25.19  ? 60  LEU A CG    1 
ATOM   73  C CD1   . LEU A 1 13 ? -7.885  10.275  0.751   1.00 32.51  ? 60  LEU A CD1   1 
ATOM   74  C CD2   . LEU A 1 13 ? -5.565  9.566   0.139   1.00 24.82  ? 60  LEU A CD2   1 
ATOM   75  N N     . GLY A 1 14 ? -5.159  5.678   2.712   1.00 18.57  ? 61  GLY A N     1 
ATOM   76  C CA    . GLY A 1 14 ? -4.976  4.817   3.856   1.00 15.98  ? 61  GLY A CA    1 
ATOM   77  C C     . GLY A 1 14 ? -3.799  5.271   4.680   1.00 18.63  ? 61  GLY A C     1 
ATOM   78  O O     . GLY A 1 14 ? -3.060  6.156   4.270   1.00 18.80  ? 61  GLY A O     1 
ATOM   79  N N     . THR A 1 15 ? -3.637  4.661   5.840   1.00 17.81  ? 62  THR A N     1 
ATOM   80  C CA    A THR A 1 15 ? -2.541  4.999   6.737   0.54 17.33  ? 62  THR A CA    1 
ATOM   81  C CA    B THR A 1 15 ? -2.510  5.015   6.694   0.46 16.98  ? 62  THR A CA    1 
ATOM   82  C C     . THR A 1 15 ? -1.594  3.821   6.830   1.00 18.07  ? 62  THR A C     1 
ATOM   83  O O     . THR A 1 15 ? -2.043  2.705   7.061   1.00 19.44  ? 62  THR A O     1 
ATOM   84  C CB    A THR A 1 15 ? -3.045  5.340   8.141   0.54 22.31  ? 62  THR A CB    1 
ATOM   85  C CB    B THR A 1 15 ? -2.951  5.486   8.090   0.46 21.89  ? 62  THR A CB    1 
ATOM   86  O OG1   A THR A 1 15 ? -4.120  6.289   8.051   0.54 26.18  ? 62  THR A OG1   1 
ATOM   87  O OG1   B THR A 1 15 ? -3.741  4.470   8.725   0.46 20.58  ? 62  THR A OG1   1 
ATOM   88  C CG2   A THR A 1 15 ? -1.913  5.899   8.993   0.54 18.83  ? 62  THR A CG2   1 
ATOM   89  C CG2   B THR A 1 15 ? -3.762  6.780   7.985   0.46 25.45  ? 62  THR A CG2   1 
ATOM   90  N N     . VAL A 1 16 ? -0.299  4.066   6.677   1.00 14.93  ? 63  VAL A N     1 
ATOM   91  C CA    . VAL A 1 16 ? 0.656   2.969   6.802   1.00 13.84  ? 63  VAL A CA    1 
ATOM   92  C C     . VAL A 1 16 ? 0.706   2.466   8.235   1.00 17.38  ? 63  VAL A C     1 
ATOM   93  O O     . VAL A 1 16 ? 0.976   3.236   9.162   1.00 20.78  ? 63  VAL A O     1 
ATOM   94  C CB    . VAL A 1 16 ? 2.073   3.394   6.376   1.00 15.86  ? 63  VAL A CB    1 
ATOM   95  C CG1   . VAL A 1 16 ? 3.057   2.222   6.591   1.00 13.62  ? 63  VAL A CG1   1 
ATOM   96  C CG2   . VAL A 1 16 ? 2.075   3.853   4.936   1.00 17.94  ? 63  VAL A CG2   1 
ATOM   97  N N     . LYS A 1 17 ? 0.424   1.181   8.432   1.00 15.36  ? 64  LYS A N     1 
ATOM   98  C CA    . LYS A 1 17 ? 0.442   0.634   9.773   1.00 16.77  ? 64  LYS A CA    1 
ATOM   99  C C     . LYS A 1 17 ? 1.890   0.339   10.148  1.00 18.83  ? 64  LYS A C     1 
ATOM   100 O O     . LYS A 1 17 ? 2.389   0.795   11.170  1.00 20.77  ? 64  LYS A O     1 
ATOM   101 C CB    . LYS A 1 17 ? -0.426  -0.629  9.874   1.00 29.26  ? 64  LYS A CB    1 
ATOM   102 C CG    . LYS A 1 17 ? -0.121  -1.484  11.098  1.00 41.08  ? 64  LYS A CG    1 
ATOM   103 C CD    . LYS A 1 17 ? -0.963  -2.758  11.165  1.00 53.83  ? 64  LYS A CD    1 
ATOM   104 C CE    . LYS A 1 17 ? -0.798  -3.450  12.528  1.00 66.64  ? 64  LYS A CE    1 
ATOM   105 N NZ    . LYS A 1 17 ? -1.251  -2.618  13.686  1.00 72.67  ? 64  LYS A NZ    1 
ATOM   106 N N     . TRP A 1 18 ? 2.555   -0.431  9.303   1.00 18.64  ? 65  TRP A N     1 
ATOM   107 C CA    . TRP A 1 18 ? 4.001   -0.569  9.419   1.00 17.45  ? 65  TRP A CA    1 
ATOM   108 C C     . TRP A 1 18 ? 4.570   -0.975  8.083   1.00 17.61  ? 65  TRP A C     1 
ATOM   109 O O     . TRP A 1 18 ? 3.864   -1.514  7.232   1.00 18.79  ? 65  TRP A O     1 
ATOM   110 C CB    . TRP A 1 18 ? 4.396   -1.568  10.508  1.00 20.70  ? 65  TRP A CB    1 
ATOM   111 C CG    . TRP A 1 18 ? 3.828   -2.945  10.388  1.00 27.84  ? 65  TRP A CG    1 
ATOM   112 C CD1   . TRP A 1 18 ? 2.675   -3.409  10.953  1.00 35.56  ? 65  TRP A CD1   1 
ATOM   113 C CD2   . TRP A 1 18 ? 4.395   -4.046  9.669   1.00 25.90  ? 65  TRP A CD2   1 
ATOM   114 N NE1   . TRP A 1 18 ? 2.486   -4.727  10.625  1.00 38.26  ? 65  TRP A NE1   1 
ATOM   115 C CE2   . TRP A 1 18 ? 3.529   -5.144  9.838   1.00 34.91  ? 65  TRP A CE2   1 
ATOM   116 C CE3   . TRP A 1 18 ? 5.552   -4.213  8.900   1.00 25.52  ? 65  TRP A CE3   1 
ATOM   117 C CZ2   . TRP A 1 18 ? 3.786   -6.396  9.272   1.00 39.34  ? 65  TRP A CZ2   1 
ATOM   118 C CZ3   . TRP A 1 18 ? 5.807   -5.459  8.339   1.00 30.38  ? 65  TRP A CZ3   1 
ATOM   119 C CH2   . TRP A 1 18 ? 4.927   -6.531  8.526   1.00 33.95  ? 65  TRP A CH2   1 
ATOM   120 N N     . PHE A 1 19 ? 5.839   -0.661  7.873   1.00 17.01  ? 66  PHE A N     1 
ATOM   121 C CA    . PHE A 1 19 ? 6.520   -1.090  6.664   1.00 16.57  ? 66  PHE A CA    1 
ATOM   122 C C     . PHE A 1 19 ? 7.937   -1.447  7.031   1.00 20.04  ? 66  PHE A C     1 
ATOM   123 O O     . PHE A 1 19 ? 8.672   -0.625  7.592   1.00 18.46  ? 66  PHE A O     1 
ATOM   124 C CB    . PHE A 1 19 ? 6.490   -0.008  5.573   1.00 16.76  ? 66  PHE A CB    1 
ATOM   125 C CG    . PHE A 1 19 ? 7.132   -0.458  4.288   1.00 18.13  ? 66  PHE A CG    1 
ATOM   126 C CD1   . PHE A 1 19 ? 6.424   -1.243  3.387   1.00 22.75  ? 66  PHE A CD1   1 
ATOM   127 C CD2   . PHE A 1 19 ? 8.457   -0.145  4.006   1.00 18.31  ? 66  PHE A CD2   1 
ATOM   128 C CE1   . PHE A 1 19 ? 7.020   -1.695  2.213   1.00 21.72  ? 66  PHE A CE1   1 
ATOM   129 C CE2   . PHE A 1 19 ? 9.060   -0.594  2.833   1.00 21.62  ? 66  PHE A CE2   1 
ATOM   130 C CZ    . PHE A 1 19 ? 8.331   -1.361  1.935   1.00 21.45  ? 66  PHE A CZ    1 
ATOM   131 N N     . ASN A 1 20 ? 8.320   -2.686  6.747   1.00 19.23  ? 67  ASN A N     1 
ATOM   132 C CA    . ASN A 1 20 ? 9.622   -3.146  7.192   1.00 20.98  ? 67  ASN A CA    1 
ATOM   133 C C     . ASN A 1 20 ? 10.571  -3.211  6.004   1.00 23.31  ? 67  ASN A C     1 
ATOM   134 O O     . ASN A 1 20 ? 10.339  -3.957  5.068   1.00 22.66  ? 67  ASN A O     1 
ATOM   135 C CB    . ASN A 1 20 ? 9.509   -4.508  7.885   1.00 23.09  ? 67  ASN A CB    1 
ATOM   136 C CG    . ASN A 1 20 ? 10.820  -4.955  8.485   1.00 29.90  ? 67  ASN A CG    1 
ATOM   137 O OD1   . ASN A 1 20 ? 11.786  -5.177  7.765   1.00 29.91  ? 67  ASN A OD1   1 
ATOM   138 N ND2   . ASN A 1 20 ? 10.865  -5.094  9.809   1.00 32.18  ? 67  ASN A ND2   1 
ATOM   139 N N     . VAL A 1 21 ? 11.665  -2.457  6.050   1.00 22.21  ? 68  VAL A N     1 
ATOM   140 C CA    . VAL A 1 21 ? 12.542  -2.373  4.887   1.00 26.27  ? 68  VAL A CA    1 
ATOM   141 C C     . VAL A 1 21 ? 13.470  -3.573  4.763   1.00 24.59  ? 68  VAL A C     1 
ATOM   142 O O     . VAL A 1 21 ? 14.073  -3.792  3.709   1.00 30.33  ? 68  VAL A O     1 
ATOM   143 C CB    . VAL A 1 21 ? 13.381  -1.079  4.909   1.00 25.10  ? 68  VAL A CB    1 
ATOM   144 C CG1   . VAL A 1 21 ? 12.460  0.138   4.855   1.00 28.17  ? 68  VAL A CG1   1 
ATOM   145 C CG2   . VAL A 1 21 ? 14.303  -1.050  6.133   1.00 25.87  ? 68  VAL A CG2   1 
ATOM   146 N N     . ARG A 1 22 ? 13.607  -4.355  5.833   1.00 26.05  ? 69  ARG A N     1 
ATOM   147 C CA    . ARG A 1 22 ? 14.416  -5.558  5.785   1.00 28.95  ? 69  ARG A CA    1 
ATOM   148 C C     . ARG A 1 22 ? 13.641  -6.636  5.033   1.00 30.07  ? 69  ARG A C     1 
ATOM   149 O O     . ARG A 1 22 ? 14.192  -7.335  4.185   1.00 36.44  ? 69  ARG A O     1 
ATOM   150 C CB    . ARG A 1 22 ? 14.779  -6.021  7.197   1.00 33.31  ? 69  ARG A CB    1 
ATOM   151 C CG    . ARG A 1 22 ? 15.449  -7.370  7.261   1.00 51.92  ? 69  ARG A CG    1 
ATOM   152 C CD    . ARG A 1 22 ? 15.733  -7.769  8.692   1.00 70.39  ? 69  ARG A CD    1 
ATOM   153 N NE    . ARG A 1 22 ? 14.831  -8.823  9.144   1.00 81.24  ? 69  ARG A NE    1 
ATOM   154 C CZ    . ARG A 1 22 ? 15.005  -9.528  10.257  1.00 94.60  ? 69  ARG A CZ    1 
ATOM   155 N NH1   . ARG A 1 22 ? 16.055  -9.295  11.036  1.00 98.69  ? 69  ARG A NH1   1 
ATOM   156 N NH2   . ARG A 1 22 ? 14.133  -10.470 10.589  1.00 98.90  ? 69  ARG A NH2   1 
ATOM   157 N N     . ASN A 1 23 ? 12.356  -6.749  5.352   1.00 28.14  ? 70  ASN A N     1 
ATOM   158 C CA    . ASN A 1 23 ? 11.504  -7.767  4.744   1.00 30.69  ? 70  ASN A CA    1 
ATOM   159 C C     . ASN A 1 23 ? 10.916  -7.312  3.412   1.00 28.65  ? 70  ASN A C     1 
ATOM   160 O O     . ASN A 1 23 ? 10.535  -8.137  2.585   1.00 32.39  ? 70  ASN A O     1 
ATOM   161 C CB    . ASN A 1 23 ? 10.391  -8.165  5.711   1.00 38.90  ? 70  ASN A CB    1 
ATOM   162 C CG    . ASN A 1 23 ? 10.832  -9.240  6.682   1.00 55.88  ? 70  ASN A CG    1 
ATOM   163 O OD1   . ASN A 1 23 ? 10.867  -9.028  7.891   1.00 61.92  ? 70  ASN A OD1   1 
ATOM   164 N ND2   . ASN A 1 23 ? 11.176  -10.407 6.150   1.00 68.16  ? 70  ASN A ND2   1 
ATOM   165 N N     . GLY A 1 24 ? 10.863  -6.001  3.220   1.00 24.89  ? 71  GLY A N     1 
ATOM   166 C CA    . GLY A 1 24 ? 10.381  -5.390  1.991   1.00 23.53  ? 71  GLY A CA    1 
ATOM   167 C C     . GLY A 1 24 ? 8.875   -5.392  1.798   1.00 26.73  ? 71  GLY A C     1 
ATOM   168 O O     . GLY A 1 24 ? 8.404   -5.350  0.663   1.00 25.24  ? 71  GLY A O     1 
ATOM   169 N N     . TYR A 1 25 ? 8.114   -5.421  2.887   1.00 21.53  ? 72  TYR A N     1 
ATOM   170 C CA    . TYR A 1 25 ? 6.656   -5.311  2.791   1.00 20.37  ? 72  TYR A CA    1 
ATOM   171 C C     . TYR A 1 25 ? 6.087   -4.720  4.066   1.00 22.55  ? 72  TYR A C     1 
ATOM   172 O O     . TYR A 1 25 ? 6.795   -4.550  5.055   1.00 21.25  ? 72  TYR A O     1 
ATOM   173 C CB    . TYR A 1 25 ? 6.016   -6.681  2.510   1.00 22.09  ? 72  TYR A CB    1 
ATOM   174 C CG    . TYR A 1 25 ? 6.028   -7.646  3.684   1.00 23.90  ? 72  TYR A CG    1 
ATOM   175 C CD1   . TYR A 1 25 ? 4.979   -7.672  4.591   1.00 33.31  ? 72  TYR A CD1   1 
ATOM   176 C CD2   . TYR A 1 25 ? 7.084   -8.533  3.880   1.00 33.38  ? 72  TYR A CD2   1 
ATOM   177 C CE1   . TYR A 1 25 ? 4.972   -8.543  5.658   1.00 35.79  ? 72  TYR A CE1   1 
ATOM   178 C CE2   . TYR A 1 25 ? 7.085   -9.412  4.948   1.00 37.46  ? 72  TYR A CE2   1 
ATOM   179 C CZ    . TYR A 1 25 ? 6.030   -9.402  5.840   1.00 36.51  ? 72  TYR A CZ    1 
ATOM   180 O OH    . TYR A 1 25 ? 5.999   -10.270 6.910   1.00 44.90  ? 72  TYR A OH    1 
ATOM   181 N N     . GLY A 1 26 ? 4.798   -4.416  4.037   1.00 18.37  ? 73  GLY A N     1 
ATOM   182 C CA    . GLY A 1 26 ? 4.107   -3.948  5.224   1.00 17.91  ? 73  GLY A CA    1 
ATOM   183 C C     . GLY A 1 26 ? 2.615   -3.990  4.974   1.00 18.09  ? 73  GLY A C     1 
ATOM   184 O O     . GLY A 1 26 ? 2.153   -4.712  4.094   1.00 18.75  ? 73  GLY A O     1 
ATOM   185 N N     . PHE A 1 27 ? 1.876   -3.218  5.767   1.00 16.88  ? 74  PHE A N     1 
ATOM   186 C CA    . PHE A 1 27 ? 0.425   -3.154  5.637   1.00 16.75  ? 74  PHE A CA    1 
ATOM   187 C C     . PHE A 1 27 ? -0.048  -1.735  5.764   1.00 21.28  ? 74  PHE A C     1 
ATOM   188 O O     . PHE A 1 27 ? 0.465   -0.965  6.579   1.00 16.23  ? 74  PHE A O     1 
ATOM   189 C CB    . PHE A 1 27 ? -0.262  -4.017  6.687   1.00 18.48  ? 74  PHE A CB    1 
ATOM   190 C CG    . PHE A 1 27 ? -0.066  -5.488  6.466   1.00 20.56  ? 74  PHE A CG    1 
ATOM   191 C CD1   . PHE A 1 27 ? -0.953  -6.203  5.668   1.00 27.17  ? 74  PHE A CD1   1 
ATOM   192 C CD2   . PHE A 1 27 ? 1.004   -6.149  7.043   1.00 26.03  ? 74  PHE A CD2   1 
ATOM   193 C CE1   . PHE A 1 27 ? -0.769  -7.559  5.453   1.00 27.70  ? 74  PHE A CE1   1 
ATOM   194 C CE2   . PHE A 1 27 ? 1.188   -7.496  6.828   1.00 29.88  ? 74  PHE A CE2   1 
ATOM   195 C CZ    . PHE A 1 27 ? 0.298   -8.196  6.035   1.00 30.35  ? 74  PHE A CZ    1 
ATOM   196 N N     . ILE A 1 28 ? -1.043  -1.414  4.939   1.00 16.89  ? 75  ILE A N     1 
ATOM   197 C CA    . ILE A 1 28 ? -1.697  -0.125  4.952   1.00 14.47  ? 75  ILE A CA    1 
ATOM   198 C C     . ILE A 1 28 ? -3.127  -0.340  5.397   1.00 19.77  ? 75  ILE A C     1 
ATOM   199 O O     . ILE A 1 28 ? -3.804  -1.246  4.913   1.00 19.35  ? 75  ILE A O     1 
ATOM   200 C CB    . ILE A 1 28 ? -1.681  0.531   3.560   1.00 16.63  ? 75  ILE A CB    1 
ATOM   201 C CG1   . ILE A 1 28 ? -0.252  0.769   3.091   1.00 19.34  ? 75  ILE A CG1   1 
ATOM   202 C CG2   . ILE A 1 28 ? -2.455  1.851   3.587   1.00 19.35  ? 75  ILE A CG2   1 
ATOM   203 C CD1   . ILE A 1 28 ? -0.149  1.061   1.604   1.00 21.32  ? 75  ILE A CD1   1 
ATOM   204 N N     . ASN A 1 29 ? -3.596  0.481   6.321   1.00 17.11  ? 76  ASN A N     1 
ATOM   205 C CA    . ASN A 1 29 ? -4.999  0.406   6.695   1.00 17.64  ? 76  ASN A CA    1 
ATOM   206 C C     . ASN A 1 29 ? -5.828  1.356   5.844   1.00 18.00  ? 76  ASN A C     1 
ATOM   207 O O     . ASN A 1 29 ? -5.611  2.561   5.873   1.00 17.29  ? 76  ASN A O     1 
ATOM   208 C CB    . ASN A 1 29 ? -5.154  0.727   8.178   1.00 20.12  ? 76  ASN A CB    1 
ATOM   209 C CG    . ASN A 1 29 ? -6.520  0.427   8.679   1.00 24.80  ? 76  ASN A CG    1 
ATOM   210 O OD1   . ASN A 1 29 ? -7.342  1.328   8.820   1.00 25.29  ? 76  ASN A OD1   1 
ATOM   211 N ND2   . ASN A 1 29 ? -6.788  -0.846  8.954   1.00 25.19  ? 76  ASN A ND2   1 
ATOM   212 N N     . ARG A 1 30 ? -6.775  0.806   5.085   1.00 16.85  ? 77  ARG A N     1 
ATOM   213 C CA    . ARG A 1 30 ? -7.641  1.620   4.231   1.00 17.25  ? 77  ARG A CA    1 
ATOM   214 C C     . ARG A 1 30 ? -8.528  2.509   5.062   1.00 17.76  ? 77  ARG A C     1 
ATOM   215 O O     . ARG A 1 30 ? -9.171  2.047   6.001   1.00 21.10  ? 77  ARG A O     1 
ATOM   216 C CB    . ARG A 1 30 ? -8.538  0.749   3.344   1.00 17.55  ? 77  ARG A CB    1 
ATOM   217 C CG    . ARG A 1 30 ? -7.792  -0.017  2.290   1.00 17.88  ? 77  ARG A CG    1 
ATOM   218 C CD    . ARG A 1 30 ? -8.730  -0.984  1.590   1.00 18.29  ? 77  ARG A CD    1 
ATOM   219 N NE    . ARG A 1 30 ? -9.761  -0.287  0.841   1.00 19.74  ? 77  ARG A NE    1 
ATOM   220 C CZ    . ARG A 1 30 ? -10.529 -0.860  -0.082  1.00 25.55  ? 77  ARG A CZ    1 
ATOM   221 N NH1   . ARG A 1 30 ? -10.374 -2.146  -0.380  1.00 28.08  ? 77  ARG A NH1   1 
ATOM   222 N NH2   . ARG A 1 30 ? -11.450 -0.143  -0.708  1.00 30.03  ? 77  ARG A NH2   1 
ATOM   223 N N     . ASN A 1 31 ? -8.611  3.780   4.693   1.00 18.40  ? 78  ASN A N     1 
ATOM   224 C CA    . ASN A 1 31 ? -9.452  4.688   5.456   1.00 22.92  ? 78  ASN A CA    1 
ATOM   225 C C     . ASN A 1 31 ? -10.939 4.476   5.172   1.00 26.10  ? 78  ASN A C     1 
ATOM   226 O O     . ASN A 1 31 ? -11.781 4.842   5.999   1.00 28.20  ? 78  ASN A O     1 
ATOM   227 C CB    . ASN A 1 31 ? -9.058  6.138   5.175   1.00 25.81  ? 78  ASN A CB    1 
ATOM   228 C CG    . ASN A 1 31 ? -7.688  6.490   5.728   1.00 25.04  ? 78  ASN A CG    1 
ATOM   229 O OD1   . ASN A 1 31 ? -7.106  5.742   6.527   1.00 23.48  ? 78  ASN A OD1   1 
ATOM   230 N ND2   . ASN A 1 31 ? -7.172  7.650   5.324   1.00 25.99  ? 78  ASN A ND2   1 
ATOM   231 N N     . ASP A 1 32 ? -11.265 3.868   4.025   1.00 20.36  ? 79  ASP A N     1 
ATOM   232 C CA    . ASP A 1 32 ? -12.660 3.725   3.610   1.00 24.47  ? 79  ASP A CA    1 
ATOM   233 C C     . ASP A 1 32 ? -13.311 2.457   4.167   1.00 23.25  ? 79  ASP A C     1 
ATOM   234 O O     . ASP A 1 32 ? -14.541 2.392   4.316   1.00 26.97  ? 79  ASP A O     1 
ATOM   235 C CB    . ASP A 1 32 ? -12.763 3.765   2.075   1.00 25.51  ? 79  ASP A CB    1 
ATOM   236 C CG    . ASP A 1 32 ? -11.991 2.634   1.387   1.00 26.09  ? 79  ASP A CG    1 
ATOM   237 O OD1   . ASP A 1 32 ? -11.072 2.057   2.005   1.00 23.28  ? 79  ASP A OD1   1 
ATOM   238 O OD2   . ASP A 1 32 ? -12.289 2.335   0.207   1.00 27.76  ? 79  ASP A OD2   1 
ATOM   239 N N     . THR A 1 33 ? -12.499 1.443   4.469   1.00 22.67  ? 80  THR A N     1 
ATOM   240 C CA    . THR A 1 33 ? -13.041 0.184   4.969   1.00 24.06  ? 80  THR A CA    1 
ATOM   241 C C     . THR A 1 33 ? -12.425 -0.249  6.288   1.00 24.26  ? 80  THR A C     1 
ATOM   242 O O     . THR A 1 33 ? -12.949 -1.143  6.946   1.00 26.25  ? 80  THR A O     1 
ATOM   243 C CB    . THR A 1 33 ? -12.826 -0.957  3.957   1.00 24.30  ? 80  THR A CB    1 
ATOM   244 O OG1   . THR A 1 33 ? -11.418 -1.180  3.823   1.00 21.97  ? 80  THR A OG1   1 
ATOM   245 C CG2   . THR A 1 33 ? -13.435 -0.602  2.579   1.00 23.84  ? 80  THR A CG2   1 
ATOM   246 N N     . LYS A 1 34 ? -11.300 0.379   6.643   1.00 22.69  ? 81  LYS A N     1 
ATOM   247 C CA    . LYS A 1 34 ? -10.556 0.097   7.879   1.00 25.05  ? 81  LYS A CA    1 
ATOM   248 C C     . LYS A 1 34 ? -9.971  -1.322  7.881   1.00 28.23  ? 81  LYS A C     1 
ATOM   249 O O     . LYS A 1 34 ? -9.651  -1.879  8.937   1.00 26.60  ? 81  LYS A O     1 
ATOM   250 C CB    . LYS A 1 34 ? -11.428 0.318   9.116   1.00 31.50  ? 81  LYS A CB    1 
ATOM   251 C CG    . LYS A 1 34 ? -12.109 1.690   9.181   1.00 36.45  ? 81  LYS A CG    1 
ATOM   252 C CD    . LYS A 1 34 ? -11.134 2.856   9.023   1.00 36.37  ? 81  LYS A CD    1 
ATOM   253 C CE    . LYS A 1 34 ? -11.872 4.202   9.123   1.00 45.39  ? 81  LYS A CE    1 
ATOM   254 N NZ    . LYS A 1 34 ? -11.096 5.376   8.598   1.00 33.57  ? 81  LYS A NZ    1 
ATOM   255 N N     . GLU A 1 35 ? -9.828  -1.885  6.683   1.00 25.04  ? 82  GLU A N     1 
ATOM   256 C CA    . GLU A 1 35 ? -9.160  -3.176  6.495   1.00 26.80  ? 82  GLU A CA    1 
ATOM   257 C C     . GLU A 1 35 ? -7.710  -2.973  6.123   1.00 26.20  ? 82  GLU A C     1 
ATOM   258 O O     . GLU A 1 35 ? -7.384  -2.052  5.370   1.00 19.66  ? 82  GLU A O     1 
ATOM   259 C CB    . GLU A 1 35 ? -9.847  -3.997  5.399   1.00 23.62  ? 82  GLU A CB    1 
ATOM   260 C CG    . GLU A 1 35 ? -11.203 -4.531  5.777   1.00 36.08  ? 82  GLU A CG    1 
ATOM   261 C CD    . GLU A 1 35 ? -11.159 -5.504  6.937   1.00 46.09  ? 82  GLU A CD    1 
ATOM   262 O OE1   . GLU A 1 35 ? -10.300 -6.408  6.917   1.00 53.61  ? 82  GLU A OE1   1 
ATOM   263 O OE2   . GLU A 1 35 ? -11.995 -5.375  7.856   1.00 48.86  ? 82  GLU A OE2   1 
ATOM   264 N N     . ASP A 1 36 ? -6.838  -3.852  6.616   1.00 24.46  ? 83  ASP A N     1 
ATOM   265 C CA    . ASP A 1 36 ? -5.436  -3.819  6.215   1.00 23.61  ? 83  ASP A CA    1 
ATOM   266 C C     . ASP A 1 36 ? -5.262  -4.397  4.824   1.00 23.49  ? 83  ASP A C     1 
ATOM   267 O O     . ASP A 1 36 ? -5.888  -5.406  4.466   1.00 24.10  ? 83  ASP A O     1 
ATOM   268 C CB    . ASP A 1 36 ? -4.562  -4.602  7.197   1.00 25.81  ? 83  ASP A CB    1 
ATOM   269 C CG    . ASP A 1 36 ? -4.381  -3.890  8.515   1.00 37.89  ? 83  ASP A CG    1 
ATOM   270 O OD1   . ASP A 1 36 ? -4.650  -2.670  8.581   1.00 30.33  ? 83  ASP A OD1   1 
ATOM   271 O OD2   . ASP A 1 36 ? -3.961  -4.554  9.488   1.00 40.68  ? 83  ASP A OD2   1 
ATOM   272 N N     . VAL A 1 37 ? -4.429  -3.736  4.033   1.00 19.09  ? 84  VAL A N     1 
ATOM   273 C CA    A VAL A 1 37 ? -4.021  -4.233  2.732   0.48 24.34  ? 84  VAL A CA    1 
ATOM   274 C CA    B VAL A 1 37 ? -4.023  -4.297  2.753   0.52 18.22  ? 84  VAL A CA    1 
ATOM   275 C C     . VAL A 1 37 ? -2.513  -4.452  2.735   1.00 17.82  ? 84  VAL A C     1 
ATOM   276 O O     . VAL A 1 37 ? -1.768  -3.587  3.210   1.00 18.42  ? 84  VAL A O     1 
ATOM   277 C CB    A VAL A 1 37 ? -4.391  -3.245  1.618   0.48 19.98  ? 84  VAL A CB    1 
ATOM   278 C CB    B VAL A 1 37 ? -4.461  -3.442  1.536   0.52 21.35  ? 84  VAL A CB    1 
ATOM   279 C CG1   A VAL A 1 37 ? -4.048  -3.817  0.262   0.48 20.29  ? 84  VAL A CG1   1 
ATOM   280 C CG1   B VAL A 1 37 ? -5.965  -3.572  1.284   0.52 22.04  ? 84  VAL A CG1   1 
ATOM   281 C CG2   A VAL A 1 37 ? -5.865  -2.917  1.681   0.48 21.09  ? 84  VAL A CG2   1 
ATOM   282 C CG2   B VAL A 1 37 ? -4.039  -1.989  1.693   0.52 16.51  ? 84  VAL A CG2   1 
ATOM   283 N N     . PHE A 1 38 ? -2.083  -5.595  2.219   1.00 19.14  ? 85  PHE A N     1 
ATOM   284 C CA    . PHE A 1 38 ? -0.675  -5.892  2.032   1.00 19.56  ? 85  PHE A CA    1 
ATOM   285 C C     . PHE A 1 38 ? -0.027  -4.934  1.044   1.00 18.98  ? 85  PHE A C     1 
ATOM   286 O O     . PHE A 1 38 ? -0.611  -4.610  0.017   1.00 21.00  ? 85  PHE A O     1 
ATOM   287 C CB    . PHE A 1 38 ? -0.540  -7.332  1.544   1.00 21.52  ? 85  PHE A CB    1 
ATOM   288 C CG    . PHE A 1 38 ? 0.871   -7.746  1.217   1.00 22.86  ? 85  PHE A CG    1 
ATOM   289 C CD1   . PHE A 1 38 ? 1.732   -8.178  2.211   1.00 24.13  ? 85  PHE A CD1   1 
ATOM   290 C CD2   . PHE A 1 38 ? 1.319   -7.732  -0.096  1.00 26.42  ? 85  PHE A CD2   1 
ATOM   291 C CE1   . PHE A 1 38 ? 3.027   -8.586  1.895   1.00 24.17  ? 85  PHE A CE1   1 
ATOM   292 C CE2   . PHE A 1 38 ? 2.603   -8.129  -0.416  1.00 29.31  ? 85  PHE A CE2   1 
ATOM   293 C CZ    . PHE A 1 38 ? 3.460   -8.554  0.582   1.00 27.38  ? 85  PHE A CZ    1 
ATOM   294 N N     . VAL A 1 39 ? 1.186   -4.467  1.343   1.00 17.49  ? 86  VAL A N     1 
ATOM   295 C CA    . VAL A 1 39 ? 1.920   -3.681  0.363   1.00 18.70  ? 86  VAL A CA    1 
ATOM   296 C C     . VAL A 1 39 ? 3.349   -4.193  0.237   1.00 22.45  ? 86  VAL A C     1 
ATOM   297 O O     . VAL A 1 39 ? 4.081   -4.281  1.227   1.00 21.00  ? 86  VAL A O     1 
ATOM   298 C CB    . VAL A 1 39 ? 1.927   -2.171  0.694   1.00 17.93  ? 86  VAL A CB    1 
ATOM   299 C CG1   . VAL A 1 39 ? 2.385   -1.879  2.135   1.00 18.44  ? 86  VAL A CG1   1 
ATOM   300 C CG2   . VAL A 1 39 ? 2.759   -1.407  -0.330  1.00 18.82  ? 86  VAL A CG2   1 
ATOM   301 N N     . HIS A 1 40 ? 3.728   -4.575  -0.981  1.00 19.09  ? 87  HIS A N     1 
ATOM   302 C CA    . HIS A 1 40 ? 5.103   -4.994  -1.222  1.00 21.59  ? 87  HIS A CA    1 
ATOM   303 C C     . HIS A 1 40 ? 5.883   -3.785  -1.694  1.00 20.63  ? 87  HIS A C     1 
ATOM   304 O O     . HIS A 1 40 ? 5.323   -2.868  -2.249  1.00 21.64  ? 87  HIS A O     1 
ATOM   305 C CB    . HIS A 1 40 ? 5.187   -6.129  -2.247  1.00 26.75  ? 87  HIS A CB    1 
ATOM   306 C CG    . HIS A 1 40 ? 6.571   -6.679  -2.395  1.00 35.00  ? 87  HIS A CG    1 
ATOM   307 N ND1   . HIS A 1 40 ? 7.349   -6.456  -3.511  1.00 35.32  ? 87  HIS A ND1   1 
ATOM   308 C CD2   . HIS A 1 40 ? 7.330   -7.402  -1.543  1.00 35.89  ? 87  HIS A CD2   1 
ATOM   309 C CE1   . HIS A 1 40 ? 8.526   -7.031  -3.345  1.00 32.47  ? 87  HIS A CE1   1 
ATOM   310 N NE2   . HIS A 1 40 ? 8.539   -7.616  -2.159  1.00 39.40  ? 87  HIS A NE2   1 
ATOM   311 N N     . GLN A 1 41 ? 7.197   -3.798  -1.487  1.00 24.13  ? 88  GLN A N     1 
ATOM   312 C CA    A GLN A 1 41 ? 8.009   -2.637  -1.833  0.56 19.52  ? 88  GLN A CA    1 
ATOM   313 C CA    B GLN A 1 41 ? 8.055   -2.682  -1.849  0.44 24.94  ? 88  GLN A CA    1 
ATOM   314 C C     . GLN A 1 41 ? 7.931   -2.252  -3.316  1.00 21.13  ? 88  GLN A C     1 
ATOM   315 O O     . GLN A 1 41 ? 7.983   -1.066  -3.643  1.00 25.72  ? 88  GLN A O     1 
ATOM   316 C CB    A GLN A 1 41 ? 9.467   -2.873  -1.435  0.56 20.79  ? 88  GLN A CB    1 
ATOM   317 C CB    B GLN A 1 41 ? 9.499   -3.059  -1.536  0.44 31.45  ? 88  GLN A CB    1 
ATOM   318 C CG    A GLN A 1 41 ? 10.078  -4.122  -2.053  0.56 23.20  ? 88  GLN A CG    1 
ATOM   319 C CG    B GLN A 1 41 ? 10.371  -1.897  -1.218  0.44 20.64  ? 88  GLN A CG    1 
ATOM   320 C CD    A GLN A 1 41 ? 11.414  -4.479  -1.439  0.56 25.49  ? 88  GLN A CD    1 
ATOM   321 C CD    B GLN A 1 41 ? 11.444  -2.232  -0.209  0.44 30.98  ? 88  GLN A CD    1 
ATOM   322 O OE1   A GLN A 1 41 ? 11.967  -3.728  -0.634  0.56 25.70  ? 88  GLN A OE1   1 
ATOM   323 O OE1   B GLN A 1 41 ? 11.929  -3.364  -0.150  0.44 28.33  ? 88  GLN A OE1   1 
ATOM   324 N NE2   A GLN A 1 41 ? 11.932  -5.640  -1.803  0.56 27.15  ? 88  GLN A NE2   1 
ATOM   325 N NE2   B GLN A 1 41 ? 11.807  -1.251  0.607   0.44 20.71  ? 88  GLN A NE2   1 
ATOM   326 N N     . THR A 1 42 ? 7.790   -3.233  -4.205  1.00 22.87  ? 89  THR A N     1 
ATOM   327 C CA    . THR A 1 42 ? 7.752   -2.956  -5.639  1.00 27.00  ? 89  THR A CA    1 
ATOM   328 C C     . THR A 1 42 ? 6.470   -2.219  -6.039  1.00 26.00  ? 89  THR A C     1 
ATOM   329 O O     . THR A 1 42 ? 6.390   -1.668  -7.132  1.00 28.22  ? 89  THR A O     1 
ATOM   330 C CB    . THR A 1 42 ? 7.871   -4.244  -6.481  1.00 28.55  ? 89  THR A CB    1 
ATOM   331 O OG1   . THR A 1 42 ? 6.825   -5.152  -6.124  1.00 34.01  ? 89  THR A OG1   1 
ATOM   332 C CG2   . THR A 1 42 ? 9.222   -4.927  -6.260  1.00 38.53  ? 89  THR A CG2   1 
ATOM   333 N N     . ALA A 1 43 ? 5.483   -2.201  -5.148  1.00 22.34  ? 90  ALA A N     1 
ATOM   334 C CA    . ALA A 1 43 ? 4.201   -1.517  -5.428  1.00 22.48  ? 90  ALA A CA    1 
ATOM   335 C C     . ALA A 1 43 ? 4.224   -0.010  -5.130  1.00 25.24  ? 90  ALA A C     1 
ATOM   336 O O     . ALA A 1 43 ? 3.261   0.712   -5.410  1.00 24.81  ? 90  ALA A O     1 
ATOM   337 C CB    . ALA A 1 43 ? 3.088   -2.176  -4.637  1.00 24.46  ? 90  ALA A CB    1 
ATOM   338 N N     . ILE A 1 44 ? 5.312   0.459   -4.538  1.00 20.77  ? 91  ILE A N     1 
ATOM   339 C CA    . ILE A 1 44 ? 5.449   1.852   -4.130  1.00 20.43  ? 91  ILE A CA    1 
ATOM   340 C C     . ILE A 1 44 ? 6.133   2.636   -5.238  1.00 30.39  ? 91  ILE A C     1 
ATOM   341 O O     . ILE A 1 44 ? 7.170   2.210   -5.745  1.00 31.05  ? 91  ILE A O     1 
ATOM   342 C CB    . ILE A 1 44 ? 6.272   1.957   -2.836  1.00 22.20  ? 91  ILE A CB    1 
ATOM   343 C CG1   . ILE A 1 44 ? 5.615   1.127   -1.733  1.00 20.33  ? 91  ILE A CG1   1 
ATOM   344 C CG2   . ILE A 1 44 ? 6.444   3.406   -2.421  1.00 22.16  ? 91  ILE A CG2   1 
ATOM   345 C CD1   . ILE A 1 44 ? 6.498   0.970   -0.472  1.00 21.38  ? 91  ILE A CD1   1 
ATOM   346 N N     . LYS A 1 45 ? 5.563   3.771   -5.629  1.00 22.85  ? 92  LYS A N     1 
ATOM   347 C CA    . LYS A 1 45 ? 6.173   4.562   -6.689  1.00 28.91  ? 92  LYS A CA    1 
ATOM   348 C C     . LYS A 1 45 ? 7.409   5.267   -6.131  1.00 34.88  ? 92  LYS A C     1 
ATOM   349 O O     . LYS A 1 45 ? 7.447   5.625   -4.952  1.00 36.49  ? 92  LYS A O     1 
ATOM   350 C CB    . LYS A 1 45 ? 5.169   5.562   -7.279  1.00 34.24  ? 92  LYS A CB    1 
ATOM   351 C CG    . LYS A 1 45 ? 4.092   4.916   -8.150  1.00 44.33  ? 92  LYS A CG    1 
ATOM   352 C CD    . LYS A 1 45 ? 3.336   5.948   -8.982  1.00 55.95  ? 92  LYS A CD    1 
ATOM   353 C CE    . LYS A 1 45 ? 2.095   5.349   -9.636  1.00 62.48  ? 92  LYS A CE    1 
ATOM   354 N NZ    . LYS A 1 45 ? 1.292   6.375   -10.365 1.00 65.87  ? 92  LYS A NZ    1 
ATOM   355 N N     . LYS A 1 46 ? 8.431   5.442   -6.964  1.00 43.70  ? 93  LYS A N     1 
ATOM   356 C CA    . LYS A 1 46 ? 9.690   6.015   -6.484  1.00 48.31  ? 93  LYS A CA    1 
ATOM   357 C C     . LYS A 1 46 ? 9.553   7.498   -6.138  1.00 51.76  ? 93  LYS A C     1 
ATOM   358 O O     . LYS A 1 46 ? 8.640   8.176   -6.605  1.00 56.89  ? 93  LYS A O     1 
ATOM   359 C CB    . LYS A 1 46 ? 10.799  5.820   -7.520  1.00 53.67  ? 93  LYS A CB    1 
ATOM   360 C CG    . LYS A 1 46 ? 11.255  4.372   -7.682  1.00 55.81  ? 93  LYS A CG    1 
ATOM   361 C CD    . LYS A 1 46 ? 11.771  4.067   -9.087  1.00 60.50  ? 93  LYS A CD    1 
ATOM   362 C CE    . LYS A 1 46 ? 12.007  5.326   -9.906  1.00 61.31  ? 93  LYS A CE    1 
ATOM   363 N NZ    . LYS A 1 46 ? 12.035  5.029   -11.364 1.00 68.24  ? 93  LYS A NZ    1 
ATOM   364 N N     . LYS A 1 51 ? 19.767  3.695   -0.921  1.00 79.37  ? 98  LYS A N     1 
ATOM   365 C CA    . LYS A 1 51 ? 18.664  4.381   -0.258  1.00 70.03  ? 98  LYS A CA    1 
ATOM   366 C C     . LYS A 1 51 ? 17.326  3.833   -0.748  1.00 53.82  ? 98  LYS A C     1 
ATOM   367 O O     . LYS A 1 51 ? 17.231  3.322   -1.868  1.00 37.82  ? 98  LYS A O     1 
ATOM   368 C CB    . LYS A 1 51 ? 18.754  5.891   -0.490  1.00 71.41  ? 98  LYS A CB    1 
ATOM   369 C CG    . LYS A 1 51 ? 20.076  6.491   -0.029  1.00 77.79  ? 98  LYS A CG    1 
ATOM   370 C CD    . LYS A 1 51 ? 20.346  6.201   1.441   1.00 79.03  ? 98  LYS A CD    1 
ATOM   371 C CE    . LYS A 1 51 ? 19.469  7.047   2.354   1.00 75.95  ? 98  LYS A CE    1 
ATOM   372 N NZ    . LYS A 1 51 ? 19.822  6.875   3.792   1.00 69.39  ? 98  LYS A NZ    1 
ATOM   373 N N     . TYR A 1 52 ? 16.300  3.965   0.087   1.00 43.59  ? 99  TYR A N     1 
ATOM   374 C CA    . TYR A 1 52 ? 15.064  3.211   -0.092  1.00 32.95  ? 99  TYR A CA    1 
ATOM   375 C C     . TYR A 1 52 ? 14.071  3.893   -1.031  1.00 42.18  ? 99  TYR A C     1 
ATOM   376 O O     . TYR A 1 52 ? 12.986  4.322   -0.606  1.00 35.74  ? 99  TYR A O     1 
ATOM   377 C CB    . TYR A 1 52 ? 14.418  2.958   1.272   1.00 27.88  ? 99  TYR A CB    1 
ATOM   378 C CG    . TYR A 1 52 ? 15.392  2.358   2.269   1.00 35.76  ? 99  TYR A CG    1 
ATOM   379 C CD1   . TYR A 1 52 ? 15.856  3.095   3.357   1.00 41.62  ? 99  TYR A CD1   1 
ATOM   380 C CD2   . TYR A 1 52 ? 15.884  1.065   2.096   1.00 39.47  ? 99  TYR A CD2   1 
ATOM   381 C CE1   . TYR A 1 52 ? 16.761  2.547   4.262   1.00 46.70  ? 99  TYR A CE1   1 
ATOM   382 C CE2   . TYR A 1 52 ? 16.788  0.513   2.994   1.00 43.36  ? 99  TYR A CE2   1 
ATOM   383 C CZ    . TYR A 1 52 ? 17.222  1.257   4.072   1.00 49.29  ? 99  TYR A CZ    1 
ATOM   384 O OH    . TYR A 1 52 ? 18.122  0.702   4.956   1.00 53.16  ? 99  TYR A OH    1 
ATOM   385 N N     . LEU A 1 53 ? 14.438  3.959   -2.312  1.00 48.77  ? 100 LEU A N     1 
ATOM   386 C CA    . LEU A 1 53 ? 13.602  4.573   -3.351  1.00 48.23  ? 100 LEU A CA    1 
ATOM   387 C C     . LEU A 1 53 ? 12.149  4.121   -3.294  1.00 48.36  ? 100 LEU A C     1 
ATOM   388 O O     . LEU A 1 53 ? 11.240  4.883   -3.618  1.00 52.03  ? 100 LEU A O     1 
ATOM   389 C CB    . LEU A 1 53 ? 14.155  4.276   -4.750  1.00 49.40  ? 100 LEU A CB    1 
ATOM   390 C CG    . LEU A 1 53 ? 15.355  5.020   -5.343  1.00 53.75  ? 100 LEU A CG    1 
ATOM   391 C CD1   . LEU A 1 53 ? 16.440  5.343   -4.325  1.00 57.32  ? 100 LEU A CD1   1 
ATOM   392 C CD2   . LEU A 1 53 ? 15.920  4.200   -6.469  1.00 63.50  ? 100 LEU A CD2   1 
ATOM   393 N N     . ARG A 1 54 ? 11.925  2.877   -2.888  1.00 38.85  ? 101 ARG A N     1 
ATOM   394 C CA    . ARG A 1 54 ? 10.567  2.403   -2.705  1.00 34.06  ? 101 ARG A CA    1 
ATOM   395 C C     . ARG A 1 54 ? 10.371  2.006   -1.250  1.00 34.14  ? 101 ARG A C     1 
ATOM   396 O O     . ARG A 1 54 ? 10.749  0.926   -0.823  1.00 34.71  ? 101 ARG A O     1 
ATOM   397 C CB    . ARG A 1 54 ? 10.262  1.253   -3.667  1.00 32.64  ? 101 ARG A CB    1 
ATOM   398 C CG    . ARG A 1 54 ? 10.449  1.638   -5.134  1.00 31.27  ? 101 ARG A CG    1 
ATOM   399 C CD    . ARG A 1 54 ? 10.020  0.525   -6.079  1.00 36.25  ? 101 ARG A CD    1 
ATOM   400 N NE    . ARG A 1 54 ? 10.371  0.800   -7.474  1.00 34.37  ? 101 ARG A NE    1 
ATOM   401 C CZ    . ARG A 1 54 ? 9.518   1.271   -8.378  1.00 41.81  ? 101 ARG A CZ    1 
ATOM   402 N NH1   . ARG A 1 54 ? 8.267   1.542   -8.030  1.00 34.55  ? 101 ARG A NH1   1 
ATOM   403 N NH2   . ARG A 1 54 ? 9.916   1.487   -9.626  1.00 45.09  ? 101 ARG A NH2   1 
ATOM   404 N N     . SER A 1 55 ? 9.803   2.924   -0.481  1.00 23.46  ? 102 SER A N     1 
ATOM   405 C CA    . SER A 1 55 ? 9.428   2.661   0.900   1.00 19.52  ? 102 SER A CA    1 
ATOM   406 C C     . SER A 1 55 ? 8.382   3.696   1.303   1.00 21.26  ? 102 SER A C     1 
ATOM   407 O O     . SER A 1 55 ? 8.265   4.747   0.680   1.00 24.68  ? 102 SER A O     1 
ATOM   408 C CB    . SER A 1 55 ? 10.628  2.720   1.845   1.00 26.42  ? 102 SER A CB    1 
ATOM   409 O OG    . SER A 1 55 ? 11.132  4.036   1.945   1.00 30.25  ? 102 SER A OG    1 
ATOM   410 N N     . VAL A 1 56 ? 7.616   3.367   2.331   1.00 21.57  ? 103 VAL A N     1 
ATOM   411 C CA    . VAL A 1 56 ? 6.706   4.312   2.965   1.00 17.73  ? 103 VAL A CA    1 
ATOM   412 C C     . VAL A 1 56 ? 7.012   4.287   4.465   1.00 21.45  ? 103 VAL A C     1 
ATOM   413 O O     . VAL A 1 56 ? 7.668   3.359   4.954   1.00 21.77  ? 103 VAL A O     1 
ATOM   414 C CB    . VAL A 1 56 ? 5.225   3.965   2.698   1.00 19.86  ? 103 VAL A CB    1 
ATOM   415 C CG1   . VAL A 1 56 ? 4.884   4.210   1.230   1.00 19.37  ? 103 VAL A CG1   1 
ATOM   416 C CG2   . VAL A 1 56 ? 4.922   2.520   3.089   1.00 21.08  ? 103 VAL A CG2   1 
ATOM   417 N N     . GLY A 1 57 ? 6.558   5.304   5.187   1.00 19.55  ? 104 GLY A N     1 
ATOM   418 C CA    . GLY A 1 57 ? 6.857   5.399   6.609   1.00 18.40  ? 104 GLY A CA    1 
ATOM   419 C C     . GLY A 1 57 ? 5.667   5.062   7.478   1.00 16.75  ? 104 GLY A C     1 
ATOM   420 O O     . GLY A 1 57 ? 4.534   5.350   7.102   1.00 17.36  ? 104 GLY A O     1 
ATOM   421 N N     . ASP A 1 58 ? 5.915   4.453   8.635   1.00 15.39  ? 105 ASP A N     1 
ATOM   422 C CA    . ASP A 1 58 ? 4.836   4.134   9.559   1.00 17.33  ? 105 ASP A CA    1 
ATOM   423 C C     . ASP A 1 58 ? 4.054   5.404   9.902   1.00 19.26  ? 105 ASP A C     1 
ATOM   424 O O     . ASP A 1 58 ? 4.660   6.413   10.244  1.00 19.24  ? 105 ASP A O     1 
ATOM   425 C CB    . ASP A 1 58 ? 5.357   3.530   10.854  1.00 19.44  ? 105 ASP A CB    1 
ATOM   426 C CG    . ASP A 1 58 ? 6.086   2.218   10.654  1.00 22.17  ? 105 ASP A CG    1 
ATOM   427 O OD1   . ASP A 1 58 ? 6.322   1.808   9.491   1.00 21.66  ? 105 ASP A OD1   1 
ATOM   428 O OD2   . ASP A 1 58 ? 6.451   1.636   11.696  1.00 23.94  ? 105 ASP A OD2   1 
ATOM   429 N N     . GLY A 1 59 ? 2.730   5.333   9.813   1.00 17.38  ? 106 GLY A N     1 
ATOM   430 C CA    . GLY A 1 59 ? 1.885   6.474   10.152  1.00 19.29  ? 106 GLY A CA    1 
ATOM   431 C C     . GLY A 1 59 ? 1.621   7.448   9.021   1.00 20.40  ? 106 GLY A C     1 
ATOM   432 O O     . GLY A 1 59 ? 0.805   8.365   9.172   1.00 23.02  ? 106 GLY A O     1 
ATOM   433 N N     . GLU A 1 60 ? 2.283   7.249   7.886   1.00 18.20  ? 107 GLU A N     1 
ATOM   434 C CA    . GLU A 1 60 ? 2.105   8.102   6.711   1.00 18.77  ? 107 GLU A CA    1 
ATOM   435 C C     . GLU A 1 60 ? 0.732   7.885   6.054   1.00 17.30  ? 107 GLU A C     1 
ATOM   436 O O     . GLU A 1 60 ? 0.248   6.746   5.996   1.00 18.40  ? 107 GLU A O     1 
ATOM   437 C CB    . GLU A 1 60 ? 3.218   7.805   5.707   1.00 22.27  ? 107 GLU A CB    1 
ATOM   438 C CG    . GLU A 1 60 ? 3.273   8.695   4.500   1.00 29.10  ? 107 GLU A CG    1 
ATOM   439 C CD    . GLU A 1 60 ? 4.446   8.399   3.589   1.00 34.19  ? 107 GLU A CD    1 
ATOM   440 O OE1   . GLU A 1 60 ? 5.218   7.439   3.855   1.00 30.69  ? 107 GLU A OE1   1 
ATOM   441 O OE2   . GLU A 1 60 ? 4.602   9.135   2.591   1.00 37.75  ? 107 GLU A OE2   1 
ATOM   442 N N     . THR A 1 61 ? 0.105   8.960   5.570   1.00 15.31  ? 108 THR A N     1 
ATOM   443 C CA    . THR A 1 61 ? -1.095  8.827   4.746   1.00 17.74  ? 108 THR A CA    1 
ATOM   444 C C     . THR A 1 61 ? -0.651  8.664   3.298   1.00 18.84  ? 108 THR A C     1 
ATOM   445 O O     . THR A 1 61 ? 0.164   9.439   2.797   1.00 22.15  ? 108 THR A O     1 
ATOM   446 C CB    . THR A 1 61 ? -2.052  10.037  4.889   1.00 20.81  ? 108 THR A CB    1 
ATOM   447 O OG1   . THR A 1 61 ? -2.705  9.981   6.165   1.00 21.81  ? 108 THR A OG1   1 
ATOM   448 C CG2   . THR A 1 61 ? -3.117  9.975   3.794   1.00 22.16  ? 108 THR A CG2   1 
ATOM   449 N N     . VAL A 1 62 ? -1.155  7.620   2.638   1.00 18.04  ? 109 VAL A N     1 
ATOM   450 C CA    . VAL A 1 62 ? -0.811  7.338   1.256   1.00 15.23  ? 109 VAL A CA    1 
ATOM   451 C C     . VAL A 1 62 ? -2.059  7.107   0.391   1.00 17.78  ? 109 VAL A C     1 
ATOM   452 O O     . VAL A 1 62 ? -3.149  6.840   0.909   1.00 20.03  ? 109 VAL A O     1 
ATOM   453 C CB    . VAL A 1 62 ? 0.097   6.092   1.145   1.00 16.77  ? 109 VAL A CB    1 
ATOM   454 C CG1   . VAL A 1 62 ? 1.490   6.388   1.728   1.00 19.59  ? 109 VAL A CG1   1 
ATOM   455 C CG2   . VAL A 1 62 ? -0.539  4.921   1.850   1.00 21.29  ? 109 VAL A CG2   1 
ATOM   456 N N     . GLU A 1 63 ? -1.878  7.232   -0.921  1.00 20.98  ? 110 GLU A N     1 
ATOM   457 C CA    . GLU A 1 63 ? -2.949  7.000   -1.890  1.00 20.11  ? 110 GLU A CA    1 
ATOM   458 C C     . GLU A 1 63 ? -2.513  5.836   -2.760  1.00 19.94  ? 110 GLU A C     1 
ATOM   459 O O     . GLU A 1 63 ? -1.359  5.757   -3.161  1.00 20.65  ? 110 GLU A O     1 
ATOM   460 C CB    . GLU A 1 63 ? -3.215  8.245   -2.733  1.00 22.14  ? 110 GLU A CB    1 
ATOM   461 C CG    . GLU A 1 63 ? -4.469  8.143   -3.605  1.00 24.49  ? 110 GLU A CG    1 
ATOM   462 C CD    . GLU A 1 63 ? -4.815  9.469   -4.257  1.00 40.79  ? 110 GLU A CD    1 
ATOM   463 O OE1   . GLU A 1 63 ? -4.425  10.521  -3.703  1.00 44.88  ? 110 GLU A OE1   1 
ATOM   464 O OE2   . GLU A 1 63 ? -5.501  9.469   -5.300  1.00 40.94  ? 110 GLU A OE2   1 
ATOM   465 N N     . PHE A 1 64 ? -3.427  4.923   -3.055  1.00 18.76  ? 111 PHE A N     1 
ATOM   466 C CA    . PHE A 1 64 ? -3.035  3.725   -3.768  1.00 16.15  ? 111 PHE A CA    1 
ATOM   467 C C     . PHE A 1 64 ? -4.228  3.101   -4.466  1.00 19.67  ? 111 PHE A C     1 
ATOM   468 O O     . PHE A 1 64 ? -5.387  3.462   -4.210  1.00 21.13  ? 111 PHE A O     1 
ATOM   469 C CB    . PHE A 1 64 ? -2.399  2.707   -2.799  1.00 18.33  ? 111 PHE A CB    1 
ATOM   470 C CG    . PHE A 1 64 ? -3.255  2.402   -1.596  1.00 22.46  ? 111 PHE A CG    1 
ATOM   471 C CD1   . PHE A 1 64 ? -4.036  1.261   -1.550  1.00 23.09  ? 111 PHE A CD1   1 
ATOM   472 C CD2   . PHE A 1 64 ? -3.289  3.264   -0.513  1.00 18.11  ? 111 PHE A CD2   1 
ATOM   473 C CE1   . PHE A 1 64 ? -4.836  0.991   -0.442  1.00 22.65  ? 111 PHE A CE1   1 
ATOM   474 C CE2   . PHE A 1 64 ? -4.090  3.000   0.592   1.00 19.87  ? 111 PHE A CE2   1 
ATOM   475 C CZ    . PHE A 1 64 ? -4.866  1.865   0.622   1.00 21.07  ? 111 PHE A CZ    1 
ATOM   476 N N     . ASP A 1 65 ? -3.924  2.176   -5.364  1.00 18.76  ? 112 ASP A N     1 
ATOM   477 C CA    . ASP A 1 65 ? -4.945  1.320   -5.947  1.00 20.06  ? 112 ASP A CA    1 
ATOM   478 C C     . ASP A 1 65 ? -4.943  0.013   -5.168  1.00 23.10  ? 112 ASP A C     1 
ATOM   479 O O     . ASP A 1 65 ? -3.937  -0.359  -4.565  1.00 22.27  ? 112 ASP A O     1 
ATOM   480 C CB    . ASP A 1 65 ? -4.686  1.077   -7.438  1.00 27.32  ? 112 ASP A CB    1 
ATOM   481 C CG    . ASP A 1 65 ? -4.618  2.366   -8.244  1.00 31.84  ? 112 ASP A CG    1 
ATOM   482 O OD1   . ASP A 1 65 ? -5.304  3.343   -7.878  1.00 29.18  ? 112 ASP A OD1   1 
ATOM   483 O OD2   . ASP A 1 65 ? -3.885  2.394   -9.259  1.00 32.15  ? 112 ASP A OD2   1 
ATOM   484 N N     . VAL A 1 66 ? -6.081  -0.666  -5.151  1.00 23.74  ? 113 VAL A N     1 
ATOM   485 C CA    . VAL A 1 66 ? -6.166  -1.989  -4.561  1.00 23.94  ? 113 VAL A CA    1 
ATOM   486 C C     . VAL A 1 66 ? -6.378  -2.976  -5.695  1.00 24.18  ? 113 VAL A C     1 
ATOM   487 O O     . VAL A 1 66 ? -7.295  -2.811  -6.479  1.00 23.84  ? 113 VAL A O     1 
ATOM   488 C CB    . VAL A 1 66 ? -7.315  -2.102  -3.541  1.00 25.76  ? 113 VAL A CB    1 
ATOM   489 C CG1   . VAL A 1 66 ? -7.381  -3.506  -2.971  1.00 33.12  ? 113 VAL A CG1   1 
ATOM   490 C CG2   . VAL A 1 66 ? -7.144  -1.075  -2.415  1.00 24.89  ? 113 VAL A CG2   1 
ATOM   491 N N     . VAL A 1 67 ? -5.495  -3.970  -5.810  1.00 25.70  ? 114 VAL A N     1 
ATOM   492 C CA    . VAL A 1 67 ? -5.586  -4.950  -6.881  1.00 29.76  ? 114 VAL A CA    1 
ATOM   493 C C     . VAL A 1 67 ? -5.602  -6.368  -6.324  1.00 28.36  ? 114 VAL A C     1 
ATOM   494 O O     . VAL A 1 67 ? -5.303  -6.587  -5.145  1.00 27.62  ? 114 VAL A O     1 
ATOM   495 C CB    . VAL A 1 67 ? -4.418  -4.819  -7.880  1.00 31.84  ? 114 VAL A CB    1 
ATOM   496 C CG1   . VAL A 1 67 ? -4.338  -3.393  -8.417  1.00 29.74  ? 114 VAL A CG1   1 
ATOM   497 C CG2   . VAL A 1 67 ? -3.099  -5.213  -7.208  1.00 27.63  ? 114 VAL A CG2   1 
ATOM   498 N N     . GLU A 1 68 ? -5.973  -7.319  -7.173  1.00 33.03  ? 115 GLU A N     1 
ATOM   499 C CA    . GLU A 1 68 ? -5.991  -8.728  -6.794  1.00 40.82  ? 115 GLU A CA    1 
ATOM   500 C C     . GLU A 1 68 ? -4.649  -9.392  -7.059  1.00 41.99  ? 115 GLU A C     1 
ATOM   501 O O     . GLU A 1 68 ? -4.304  -9.692  -8.204  1.00 45.98  ? 115 GLU A O     1 
ATOM   502 C CB    . GLU A 1 68 ? -7.093  -9.483  -7.542  1.00 42.00  ? 115 GLU A CB    1 
ATOM   503 C CG    . GLU A 1 68 ? -7.453  -10.845 -6.939  1.00 51.47  ? 115 GLU A CG    1 
ATOM   504 C CD    . GLU A 1 68 ? -8.024  -10.781 -5.519  1.00 64.97  ? 115 GLU A CD    1 
ATOM   505 O OE1   . GLU A 1 68 ? -8.103  -9.684  -4.923  1.00 65.38  ? 115 GLU A OE1   1 
ATOM   506 O OE2   . GLU A 1 68 ? -8.404  -11.852 -4.998  1.00 76.56  ? 115 GLU A OE2   1 
ATOM   507 N N     . GLY A 1 69 ? -3.888  -9.607  -5.993  1.00 51.19  ? 116 GLY A N     1 
ATOM   508 C CA    . GLY A 1 69 ? -2.615  -10.289 -6.098  1.00 55.71  ? 116 GLY A CA    1 
ATOM   509 C C     . GLY A 1 69 ? -2.768  -11.787 -5.933  1.00 63.86  ? 116 GLY A C     1 
ATOM   510 O O     . GLY A 1 69 ? -3.885  -12.297 -5.836  1.00 58.16  ? 116 GLY A O     1 
ATOM   511 N N     . GLU A 1 70 ? -1.637  -12.486 -5.886  1.00 73.49  ? 117 GLU A N     1 
ATOM   512 C CA    . GLU A 1 70 ? -1.613  -13.944 -5.813  1.00 77.32  ? 117 GLU A CA    1 
ATOM   513 C C     . GLU A 1 70 ? -2.238  -14.469 -4.523  1.00 69.64  ? 117 GLU A C     1 
ATOM   514 O O     . GLU A 1 70 ? -2.787  -15.571 -4.490  1.00 73.44  ? 117 GLU A O     1 
ATOM   515 C CB    . GLU A 1 70 ? -0.173  -14.448 -5.937  1.00 87.10  ? 117 GLU A CB    1 
ATOM   516 C CG    . GLU A 1 70 ? 0.676   -13.643 -6.916  1.00 92.22  ? 117 GLU A CG    1 
ATOM   517 C CD    . GLU A 1 70 ? 1.490   -14.520 -7.846  1.00 101.75 ? 117 GLU A CD    1 
ATOM   518 O OE1   . GLU A 1 70 ? 0.965   -15.559 -8.304  1.00 106.34 ? 117 GLU A OE1   1 
ATOM   519 O OE2   . GLU A 1 70 ? 2.657   -14.168 -8.118  1.00 102.77 ? 117 GLU A OE2   1 
ATOM   520 N N     . LYS A 1 71 ? -2.150  -13.670 -3.465  1.00 58.44  ? 118 LYS A N     1 
ATOM   521 C CA    . LYS A 1 71 ? -2.624  -14.082 -2.147  1.00 55.07  ? 118 LYS A CA    1 
ATOM   522 C C     . LYS A 1 71 ? -3.743  -13.179 -1.636  1.00 55.66  ? 118 LYS A C     1 
ATOM   523 O O     . LYS A 1 71 ? -3.938  -13.032 -0.426  1.00 51.68  ? 118 LYS A O     1 
ATOM   524 C CB    . LYS A 1 71 ? -1.458  -14.098 -1.156  1.00 51.24  ? 118 LYS A CB    1 
ATOM   525 C CG    . LYS A 1 71 ? -0.337  -15.032 -1.580  1.00 55.59  ? 118 LYS A CG    1 
ATOM   526 C CD    . LYS A 1 71 ? 0.991   -14.652 -0.952  1.00 62.89  ? 118 LYS A CD    1 
ATOM   527 C CE    . LYS A 1 71 ? 2.085   -15.617 -1.379  1.00 70.75  ? 118 LYS A CE    1 
ATOM   528 N NZ    . LYS A 1 71 ? 2.169   -15.744 -2.861  1.00 71.96  ? 118 LYS A NZ    1 
ATOM   529 N N     . GLY A 1 72 ? -4.481  -12.583 -2.568  1.00 55.40  ? 119 GLY A N     1 
ATOM   530 C CA    . GLY A 1 72 ? -5.580  -11.702 -2.219  1.00 52.43  ? 119 GLY A CA    1 
ATOM   531 C C     . GLY A 1 72 ? -5.314  -10.254 -2.592  1.00 49.37  ? 119 GLY A C     1 
ATOM   532 O O     . GLY A 1 72 ? -4.444  -9.957  -3.412  1.00 47.59  ? 119 GLY A O     1 
ATOM   533 N N     . ALA A 1 73 ? -6.072  -9.351  -1.983  1.00 44.13  ? 120 ALA A N     1 
ATOM   534 C CA    . ALA A 1 73 ? -5.938  -7.926  -2.254  1.00 36.66  ? 120 ALA A CA    1 
ATOM   535 C C     . ALA A 1 73 ? -4.561  -7.419  -1.850  1.00 37.47  ? 120 ALA A C     1 
ATOM   536 O O     . ALA A 1 73 ? -3.989  -7.866  -0.858  1.00 40.51  ? 120 ALA A O     1 
ATOM   537 C CB    . ALA A 1 73 ? -7.021  -7.143  -1.532  1.00 42.97  ? 120 ALA A CB    1 
ATOM   538 N N     . GLU A 1 74 ? -4.031  -6.494  -2.638  1.00 27.20  ? 121 GLU A N     1 
ATOM   539 C CA    . GLU A 1 74 ? -2.774  -5.841  -2.309  1.00 25.35  ? 121 GLU A CA    1 
ATOM   540 C C     . GLU A 1 74 ? -2.759  -4.439  -2.872  1.00 24.24  ? 121 GLU A C     1 
ATOM   541 O O     . GLU A 1 74 ? -3.500  -4.121  -3.801  1.00 26.79  ? 121 GLU A O     1 
ATOM   542 C CB    . GLU A 1 74 ? -1.588  -6.640  -2.846  1.00 24.74  ? 121 GLU A CB    1 
ATOM   543 C CG    . GLU A 1 74 ? -1.554  -6.769  -4.358  1.00 29.08  ? 121 GLU A CG    1 
ATOM   544 C CD    . GLU A 1 74 ? -0.431  -7.677  -4.840  1.00 44.50  ? 121 GLU A CD    1 
ATOM   545 O OE1   . GLU A 1 74 ? 0.360   -7.241  -5.700  1.00 53.52  ? 121 GLU A OE1   1 
ATOM   546 O OE2   . GLU A 1 74 ? -0.348  -8.829  -4.366  1.00 38.49  ? 121 GLU A OE2   1 
ATOM   547 N N     . ALA A 1 75 ? -1.917  -3.591  -2.307  1.00 20.05  ? 122 ALA A N     1 
ATOM   548 C CA    . ALA A 1 75 ? -1.807  -2.222  -2.779  1.00 20.61  ? 122 ALA A CA    1 
ATOM   549 C C     . ALA A 1 75 ? -0.992  -2.189  -4.064  1.00 19.85  ? 122 ALA A C     1 
ATOM   550 O O     . ALA A 1 75 ? -0.129  -3.051  -4.289  1.00 25.24  ? 122 ALA A O     1 
ATOM   551 C CB    . ALA A 1 75 ? -1.167  -1.342  -1.712  1.00 21.55  ? 122 ALA A CB    1 
ATOM   552 N N     . ALA A 1 76 ? -1.283  -1.199  -4.906  1.00 22.43  ? 123 ALA A N     1 
ATOM   553 C CA    . ALA A 1 76 ? -0.512  -0.935  -6.120  1.00 18.89  ? 123 ALA A CA    1 
ATOM   554 C C     . ALA A 1 76 ? -0.410  0.569   -6.312  1.00 21.02  ? 123 ALA A C     1 
ATOM   555 O O     . ALA A 1 76 ? -1.273  1.310   -5.828  1.00 21.54  ? 123 ALA A O     1 
ATOM   556 C CB    . ALA A 1 76 ? -1.162  -1.591  -7.351  1.00 23.66  ? 123 ALA A CB    1 
ATOM   557 N N     . ASN A 1 77 ? 0.637   1.012   -7.010  1.00 21.28  ? 124 ASN A N     1 
ATOM   558 C CA    . ASN A 1 77 ? 0.793   2.427   -7.349  1.00 21.20  ? 124 ASN A CA    1 
ATOM   559 C C     . ASN A 1 77 ? 0.701   3.328   -6.132  1.00 22.65  ? 124 ASN A C     1 
ATOM   560 O O     . ASN A 1 77 ? -0.059  4.300   -6.130  1.00 22.26  ? 124 ASN A O     1 
ATOM   561 C CB    . ASN A 1 77 ? -0.270  2.858   -8.369  1.00 25.43  ? 124 ASN A CB    1 
ATOM   562 C CG    . ASN A 1 77 ? -0.185  2.070   -9.651  1.00 37.12  ? 124 ASN A CG    1 
ATOM   563 O OD1   . ASN A 1 77 ? 0.907   1.818   -10.160 1.00 41.15  ? 124 ASN A OD1   1 
ATOM   564 N ND2   . ASN A 1 77 ? -1.335  1.656   -10.175 1.00 43.45  ? 124 ASN A ND2   1 
ATOM   565 N N     . VAL A 1 78 ? 1.473   2.995   -5.102  1.00 19.47  ? 125 VAL A N     1 
ATOM   566 C CA    . VAL A 1 78 ? 1.378   3.682   -3.822  1.00 16.29  ? 125 VAL A CA    1 
ATOM   567 C C     . VAL A 1 78 ? 2.146   4.999   -3.870  1.00 23.50  ? 125 VAL A C     1 
ATOM   568 O O     . VAL A 1 78 ? 3.342   5.023   -4.139  1.00 20.29  ? 125 VAL A O     1 
ATOM   569 C CB    . VAL A 1 78 ? 1.918   2.820   -2.657  1.00 15.73  ? 125 VAL A CB    1 
ATOM   570 C CG1   . VAL A 1 78 ? 1.730   3.542   -1.314  1.00 20.48  ? 125 VAL A CG1   1 
ATOM   571 C CG2   . VAL A 1 78 ? 1.249   1.459   -2.626  1.00 18.75  ? 125 VAL A CG2   1 
ATOM   572 N N     . THR A 1 79 ? 1.440   6.094   -3.610  1.00 22.97  ? 126 THR A N     1 
ATOM   573 C CA    . THR A 1 79 ? 2.015   7.439   -3.657  1.00 20.99  ? 126 THR A CA    1 
ATOM   574 C C     . THR A 1 79 ? 1.578   8.236   -2.441  1.00 22.76  ? 126 THR A C     1 
ATOM   575 O O     . THR A 1 79 ? 0.806   7.764   -1.628  1.00 20.61  ? 126 THR A O     1 
ATOM   576 C CB    . THR A 1 79 ? 1.555   8.219   -4.893  1.00 28.88  ? 126 THR A CB    1 
ATOM   577 O OG1   . THR A 1 79 ? 0.146   8.464   -4.786  1.00 30.85  ? 126 THR A OG1   1 
ATOM   578 C CG2   . THR A 1 79 ? 1.835   7.444   -6.165  1.00 37.01  ? 126 THR A CG2   1 
ATOM   579 N N     . GLY A 1 80 ? 2.050   9.469   -2.342  1.00 25.56  ? 127 GLY A N     1 
ATOM   580 C CA    . GLY A 1 80 ? 1.470   10.387  -1.384  1.00 28.72  ? 127 GLY A CA    1 
ATOM   581 C C     . GLY A 1 80 ? 0.069   10.774  -1.822  1.00 29.92  ? 127 GLY A C     1 
ATOM   582 O O     . GLY A 1 80 ? -0.328  10.533  -2.965  1.00 33.63  ? 127 GLY A O     1 
ATOM   583 N N     . PRO A 1 81 ? -0.692  11.388  -0.913  1.00 28.94  ? 128 PRO A N     1 
ATOM   584 C CA    . PRO A 1 81 ? -2.055  11.839  -1.206  1.00 29.53  ? 128 PRO A CA    1 
ATOM   585 C C     . PRO A 1 81 ? -2.058  12.943  -2.268  1.00 38.93  ? 128 PRO A C     1 
ATOM   586 O O     . PRO A 1 81 ? -1.228  13.846  -2.215  1.00 43.80  ? 128 PRO A O     1 
ATOM   587 C CB    . PRO A 1 81 ? -2.552  12.351  0.149   1.00 36.42  ? 128 PRO A CB    1 
ATOM   588 C CG    . PRO A 1 81 ? -1.314  12.716  0.890   1.00 36.99  ? 128 PRO A CG    1 
ATOM   589 C CD    . PRO A 1 81 ? -0.268  11.728  0.456   1.00 28.48  ? 128 PRO A CD    1 
ATOM   590 N N     . GLY A 1 82 ? -2.974  12.856  -3.225  1.00 47.51  ? 129 GLY A N     1 
ATOM   591 C CA    . GLY A 1 82 ? -2.979  13.766  -4.358  1.00 58.71  ? 129 GLY A CA    1 
ATOM   592 C C     . GLY A 1 82 ? -1.903  13.412  -5.371  1.00 62.43  ? 129 GLY A C     1 
ATOM   593 O O     . GLY A 1 82 ? -1.206  12.401  -5.226  1.00 57.98  ? 129 GLY A O     1 
ATOM   594 P P     . C   B 2 2  ? 10.845  -11.166 -0.572  1.00 122.74 ? 2   C   B P     1 
ATOM   595 O OP1   . C   B 2 2  ? 11.324  -12.349 -1.334  1.00 124.34 ? 2   C   B OP1   1 
ATOM   596 O OP2   . C   B 2 2  ? 11.468  -10.836 0.736   1.00 121.06 ? 2   C   B OP2   1 
ATOM   597 O "O5'" . C   B 2 2  ? 9.276   -11.329 -0.350  1.00 54.31  ? 2   C   B "O5'" 1 
ATOM   598 C "C5'" . C   B 2 2  ? 8.636   -10.813 0.813   1.00 52.38  ? 2   C   B "C5'" 1 
ATOM   599 C "C4'" . C   B 2 2  ? 7.134   -10.957 0.735   1.00 51.53  ? 2   C   B "C4'" 1 
ATOM   600 O "O4'" . C   B 2 2  ? 6.624   -10.143 -0.359  1.00 46.85  ? 2   C   B "O4'" 1 
ATOM   601 C "C3'" . C   B 2 2  ? 6.623   -12.375 0.483   1.00 54.79  ? 2   C   B "C3'" 1 
ATOM   602 O "O3'" . C   B 2 2  ? 5.393   -12.555 1.181   1.00 54.91  ? 2   C   B "O3'" 1 
ATOM   603 C "C2'" . C   B 2 2  ? 6.357   -12.377 -1.022  1.00 56.90  ? 2   C   B "C2'" 1 
ATOM   604 O "O2'" . C   B 2 2  ? 5.406   -13.326 -1.450  1.00 60.24  ? 2   C   B "O2'" 1 
ATOM   605 C "C1'" . C   B 2 2  ? 5.870   -10.950 -1.247  1.00 50.95  ? 2   C   B "C1'" 1 
ATOM   606 N N1    . C   B 2 2  ? 6.079   -10.445 -2.614  1.00 50.89  ? 2   C   B N1    1 
ATOM   607 C C2    . C   B 2 2  ? 4.993   -9.922  -3.334  1.00 55.16  ? 2   C   B C2    1 
ATOM   608 O O2    . C   B 2 2  ? 3.864   -9.899  -2.813  1.00 53.33  ? 2   C   B O2    1 
ATOM   609 N N3    . C   B 2 2  ? 5.198   -9.445  -4.588  1.00 56.19  ? 2   C   B N3    1 
ATOM   610 C C4    . C   B 2 2  ? 6.420   -9.479  -5.122  1.00 55.95  ? 2   C   B C4    1 
ATOM   611 N N4    . C   B 2 2  ? 6.577   -9.003  -6.359  1.00 57.95  ? 2   C   B N4    1 
ATOM   612 C C5    . C   B 2 2  ? 7.537   -10.009 -4.415  1.00 59.00  ? 2   C   B C5    1 
ATOM   613 C C6    . C   B 2 2  ? 7.326   -10.473 -3.176  1.00 55.94  ? 2   C   B C6    1 
ATOM   614 P P     . A   B 2 3  ? 5.082   -13.943 1.926   1.00 66.86  ? 3   A   B P     1 
ATOM   615 O OP1   . A   B 2 3  ? 6.354   -14.498 2.453   1.00 66.56  ? 3   A   B OP1   1 
ATOM   616 O OP2   . A   B 2 3  ? 4.234   -14.749 1.015   1.00 69.75  ? 3   A   B OP2   1 
ATOM   617 O "O5'" . A   B 2 3  ? 4.161   -13.525 3.154   1.00 62.12  ? 3   A   B "O5'" 1 
ATOM   618 C "C5'" . A   B 2 3  ? 4.551   -12.506 4.068   1.00 55.30  ? 3   A   B "C5'" 1 
ATOM   619 C "C4'" . A   B 2 3  ? 3.381   -12.047 4.903   1.00 46.77  ? 3   A   B "C4'" 1 
ATOM   620 O "O4'" . A   B 2 3  ? 2.523   -11.194 4.099   1.00 45.20  ? 3   A   B "O4'" 1 
ATOM   621 C "C3'" . A   B 2 3  ? 2.489   -13.169 5.426   1.00 47.12  ? 3   A   B "C3'" 1 
ATOM   622 O "O3'" . A   B 2 3  ? 1.925   -12.771 6.673   1.00 53.38  ? 3   A   B "O3'" 1 
ATOM   623 C "C2'" . A   B 2 3  ? 1.381   -13.228 4.380   1.00 44.64  ? 3   A   B "C2'" 1 
ATOM   624 O "O2'" . A   B 2 3  ? 0.172   -13.787 4.848   1.00 50.49  ? 3   A   B "O2'" 1 
ATOM   625 C "C1'" . A   B 2 3  ? 1.222   -11.752 4.033   1.00 41.77  ? 3   A   B "C1'" 1 
ATOM   626 N N9    . A   B 2 3  ? 0.691   -11.488 2.696   1.00 36.74  ? 3   A   B N9    1 
ATOM   627 C C8    . A   B 2 3  ? 1.331   -11.610 1.491   1.00 40.22  ? 3   A   B C8    1 
ATOM   628 N N7    . A   B 2 3  ? 0.587   -11.262 0.465   1.00 39.59  ? 3   A   B N7    1 
ATOM   629 C C5    . A   B 2 3  ? -0.611  -10.866 1.041   1.00 37.23  ? 3   A   B C5    1 
ATOM   630 C C6    . A   B 2 3  ? -1.813  -10.386 0.493   1.00 36.90  ? 3   A   B C6    1 
ATOM   631 N N6    . A   B 2 3  ? -2.020  -10.207 -0.813  1.00 40.73  ? 3   A   B N6    1 
ATOM   632 N N1    . A   B 2 3  ? -2.814  -10.089 1.350   1.00 45.86  ? 3   A   B N1    1 
ATOM   633 C C2    . A   B 2 3  ? -2.612  -10.264 2.664   1.00 39.70  ? 3   A   B C2    1 
ATOM   634 N N3    . A   B 2 3  ? -1.531  -10.713 3.297   1.00 40.76  ? 3   A   B N3    1 
ATOM   635 C C4    . A   B 2 3  ? -0.557  -10.995 2.416   1.00 34.90  ? 3   A   B C4    1 
ATOM   636 P P     . A   B 2 4  ? 2.229   -13.611 8.004   1.00 69.81  ? 4   A   B P     1 
ATOM   637 O OP1   . A   B 2 4  ? 3.503   -14.345 7.800   1.00 69.90  ? 4   A   B OP1   1 
ATOM   638 O OP2   . A   B 2 4  ? 0.996   -14.355 8.368   1.00 74.22  ? 4   A   B OP2   1 
ATOM   639 O "O5'" . A   B 2 4  ? 2.474   -12.490 9.108   1.00 49.02  ? 4   A   B "O5'" 1 
ATOM   640 C "C5'" . A   B 2 4  ? 3.681   -11.730 9.127   1.00 44.04  ? 4   A   B "C5'" 1 
ATOM   641 C "C4'" . A   B 2 4  ? 3.580   -10.543 10.054  1.00 49.01  ? 4   A   B "C4'" 1 
ATOM   642 O "O4'" . A   B 2 4  ? 2.570   -9.636  9.543   1.00 50.56  ? 4   A   B "O4'" 1 
ATOM   643 C "C3'" . A   B 2 4  ? 3.168   -10.872 11.485  1.00 60.41  ? 4   A   B "C3'" 1 
ATOM   644 O "O3'" . A   B 2 4  ? 3.754   -9.923  12.377  1.00 60.22  ? 4   A   B "O3'" 1 
ATOM   645 C "C2'" . A   B 2 4  ? 1.656   -10.682 11.449  1.00 59.63  ? 4   A   B "C2'" 1 
ATOM   646 O "O2'" . A   B 2 4  ? 1.070   -10.401 12.701  1.00 64.80  ? 4   A   B "O2'" 1 
ATOM   647 C "C1'" . A   B 2 4  ? 1.509   -9.513  10.473  1.00 58.87  ? 4   A   B "C1'" 1 
ATOM   648 N N9    . A   B 2 4  ? 0.262   -9.556  9.709   1.00 62.56  ? 4   A   B N9    1 
ATOM   649 C C8    . A   B 2 4  ? -0.269  -10.651 9.076   1.00 70.06  ? 4   A   B C8    1 
ATOM   650 N N7    . A   B 2 4  ? -1.397  -10.409 8.456   1.00 72.19  ? 4   A   B N7    1 
ATOM   651 C C5    . A   B 2 4  ? -1.621  -9.061  8.699   1.00 63.84  ? 4   A   B C5    1 
ATOM   652 C C6    . A   B 2 4  ? -2.657  -8.194  8.309   1.00 60.97  ? 4   A   B C6    1 
ATOM   653 N N6    . A   B 2 4  ? -3.703  -8.567  7.566   1.00 63.95  ? 4   A   B N6    1 
ATOM   654 N N1    . A   B 2 4  ? -2.575  -6.912  8.720   1.00 55.79  ? 4   A   B N1    1 
ATOM   655 C C2    . A   B 2 4  ? -1.528  -6.533  9.464   1.00 58.62  ? 4   A   B C2    1 
ATOM   656 N N3    . A   B 2 4  ? -0.494  -7.251  9.894   1.00 60.40  ? 4   A   B N3    1 
ATOM   657 C C4    . A   B 2 4  ? -0.606  -8.522  9.470   1.00 61.94  ? 4   A   B C4    1 
ATOM   658 P P     . C   B 2 5  ? 4.704   -10.416 13.576  1.00 91.99  ? 5   C   B P     1 
ATOM   659 O OP1   . C   B 2 5  ? 4.707   -11.902 13.604  1.00 91.18  ? 5   C   B OP1   1 
ATOM   660 O OP2   . C   B 2 5  ? 4.323   -9.653  14.792  1.00 94.52  ? 5   C   B OP2   1 
ATOM   661 O "O5'" . C   B 2 5  ? 6.157   -9.932  13.142  1.00 87.58  ? 5   C   B "O5'" 1 
ATOM   662 C "C5'" . C   B 2 5  ? 6.879   -10.596 12.114  1.00 83.48  ? 5   C   B "C5'" 1 
ATOM   663 C "C4'" . C   B 2 5  ? 7.884   -9.670  11.476  1.00 78.81  ? 5   C   B "C4'" 1 
ATOM   664 O "O4'" . C   B 2 5  ? 7.184   -8.612  10.767  1.00 67.86  ? 5   C   B "O4'" 1 
ATOM   665 C "C3'" . C   B 2 5  ? 8.803   -8.931  12.440  1.00 78.65  ? 5   C   B "C3'" 1 
ATOM   666 O "O3'" . C   B 2 5  ? 9.917   -9.705  12.855  1.00 83.32  ? 5   C   B "O3'" 1 
ATOM   667 C "C2'" . C   B 2 5  ? 9.182   -7.686  11.653  1.00 70.66  ? 5   C   B "C2'" 1 
ATOM   668 O "O2'" . C   B 2 5  ? 10.183  -7.983  10.691  1.00 72.93  ? 5   C   B "O2'" 1 
ATOM   669 C "C1'" . C   B 2 5  ? 7.876   -7.390  10.913  1.00 61.72  ? 5   C   B "C1'" 1 
ATOM   670 N N1    . C   B 2 5  ? 7.008   -6.455  11.667  1.00 50.84  ? 5   C   B N1    1 
ATOM   671 C C2    . C   B 2 5  ? 7.366   -5.105  11.774  1.00 51.97  ? 5   C   B C2    1 
ATOM   672 O O2    . C   B 2 5  ? 8.408   -4.702  11.236  1.00 53.61  ? 5   C   B O2    1 
ATOM   673 N N3    . C   B 2 5  ? 6.563   -4.263  12.467  1.00 50.72  ? 5   C   B N3    1 
ATOM   674 C C4    . C   B 2 5  ? 5.446   -4.717  13.037  1.00 52.40  ? 5   C   B C4    1 
ATOM   675 N N4    . C   B 2 5  ? 4.691   -3.847  13.708  1.00 52.63  ? 5   C   B N4    1 
ATOM   676 C C5    . C   B 2 5  ? 5.057   -6.083  12.944  1.00 55.10  ? 5   C   B C5    1 
ATOM   677 C C6    . C   B 2 5  ? 5.859   -6.906  12.257  1.00 51.78  ? 5   C   B C6    1 
HETATM 678 O O     . HOH C 3 .  ? -4.202  -7.493  1.503   1.00 35.97  ? 201 HOH A O     1 
HETATM 679 O O     . HOH C 3 .  ? 6.354   8.217   1.202   1.00 56.08  ? 202 HOH A O     1 
HETATM 680 O O     . HOH C 3 .  ? -9.794  -9.529  -3.193  1.00 45.84  ? 203 HOH A O     1 
HETATM 681 O O     . HOH C 3 .  ? 5.022   -0.261  -8.568  1.00 41.80  ? 204 HOH A O     1 
HETATM 682 O O     . HOH C 3 .  ? -5.177  3.648   10.570  1.00 37.70  ? 205 HOH A O     1 
HETATM 683 O O     . HOH C 3 .  ? -0.365  -10.903 -2.965  1.00 63.44  ? 206 HOH A O     1 
HETATM 684 O O     . HOH C 3 .  ? 1.105   -0.581  -10.991 1.00 56.25  ? 207 HOH A O     1 
HETATM 685 O O     . HOH C 3 .  ? 2.544   10.558  2.088   1.00 29.79  ? 208 HOH A O     1 
HETATM 686 O O     . HOH C 3 .  ? -7.074  4.040   8.472   1.00 31.70  ? 209 HOH A O     1 
HETATM 687 O O     . HOH C 3 .  ? -5.255  9.620   6.399   1.00 40.83  ? 210 HOH A O     1 
HETATM 688 O O     . HOH C 3 .  ? 1.683   2.757   12.732  1.00 43.12  ? 211 HOH A O     1 
HETATM 689 O O     . HOH C 3 .  ? 4.396   -5.356  -7.150  1.00 61.57  ? 212 HOH A O     1 
HETATM 690 O O     . HOH C 3 .  ? 0.559   -4.720  -6.507  1.00 29.98  ? 213 HOH A O     1 
HETATM 691 O O     . HOH C 3 .  ? 10.234  2.850   5.554   1.00 25.52  ? 214 HOH A O     1 
HETATM 692 O O     . HOH C 3 .  ? 9.595   1.858   8.050   1.00 18.51  ? 215 HOH A O     1 
HETATM 693 O O     . HOH C 3 .  ? 1.641   -4.634  -3.009  1.00 23.46  ? 216 HOH A O     1 
HETATM 694 O O     . HOH C 3 .  ? -9.601  -7.206  4.424   1.00 49.39  ? 217 HOH A O     1 
HETATM 695 O O     . HOH C 3 .  ? -1.359  9.959   8.652   1.00 23.40  ? 218 HOH A O     1 
HETATM 696 O O     . HOH C 3 .  ? -11.545 -3.585  2.450   1.00 29.84  ? 219 HOH A O     1 
HETATM 697 O O     . HOH C 3 .  ? -0.949  16.411  -1.121  1.00 40.65  ? 220 HOH A O     1 
HETATM 698 O O     . HOH C 3 .  ? 2.398   -0.710  -8.452  1.00 29.57  ? 221 HOH A O     1 
HETATM 699 O O     . HOH C 3 .  ? -9.309  -4.514  0.824   1.00 31.72  ? 222 HOH A O     1 
HETATM 700 O O     . HOH C 3 .  ? -6.778  11.819  -6.322  1.00 48.72  ? 223 HOH A O     1 
HETATM 701 O O     . HOH C 3 .  ? -14.013 -2.033  -4.782  1.00 65.24  ? 224 HOH A O     1 
HETATM 702 O O     . HOH C 3 .  ? -4.331  5.856   -6.832  1.00 37.70  ? 225 HOH A O     1 
HETATM 703 O O     . HOH C 3 .  ? -1.760  6.650   -6.217  1.00 36.30  ? 226 HOH A O     1 
HETATM 704 O O     . HOH C 3 .  ? -7.598  -5.989  8.455   1.00 51.69  ? 227 HOH A O     1 
HETATM 705 O O     . HOH C 3 .  ? -10.245 6.792   0.164   1.00 36.88  ? 228 HOH A O     1 
HETATM 706 O O     . HOH C 3 .  ? -8.478  -4.557  -13.958 1.00 40.19  ? 229 HOH A O     1 
HETATM 707 O O     . HOH C 3 .  ? 12.852  -6.709  11.380  1.00 47.47  ? 230 HOH A O     1 
HETATM 708 O O     . HOH C 3 .  ? 3.064   -6.010  -5.254  1.00 39.46  ? 231 HOH A O     1 
HETATM 709 O O     . HOH C 3 .  ? 3.877   11.308  -3.891  1.00 53.27  ? 232 HOH A O     1 
HETATM 710 O O     . HOH C 3 .  ? 18.274  -7.234  11.463  1.00 48.36  ? 233 HOH A O     1 
HETATM 711 O O     . HOH C 3 .  ? -11.942 5.367   -0.630  1.00 50.75  ? 234 HOH A O     1 
HETATM 712 O O     . HOH C 3 .  ? -1.421  6.259   -8.667  1.00 62.94  ? 235 HOH A O     1 
HETATM 713 O O     . HOH C 3 .  ? -7.320  7.812   8.973   1.00 61.77  ? 236 HOH A O     1 
HETATM 714 O O     . HOH C 3 .  ? -11.938 -7.855  4.531   1.00 64.01  ? 237 HOH A O     1 
HETATM 715 O O     . HOH C 3 .  ? 12.507  4.308   4.985   1.00 48.65  ? 238 HOH A O     1 
HETATM 716 O O     . HOH C 3 .  ? 15.390  -1.955  0.292   1.00 39.47  ? 239 HOH A O     1 
HETATM 717 O O     . HOH C 3 .  ? -9.737  8.822   7.734   1.00 47.16  ? 240 HOH A O     1 
HETATM 718 O O     . HOH C 3 .  ? -10.659 -5.915  -0.571  1.00 39.58  ? 241 HOH A O     1 
HETATM 719 O O     . HOH C 3 .  ? -8.957  -1.195  12.597  1.00 57.22  ? 242 HOH A O     1 
HETATM 720 O O     . HOH C 3 .  ? 5.167   8.984   -4.669  1.00 63.89  ? 243 HOH A O     1 
HETATM 721 O O     . HOH C 3 .  ? 5.524   10.770  -0.944  1.00 56.82  ? 244 HOH A O     1 
HETATM 722 O O     . HOH C 3 .  ? -9.634  11.513  -5.463  1.00 63.06  ? 245 HOH A O     1 
HETATM 723 O O     . HOH C 3 .  ? -2.445  18.268  -2.842  1.00 66.25  ? 246 HOH A O     1 
HETATM 724 O O     . HOH C 3 .  ? 6.301   -16.724 -6.448  1.00 79.26  ? 247 HOH A O     1 
HETATM 725 O O     . HOH C 3 .  ? -11.372 -7.822  2.050   1.00 50.19  ? 248 HOH A O     1 
HETATM 726 O O     . HOH C 3 .  ? -6.367  4.274   15.853  1.00 83.81  ? 249 HOH A O     1 
HETATM 727 O O     . HOH D 3 .  ? 7.212   -2.140  12.920  1.00 48.22  ? 101 HOH B O     1 
# 
loop_
_atom_site_anisotrop.id 
_atom_site_anisotrop.type_symbol 
_atom_site_anisotrop.pdbx_label_atom_id 
_atom_site_anisotrop.pdbx_label_alt_id 
_atom_site_anisotrop.pdbx_label_comp_id 
_atom_site_anisotrop.pdbx_label_asym_id 
_atom_site_anisotrop.pdbx_label_seq_id 
_atom_site_anisotrop.pdbx_PDB_ins_code 
_atom_site_anisotrop.U[1][1] 
_atom_site_anisotrop.U[2][2] 
_atom_site_anisotrop.U[3][3] 
_atom_site_anisotrop.U[1][2] 
_atom_site_anisotrop.U[1][3] 
_atom_site_anisotrop.U[2][3] 
_atom_site_anisotrop.pdbx_auth_seq_id 
_atom_site_anisotrop.pdbx_auth_comp_id 
_atom_site_anisotrop.pdbx_auth_asym_id 
_atom_site_anisotrop.pdbx_auth_atom_id 
1   N N     . LYS A 5  ? 0.8857 0.9714 0.9326 0.0046  -0.0554 -0.2599 52  LYS A N     
2   C CA    . LYS A 5  ? 0.8125 0.9475 0.8217 0.0068  -0.0526 -0.2476 52  LYS A CA    
3   C C     . LYS A 5  ? 0.6541 0.8056 0.6577 -0.0046 -0.0633 -0.2336 52  LYS A C     
4   O O     . LYS A 5  ? 0.6439 0.8257 0.6208 -0.0029 -0.0637 -0.2118 52  LYS A O     
5   C CB    . LYS A 5  ? 0.8806 1.0533 0.8717 0.0145  -0.0491 -0.2716 52  LYS A CB    
6   C CG    . LYS A 5  ? 0.9082 1.0616 0.9242 0.0241  -0.0446 -0.2977 52  LYS A CG    
7   C CD    . LYS A 5  ? 0.9218 1.1203 0.9219 0.0308  -0.0400 -0.3194 52  LYS A CD    
8   C CE    . LYS A 5  ? 1.0072 1.2134 1.0139 0.0244  -0.0510 -0.3440 52  LYS A CE    
9   N NZ    . LYS A 5  ? 0.9162 1.0759 0.9640 0.0249  -0.0574 -0.3662 52  LYS A NZ    
10  N N     . LYS A 6  ? 0.5304 0.6621 0.5620 -0.0165 -0.0728 -0.2451 53  LYS A N     
11  C CA    . LYS A 6  ? 0.4093 0.5611 0.4440 -0.0271 -0.0834 -0.2351 53  LYS A CA    
12  C C     . LYS A 6  ? 0.3592 0.5059 0.3933 -0.0263 -0.0780 -0.1940 53  LYS A C     
13  O O     . LYS A 6  ? 0.3551 0.4680 0.4085 -0.0298 -0.0706 -0.1778 53  LYS A O     
14  C CB    . LYS A 6  ? 0.4473 0.5760 0.5176 -0.0418 -0.0895 -0.2487 53  LYS A CB    
15  C CG    . LYS A 6  ? 0.4895 0.6476 0.5656 -0.0514 -0.0997 -0.2444 53  LYS A CG    
16  C CD    . LYS A 6  ? 0.6308 0.7745 0.7349 -0.0654 -0.1054 -0.2643 53  LYS A CD    
17  C CE    . LYS A 6  ? 0.6881 0.8308 0.7841 -0.0586 -0.1065 -0.2942 53  LYS A CE    
18  N NZ    . LYS A 6  ? 0.7102 0.8359 0.8349 -0.0726 -0.1135 -0.3152 53  LYS A NZ    
19  N N     . VAL A 7  ? 0.3712 0.5515 0.3829 -0.0213 -0.0832 -0.1778 54  VAL A N     
20  C CA    . VAL A 7  ? 0.3692 0.5448 0.3822 -0.0180 -0.0799 -0.1435 54  VAL A CA    
21  C C     . VAL A 7  ? 0.2988 0.4775 0.3420 -0.0275 -0.0864 -0.1409 54  VAL A C     
22  O O     . VAL A 7  ? 0.3135 0.5222 0.3628 -0.0317 -0.1000 -0.1538 54  VAL A O     
23  C CB    . VAL A 7  ? 0.3716 0.5761 0.3535 -0.0084 -0.0849 -0.1242 54  VAL A CB    
24  C CG1   . VAL A 7  ? 0.3684 0.5605 0.3569 -0.0035 -0.0822 -0.0926 54  VAL A CG1   
25  C CG2   . VAL A 7  ? 0.4299 0.6411 0.3819 -0.0026 -0.0761 -0.1268 54  VAL A CG2   
26  N N     . ILE A 8  ? 0.2874 0.4407 0.3493 -0.0311 -0.0766 -0.1251 55  ILE A N     
27  C CA    A ILE A 8  ? 0.3188 0.4795 0.4105 -0.0416 -0.0783 -0.1221 55  ILE A CA    
28  C CA    B ILE A 8  ? 0.3188 0.4797 0.4106 -0.0417 -0.0784 -0.1223 55  ILE A CA    
29  C C     . ILE A 8  ? 0.3363 0.5161 0.4285 -0.0316 -0.0799 -0.1019 55  ILE A C     
30  O O     . ILE A 8  ? 0.3480 0.5569 0.4603 -0.0337 -0.0882 -0.1052 55  ILE A O     
31  C CB    A ILE A 8  ? 0.3601 0.4869 0.4711 -0.0535 -0.0663 -0.1165 55  ILE A CB    
32  C CB    B ILE A 8  ? 0.3623 0.4892 0.4736 -0.0538 -0.0666 -0.1173 55  ILE A CB    
33  C CG1   A ILE A 8  ? 0.4071 0.5115 0.5288 -0.0647 -0.0690 -0.1386 55  ILE A CG1   
34  C CG1   B ILE A 8  ? 0.4132 0.5151 0.5311 -0.0624 -0.0685 -0.1386 55  ILE A CG1   
35  C CG2   A ILE A 8  ? 0.3771 0.5194 0.5149 -0.0649 -0.0636 -0.1084 55  ILE A CG2   
36  C CG2   B ILE A 8  ? 0.3788 0.5215 0.5190 -0.0673 -0.0651 -0.1124 55  ILE A CG2   
37  C CD1   A ILE A 8  ? 0.4278 0.5578 0.5660 -0.0762 -0.0819 -0.1631 55  ILE A CD1   
38  C CD1   B ILE A 8  ? 0.3894 0.4489 0.5207 -0.0707 -0.0591 -0.1279 55  ILE A CD1   
39  N N     . ALA A 9  ? 0.2638 0.4279 0.3375 -0.0201 -0.0731 -0.0831 56  ALA A N     
40  C CA    . ALA A 9  ? 0.2323 0.4062 0.3083 -0.0090 -0.0756 -0.0656 56  ALA A CA    
41  C C     . ALA A 9  ? 0.2637 0.4248 0.3122 0.0025  -0.0742 -0.0486 56  ALA A C     
42  O O     . ALA A 9  ? 0.2895 0.4324 0.3213 0.0011  -0.0655 -0.0483 56  ALA A O     
43  C CB    . ALA A 9  ? 0.2893 0.4553 0.3876 -0.0133 -0.0646 -0.0599 56  ALA A CB    
44  N N     . THR A 10 ? 0.2413 0.4124 0.2875 0.0138  -0.0838 -0.0340 57  THR A N     
45  C CA    . THR A 10 ? 0.2345 0.3893 0.2586 0.0210  -0.0820 -0.0138 57  THR A CA    
46  C C     . THR A 10 ? 0.2509 0.3923 0.2912 0.0299  -0.0827 0.0002  57  THR A C     
47  O O     . THR A 10 ? 0.2680 0.4217 0.3343 0.0351  -0.0887 -0.0053 57  THR A O     
48  C CB    . THR A 10 ? 0.3174 0.4906 0.3150 0.0255  -0.0952 -0.0036 57  THR A CB    
49  O OG1   . THR A 10 ? 0.3469 0.5394 0.3577 0.0343  -0.1135 0.0012  57  THR A OG1   
50  C CG2   . THR A 10 ? 0.3705 0.5610 0.3485 0.0179  -0.0941 -0.0219 57  THR A CG2   
51  N N     . LYS A 11 ? 0.2454 0.3644 0.2729 0.0312  -0.0765 0.0153  58  LYS A N     
52  C CA    . LYS A 11 ? 0.2855 0.3867 0.3272 0.0393  -0.0786 0.0270  58  LYS A CA    
53  C C     . LYS A 11 ? 0.2496 0.3508 0.3175 0.0396  -0.0707 0.0123  58  LYS A C     
54  O O     . LYS A 11 ? 0.2975 0.4017 0.3884 0.0496  -0.0767 0.0099  58  LYS A O     
55  C CB    . LYS A 11 ? 0.4210 0.5276 0.4681 0.0513  -0.0979 0.0404  58  LYS A CB    
56  C CG    . LYS A 11 ? 0.5539 0.6640 0.5692 0.0490  -0.1062 0.0604  58  LYS A CG    
57  C CD    . LYS A 11 ? 0.6647 0.7798 0.6845 0.0616  -0.1290 0.0778  58  LYS A CD    
58  C CE    . LYS A 11 ? 0.7872 0.9161 0.7690 0.0569  -0.1376 0.0985  58  LYS A CE    
59  N NZ    . LYS A 11 ? 0.8368 1.0008 0.8002 0.0497  -0.1351 0.0785  58  LYS A NZ    
60  N N     . VAL A 12 ? 0.2013 0.3011 0.2662 0.0291  -0.0574 0.0025  59  VAL A N     
61  C CA    . VAL A 12 ? 0.2014 0.3040 0.2836 0.0252  -0.0476 -0.0075 59  VAL A CA    
62  C C     . VAL A 12 ? 0.1723 0.2549 0.2511 0.0271  -0.0405 -0.0017 59  VAL A C     
63  O O     . VAL A 12 ? 0.2114 0.2775 0.2734 0.0246  -0.0375 0.0071  59  VAL A O     
64  C CB    . VAL A 12 ? 0.2209 0.3256 0.3003 0.0115  -0.0388 -0.0156 59  VAL A CB    
65  C CG1   . VAL A 12 ? 0.2298 0.3406 0.3229 0.0047  -0.0285 -0.0202 59  VAL A CG1   
66  C CG2   . VAL A 12 ? 0.2517 0.3757 0.3357 0.0072  -0.0470 -0.0251 59  VAL A CG2   
67  N N     . LEU A 13 ? 0.1777 0.2668 0.2742 0.0314  -0.0379 -0.0094 60  LEU A N     
68  C CA    . LEU A 13 ? 0.1922 0.2665 0.2867 0.0324  -0.0321 -0.0089 60  LEU A CA    
69  C C     . LEU A 13 ? 0.1573 0.2404 0.2475 0.0223  -0.0195 -0.0144 60  LEU A C     
70  O O     . LEU A 13 ? 0.1798 0.2841 0.2785 0.0167  -0.0149 -0.0212 60  LEU A O     
71  C CB    . LEU A 13 ? 0.2050 0.2807 0.3212 0.0453  -0.0387 -0.0171 60  LEU A CB    
72  C CG    . LEU A 13 ? 0.2598 0.3169 0.3803 0.0553  -0.0537 -0.0054 60  LEU A CG    
73  C CD1   . LEU A 13 ? 0.3416 0.4013 0.4925 0.0714  -0.0632 -0.0175 60  LEU A CD1   
74  C CD2   . LEU A 13 ? 0.2699 0.2985 0.3748 0.0498  -0.0530 0.0089  60  LEU A CD2   
75  N N     . GLY A 14 ? 0.1863 0.2552 0.2640 0.0189  -0.0146 -0.0095 61  GLY A N     
76  C CA    . GLY A 14 ? 0.1533 0.2298 0.2240 0.0101  -0.0054 -0.0102 61  GLY A CA    
77  C C     . GLY A 14 ? 0.1926 0.2604 0.2549 0.0107  -0.0039 -0.0089 61  GLY A C     
78  O O     . GLY A 14 ? 0.1989 0.2526 0.2626 0.0158  -0.0090 -0.0074 61  GLY A O     
79  N N     . THR A 15 ? 0.1815 0.2599 0.2352 0.0040  0.0025  -0.0081 62  THR A N     
80  C CA    A THR A 15 ? 0.1791 0.2558 0.2237 0.0041  0.0023  -0.0080 62  THR A CA    
81  C CA    B THR A 15 ? 0.1749 0.2506 0.2196 0.0043  0.0021  -0.0078 62  THR A CA    
82  C C     . THR A 15 ? 0.1965 0.2625 0.2277 -0.0010 0.0025  0.0066  62  THR A C     
83  O O     . THR A 15 ? 0.2150 0.2828 0.2410 -0.0081 0.0057  0.0148  62  THR A O     
84  C CB    A THR A 15 ? 0.2338 0.3375 0.2762 0.0022  0.0076  -0.0196 62  THR A CB    
85  C CB    B THR A 15 ? 0.2288 0.3305 0.2724 0.0034  0.0067  -0.0205 62  THR A CB    
86  O OG1   A THR A 15 ? 0.2722 0.3893 0.3331 0.0096  0.0076  -0.0369 62  THR A OG1   
87  O OG1   B THR A 15 ? 0.2081 0.3300 0.2437 -0.0063 0.0146  -0.0149 62  THR A OG1   
88  C CG2   A THR A 15 ? 0.1923 0.2968 0.2266 0.0035  0.0045  -0.0242 62  THR A CG2   
89  C CG2   B THR A 15 ? 0.2646 0.3741 0.3281 0.0131  0.0044  -0.0399 62  THR A CG2   
90  N N     . VAL A 16 ? 0.1609 0.2162 0.1900 0.0022  -0.0017 0.0096  63  VAL A N     
91  C CA    . VAL A 16 ? 0.1522 0.1997 0.1738 0.0011  -0.0035 0.0213  63  VAL A CA    
92  C C     . VAL A 16 ? 0.1971 0.2573 0.2060 -0.0035 -0.0033 0.0277  63  VAL A C     
93  O O     . VAL A 16 ? 0.2363 0.3128 0.2403 -0.0034 -0.0043 0.0205  63  VAL A O     
94  C CB    . VAL A 16 ? 0.1779 0.2205 0.2042 0.0058  -0.0076 0.0213  63  VAL A CB    
95  C CG1   . VAL A 16 ? 0.1516 0.1901 0.1754 0.0085  -0.0109 0.0309  63  VAL A CG1   
96  C CG2   . VAL A 16 ? 0.2045 0.2387 0.2383 0.0078  -0.0067 0.0194  63  VAL A CG2   
97  N N     . LYS A 17 ? 0.1759 0.2288 0.1789 -0.0086 -0.0028 0.0414  64  LYS A N     
98  C CA    . LYS A 17 ? 0.1950 0.2599 0.1821 -0.0151 -0.0033 0.0540  64  LYS A CA    
99  C C     . LYS A 17 ? 0.2244 0.2839 0.2074 -0.0082 -0.0131 0.0627  64  LYS A C     
100 O O     . LYS A 17 ? 0.2461 0.3257 0.2175 -0.0081 -0.0167 0.0622  64  LYS A O     
101 C CB    . LYS A 17 ? 0.3572 0.4129 0.3416 -0.0261 -0.0004 0.0698  64  LYS A CB    
102 C CG    . LYS A 17 ? 0.5120 0.5705 0.4782 -0.0333 -0.0042 0.0930  64  LYS A CG    
103 C CD    . LYS A 17 ? 0.6786 0.7219 0.6450 -0.0479 -0.0020 0.1126  64  LYS A CD    
104 C CE    . LYS A 17 ? 0.8459 0.8969 0.7893 -0.0582 -0.0053 0.1408  64  LYS A CE    
105 N NZ    . LYS A 17 ? 0.9136 1.0127 0.8351 -0.0658 0.0036  0.1362  64  LYS A NZ    
106 N N     . TRP A 18 ? 0.2258 0.2621 0.2201 -0.0014 -0.0181 0.0679  65  TRP A N     
107 C CA    . TRP A 18 ? 0.2093 0.2452 0.2086 0.0086  -0.0276 0.0709  65  TRP A CA    
108 C C     . TRP A 18 ? 0.2104 0.2298 0.2288 0.0176  -0.0281 0.0642  65  TRP A C     
109 O O     . TRP A 18 ? 0.2293 0.2320 0.2528 0.0158  -0.0241 0.0617  65  TRP A O     
110 C CB    . TRP A 18 ? 0.2550 0.2885 0.2431 0.0089  -0.0373 0.0924  65  TRP A CB    
111 C CG    . TRP A 18 ? 0.3545 0.3596 0.3438 0.0050  -0.0392 0.1099  65  TRP A CG    
112 C CD1   . TRP A 18 ? 0.4574 0.4605 0.4334 -0.0101 -0.0341 0.1239  65  TRP A CD1   
113 C CD2   . TRP A 18 ? 0.3337 0.3084 0.3420 0.0152  -0.0472 0.1140  65  TRP A CD2   
114 N NE1   . TRP A 18 ? 0.4997 0.4684 0.4857 -0.0121 -0.0393 0.1386  65  TRP A NE1   
115 C CE2   . TRP A 18 ? 0.4572 0.4059 0.4633 0.0048  -0.0481 0.1312  65  TRP A CE2   
116 C CE3   . TRP A 18 ? 0.3238 0.2931 0.3528 0.0319  -0.0532 0.1028  65  TRP A CE3   
117 C CZ2   . TRP A 18 ? 0.5194 0.4303 0.5452 0.0118  -0.0569 0.1361  65  TRP A CZ2   
118 C CZ3   . TRP A 18 ? 0.3894 0.3274 0.4372 0.0410  -0.0607 0.1054  65  TRP A CZ3   
119 C CH2   . TRP A 18 ? 0.4459 0.3517 0.4925 0.0315  -0.0634 0.1212  65  TRP A CH2   
120 N N     . PHE A 19 ? 0.1959 0.2252 0.2253 0.0264  -0.0326 0.0585  66  PHE A N     
121 C CA    . PHE A 19 ? 0.1864 0.2093 0.2338 0.0358  -0.0318 0.0501  66  PHE A CA    
122 C C     . PHE A 19 ? 0.2221 0.2562 0.2831 0.0475  -0.0415 0.0521  66  PHE A C     
123 O O     . PHE A 19 ? 0.1938 0.2514 0.2561 0.0465  -0.0445 0.0498  66  PHE A O     
124 C CB    . PHE A 19 ? 0.1838 0.2175 0.2355 0.0322  -0.0226 0.0366  66  PHE A CB    
125 C CG    . PHE A 19 ? 0.1957 0.2316 0.2616 0.0400  -0.0194 0.0270  66  PHE A CG    
126 C CD1   . PHE A 19 ? 0.2594 0.2797 0.3252 0.0413  -0.0164 0.0216  66  PHE A CD1   
127 C CD2   . PHE A 19 ? 0.1854 0.2441 0.2664 0.0453  -0.0191 0.0209  66  PHE A CD2   
128 C CE1   . PHE A 19 ? 0.2400 0.2679 0.3171 0.0493  -0.0130 0.0081  66  PHE A CE1   
129 C CE2   . PHE A 19 ? 0.2194 0.2886 0.3134 0.0527  -0.0141 0.0093  66  PHE A CE2   
130 C CZ    . PHE A 19 ? 0.2235 0.2774 0.3139 0.0554  -0.0108 0.0019  66  PHE A CZ    
131 N N     . ASN A 20 ? 0.2128 0.2307 0.2873 0.0592  -0.0479 0.0547  67  ASN A N     
132 C CA    . ASN A 20 ? 0.2257 0.2546 0.3169 0.0737  -0.0601 0.0576  67  ASN A CA    
133 C C     . ASN A 20 ? 0.2411 0.2860 0.3586 0.0854  -0.0556 0.0378  67  ASN A C     
134 O O     . ASN A 20 ? 0.2349 0.2639 0.3621 0.0917  -0.0519 0.0278  67  ASN A O     
135 C CB    . ASN A 20 ? 0.2618 0.2616 0.3538 0.0816  -0.0741 0.0765  67  ASN A CB    
136 C CG    . ASN A 20 ? 0.3381 0.3502 0.4477 0.0989  -0.0908 0.0825  67  ASN A CG    
137 O OD1   . ASN A 20 ? 0.3245 0.3491 0.4627 0.1144  -0.0922 0.0664  67  ASN A OD1   
138 N ND2   . ASN A 20 ? 0.3720 0.3859 0.4647 0.0969  -0.1038 0.1054  67  ASN A ND2   
139 N N     . VAL A 21 ? 0.2110 0.2914 0.3416 0.0875  -0.0555 0.0304  68  VAL A N     
140 C CA    . VAL A 21 ? 0.2457 0.3519 0.4003 0.0946  -0.0471 0.0114  68  VAL A CA    
141 C C     . VAL A 21 ? 0.2135 0.3227 0.3981 0.1179  -0.0571 0.0038  68  VAL A C     
142 O O     . VAL A 21 ? 0.2720 0.4022 0.4781 0.1269  -0.0491 -0.0161 68  VAL A O     
143 C CB    . VAL A 21 ? 0.2150 0.3611 0.3774 0.0846  -0.0419 0.0061  68  VAL A CB    
144 C CG1   . VAL A 21 ? 0.2646 0.4026 0.4032 0.0638  -0.0327 0.0105  68  VAL A CG1   
145 C CG2   . VAL A 21 ? 0.2143 0.3803 0.3882 0.0908  -0.0576 0.0123  68  VAL A CG2   
146 N N     . ARG A 22 ? 0.2374 0.3281 0.4245 0.1287  -0.0753 0.0195  69  ARG A N     
147 C CA    . ARG A 22 ? 0.2662 0.3513 0.4826 0.1524  -0.0873 0.0149  69  ARG A CA    
148 C C     . ARG A 22 ? 0.2944 0.3373 0.5108 0.1567  -0.0840 0.0081  69  ARG A C     
149 O O     . ARG A 22 ? 0.3672 0.4134 0.6041 0.1690  -0.0798 -0.0121 69  ARG A O     
150 C CB    . ARG A 22 ? 0.3269 0.4029 0.5356 0.1574  -0.1054 0.0391  69  ARG A CB    
151 C CG    . ARG A 22 ? 0.5626 0.6208 0.7894 0.1764  -0.1147 0.0402  69  ARG A CG    
152 C CD    . ARG A 22 ? 0.8031 0.8544 1.0169 0.1808  -0.1327 0.0674  69  ARG A CD    
153 N NE    . ARG A 22 ? 0.9649 0.9623 1.1595 0.1788  -0.1400 0.0878  69  ARG A NE    
154 C CZ    . ARG A 22 ? 1.1436 1.1248 1.3259 0.1842  -0.1555 0.1126  69  ARG A CZ    
155 N NH1   . ARG A 22 ? 1.1822 1.1985 1.3692 0.1947  -0.1669 0.1189  69  ARG A NH1   
156 N NH2   . ARG A 22 ? 1.2197 1.1518 1.3862 0.1780  -0.1598 0.1317  69  ARG A NH2   
157 N N     . ASN A 23 ? 0.2899 0.2957 0.4834 0.1441  -0.0856 0.0238  70  ASN A N     
158 C CA    . ASN A 23 ? 0.3361 0.2998 0.5302 0.1441  -0.0844 0.0184  70  ASN A CA    
159 C C     . ASN A 23 ? 0.3084 0.2830 0.4973 0.1354  -0.0666 -0.0052 70  ASN A C     
160 O O     . ASN A 23 ? 0.3593 0.3124 0.5593 0.1409  -0.0657 -0.0222 70  ASN A O     
161 C CB    . ASN A 23 ? 0.4614 0.3848 0.6318 0.1296  -0.0919 0.0477  70  ASN A CB    
162 C CG    . ASN A 23 ? 0.6842 0.5842 0.8547 0.1369  -0.1062 0.0675  70  ASN A CG    
163 O OD1   . ASN A 23 ? 0.7657 0.6702 0.9167 0.1311  -0.1140 0.0926  70  ASN A OD1   
164 N ND2   . ASN A 23 ? 0.8402 0.7169 1.0325 0.1499  -0.1104 0.0551  70  ASN A ND2   
165 N N     . GLY A 24 ? 0.2556 0.2637 0.4264 0.1210  -0.0533 -0.0061 71  GLY A N     
166 C CA    . GLY A 24 ? 0.2365 0.2609 0.3964 0.1108  -0.0368 -0.0230 71  GLY A CA    
167 C C     . GLY A 24 ? 0.2939 0.2908 0.4308 0.0950  -0.0329 -0.0174 71  GLY A C     
168 O O     . GLY A 24 ? 0.2748 0.2775 0.4068 0.0915  -0.0243 -0.0338 71  GLY A O     
169 N N     . TYR A 25 ? 0.2407 0.2140 0.3633 0.0851  -0.0394 0.0048  72  TYR A N     
170 C CA    . TYR A 25 ? 0.2379 0.1940 0.3420 0.0685  -0.0347 0.0100  72  TYR A CA    
171 C C     . TYR A 25 ? 0.2721 0.2274 0.3573 0.0559  -0.0361 0.0325  72  TYR A C     
172 O O     . TYR A 25 ? 0.2533 0.2166 0.3375 0.0597  -0.0427 0.0448  72  TYR A O     
173 C CB    . TYR A 25 ? 0.2683 0.1873 0.3836 0.0700  -0.0412 0.0056  72  TYR A CB    
174 C CG    . TYR A 25 ? 0.3003 0.1860 0.4218 0.0714  -0.0547 0.0282  72  TYR A CG    
175 C CD1   . TYR A 25 ? 0.4299 0.3012 0.5344 0.0535  -0.0552 0.0512  72  TYR A CD1   
176 C CD2   . TYR A 25 ? 0.4173 0.2885 0.5625 0.0908  -0.0674 0.0277  72  TYR A CD2   
177 C CE1   . TYR A 25 ? 0.4703 0.3132 0.5762 0.0516  -0.0673 0.0770  72  TYR A CE1   
178 C CE2   . TYR A 25 ? 0.4788 0.3165 0.6281 0.0919  -0.0824 0.0537  72  TYR A CE2   
179 C CZ    . TYR A 25 ? 0.4789 0.3025 0.6059 0.0707  -0.0819 0.0804  72  TYR A CZ    
180 O OH    . TYR A 25 ? 0.5954 0.3943 0.7162 0.0664  -0.0923 0.1076  72  TYR A OH    
181 N N     . GLY A 26 ? 0.2255 0.1758 0.2967 0.0413  -0.0304 0.0355  73  GLY A N     
182 C CA    . GLY A 26 ? 0.2240 0.1781 0.2785 0.0292  -0.0298 0.0525  73  GLY A CA    
183 C C     . GLY A 26 ? 0.2303 0.1784 0.2787 0.0153  -0.0239 0.0515  73  GLY A C     
184 O O     . GLY A 26 ? 0.2405 0.1733 0.2986 0.0144  -0.0241 0.0419  73  GLY A O     
185 N N     . PHE A 27 ? 0.2141 0.1784 0.2490 0.0049  -0.0191 0.0585  74  PHE A N     
186 C CA    . PHE A 27 ? 0.2119 0.1797 0.2449 -0.0079 -0.0131 0.0564  74  PHE A CA    
187 C C     . PHE A 27 ? 0.2627 0.2569 0.2889 -0.0094 -0.0069 0.0486  74  PHE A C     
188 O O     . PHE A 27 ? 0.1967 0.2051 0.2150 -0.0070 -0.0069 0.0508  74  PHE A O     
189 C CB    . PHE A 27 ? 0.2381 0.1978 0.2663 -0.0215 -0.0136 0.0752  74  PHE A CB    
190 C CG    . PHE A 27 ? 0.2723 0.1964 0.3125 -0.0222 -0.0215 0.0836  74  PHE A CG    
191 C CD1   . PHE A 27 ? 0.3566 0.2651 0.4106 -0.0310 -0.0211 0.0753  74  PHE A CD1   
192 C CD2   . PHE A 27 ? 0.3474 0.2535 0.3883 -0.0134 -0.0316 0.0981  74  PHE A CD2   
193 C CE1   . PHE A 27 ? 0.3708 0.2413 0.4404 -0.0317 -0.0299 0.0798  74  PHE A CE1   
194 C CE2   . PHE A 27 ? 0.4037 0.2714 0.4605 -0.0117 -0.0412 0.1048  74  PHE A CE2   
195 C CZ    . PHE A 27 ? 0.4113 0.2590 0.4830 -0.0213 -0.0401 0.0949  74  PHE A CZ    
196 N N     . ILE A 28 ? 0.2031 0.2035 0.2351 -0.0126 -0.0035 0.0381  75  ILE A N     
197 C CA    . ILE A 28 ? 0.1656 0.1869 0.1971 -0.0122 0.0002  0.0299  75  ILE A CA    
198 C C     . ILE A 28 ? 0.2265 0.2623 0.2624 -0.0232 0.0049  0.0296  75  ILE A C     
199 O O     . ILE A 28 ? 0.2208 0.2497 0.2645 -0.0310 0.0045  0.0297  75  ILE A O     
200 C CB    . ILE A 28 ? 0.1915 0.2128 0.2277 -0.0052 -0.0020 0.0197  75  ILE A CB    
201 C CG1   . ILE A 28 ? 0.2289 0.2438 0.2622 0.0028  -0.0038 0.0203  75  ILE A CG1   
202 C CG2   . ILE A 28 ? 0.2191 0.2566 0.2594 -0.0031 -0.0014 0.0134  75  ILE A CG2   
203 C CD1   . ILE A 28 ? 0.2535 0.2702 0.2867 0.0066  -0.0048 0.0141  75  ILE A CD1   
204 N N     . ASN A 29 ? 0.1859 0.2450 0.2193 -0.0247 0.0095  0.0265  76  ASN A N     
205 C CA    . ASN A 29 ? 0.1818 0.2652 0.2232 -0.0345 0.0159  0.0227  76  ASN A CA    
206 C C     . ASN A 29 ? 0.1767 0.2734 0.2339 -0.0264 0.0140  0.0067  76  ASN A C     
207 O O     . ASN A 29 ? 0.1653 0.2671 0.2246 -0.0152 0.0117  -0.0023 76  ASN A O     
208 C CB    . ASN A 29 ? 0.2078 0.3177 0.2388 -0.0398 0.0231  0.0247  76  ASN A CB    
209 C CG    . ASN A 29 ? 0.2539 0.3953 0.2929 -0.0534 0.0327  0.0230  76  ASN A CG    
210 O OD1   . ASN A 29 ? 0.2459 0.4181 0.2970 -0.0486 0.0372  0.0055  76  ASN A OD1   
211 N ND2   . ASN A 29 ? 0.2623 0.3971 0.2978 -0.0706 0.0355  0.0410  76  ASN A ND2   
212 N N     . ARG A 30 ? 0.1563 0.2577 0.2263 -0.0323 0.0127  0.0033  77  ARG A N     
213 C CA    . ARG A 30 ? 0.1508 0.2678 0.2370 -0.0237 0.0078  -0.0098 77  ARG A CA    
214 C C     . ARG A 30 ? 0.1416 0.2925 0.2408 -0.0203 0.0130  -0.0213 77  ARG A C     
215 O O     . ARG A 30 ? 0.1743 0.3505 0.2770 -0.0324 0.0228  -0.0214 77  ARG A O     
216 C CB    . ARG A 30 ? 0.1488 0.2707 0.2475 -0.0324 0.0044  -0.0132 77  ARG A CB    
217 C CG    . ARG A 30 ? 0.1657 0.2586 0.2552 -0.0323 -0.0022 -0.0102 77  ARG A CG    
218 C CD    . ARG A 30 ? 0.1639 0.2634 0.2676 -0.0438 -0.0058 -0.0175 77  ARG A CD    
219 N NE    . ARG A 30 ? 0.1683 0.2955 0.2862 -0.0378 -0.0127 -0.0290 77  ARG A NE    
220 C CZ    . ARG A 30 ? 0.2342 0.3725 0.3640 -0.0439 -0.0202 -0.0392 77  ARG A CZ    
221 N NH1   . ARG A 30 ? 0.2723 0.3920 0.4028 -0.0568 -0.0209 -0.0417 77  ARG A NH1   
222 N NH2   . ARG A 30 ? 0.2770 0.4442 0.4199 -0.0360 -0.0288 -0.0482 77  ARG A NH2   
223 N N     . ASN A 31 ? 0.1457 0.2989 0.2546 -0.0041 0.0062  -0.0313 78  ASN A N     
224 C CA    . ASN A 31 ? 0.1862 0.3716 0.3131 0.0034  0.0099  -0.0478 78  ASN A CA    
225 C C     . ASN A 31 ? 0.2056 0.4273 0.3586 0.0010  0.0104  -0.0582 78  ASN A C     
226 O O     . ASN A 31 ? 0.2135 0.4743 0.3837 0.0023  0.0182  -0.0733 78  ASN A O     
227 C CB    . ASN A 31 ? 0.2255 0.3953 0.3599 0.0225  -0.0001 -0.0555 78  ASN A CB    
228 C CG    . ASN A 31 ? 0.2303 0.3755 0.3456 0.0226  0.0009  -0.0504 78  ASN A CG    
229 O OD1   . ASN A 31 ? 0.2161 0.3631 0.3131 0.0113  0.0091  -0.0436 78  ASN A OD1   
230 N ND2   . ASN A 31 ? 0.2478 0.3705 0.3693 0.0349  -0.0089 -0.0528 78  ASN A ND2   
231 N N     . ASP A 32 ? 0.1341 0.3483 0.2912 -0.0027 0.0025  -0.0528 79  ASP A N     
232 C CA    . ASP A 32 ? 0.1646 0.4153 0.3498 -0.0041 -0.0004 -0.0639 79  ASP A CA    
233 C C     . ASP A 32 ? 0.1392 0.4142 0.3300 -0.0287 0.0119  -0.0617 79  ASP A C     
234 O O     . ASP A 32 ? 0.1620 0.4819 0.3808 -0.0339 0.0154  -0.0737 79  ASP A O     
235 C CB    . ASP A 32 ? 0.1820 0.4186 0.3688 0.0037  -0.0174 -0.0612 79  ASP A CB    
236 C CG    . ASP A 32 ? 0.2073 0.4131 0.3709 -0.0092 -0.0185 -0.0494 79  ASP A CG    
237 O OD1   . ASP A 32 ? 0.1858 0.3684 0.3304 -0.0183 -0.0096 -0.0399 79  ASP A OD1   
238 O OD2   . ASP A 32 ? 0.2276 0.4341 0.3929 -0.0088 -0.0299 -0.0513 79  ASP A OD2   
239 N N     . THR A 33 ? 0.1492 0.3955 0.3168 -0.0446 0.0178  -0.0456 80  THR A N     
240 C CA    . THR A 33 ? 0.1607 0.4201 0.3334 -0.0707 0.0277  -0.0381 80  THR A CA    
241 C C     . THR A 33 ? 0.1724 0.4261 0.3231 -0.0832 0.0405  -0.0224 80  THR A C     
242 O O     . THR A 33 ? 0.1909 0.4614 0.3452 -0.1066 0.0506  -0.0124 80  THR A O     
243 C CB    . THR A 33 ? 0.1753 0.4020 0.3459 -0.0814 0.0189  -0.0317 80  THR A CB    
244 O OG1   . THR A 33 ? 0.1707 0.3500 0.3142 -0.0751 0.0153  -0.0197 80  THR A OG1   
245 C CG2   . THR A 33 ? 0.1604 0.3974 0.3479 -0.0704 0.0044  -0.0467 80  THR A CG2   
246 N N     . LYS A 34 ? 0.1676 0.3986 0.2959 -0.0691 0.0387  -0.0187 81  LYS A N     
247 C CA    . LYS A 34 ? 0.2073 0.4337 0.3108 -0.0772 0.0473  -0.0040 81  LYS A CA    
248 C C     . LYS A 34 ? 0.2642 0.4539 0.3544 -0.0938 0.0454  0.0198  81  LYS A C     
249 O O     . LYS A 34 ? 0.2494 0.4396 0.3218 -0.1068 0.0519  0.0381  81  LYS A O     
250 C CB    . LYS A 34 ? 0.2694 0.5504 0.3770 -0.0877 0.0626  -0.0095 81  LYS A CB    
251 C CG    . LYS A 34 ? 0.3122 0.6325 0.4403 -0.0690 0.0641  -0.0383 81  LYS A CG    
252 C CD    . LYS A 34 ? 0.3229 0.6167 0.4423 -0.0447 0.0542  -0.0481 81  LYS A CD    
253 C CE    . LYS A 34 ? 0.4172 0.7447 0.5628 -0.0252 0.0537  -0.0775 81  LYS A CE    
254 N NZ    . LYS A 34 ? 0.2786 0.5711 0.4257 -0.0022 0.0398  -0.0860 81  LYS A NZ    
255 N N     . GLU A 35 ? 0.2315 0.3897 0.3302 -0.0923 0.0351  0.0188  82  GLU A N     
256 C CA    . GLU A 35 ? 0.2704 0.3858 0.3621 -0.1023 0.0300  0.0356  82  GLU A CA    
257 C C     . GLU A 35 ? 0.2802 0.3600 0.3554 -0.0838 0.0214  0.0376  82  GLU A C     
258 O O     . GLU A 35 ? 0.1970 0.2778 0.2721 -0.0665 0.0166  0.0240  82  GLU A O     
259 C CB    . GLU A 35 ? 0.2264 0.3312 0.3398 -0.1119 0.0237  0.0274  82  GLU A CB    
260 C CG    . GLU A 35 ? 0.3669 0.5029 0.5011 -0.1364 0.0316  0.0289  82  GLU A CG    
261 C CD    . GLU A 35 ? 0.4993 0.6263 0.6256 -0.1601 0.0395  0.0558  82  GLU A CD    
262 O OE1   . GLU A 35 ? 0.6137 0.6921 0.7312 -0.1624 0.0320  0.0715  82  GLU A OE1   
263 O OE2   . GLU A 35 ? 0.5188 0.6892 0.6483 -0.1763 0.0528  0.0618  82  GLU A OE2   
264 N N     . ASP A 36 ? 0.2721 0.3217 0.3356 -0.0881 0.0187  0.0560  83  ASP A N     
265 C CA    . ASP A 36 ? 0.2746 0.2944 0.3284 -0.0709 0.0104  0.0564  83  ASP A CA    
266 C C     . ASP A 36 ? 0.2771 0.2718 0.3436 -0.0655 0.0024  0.0438  83  ASP A C     
267 O O     . ASP A 36 ? 0.2846 0.2658 0.3652 -0.0784 0.0000  0.0431  83  ASP A O     
268 C CB    . ASP A 36 ? 0.3140 0.3119 0.3549 -0.0742 0.0073  0.0796  83  ASP A CB    
269 C CG    . ASP A 36 ? 0.4641 0.4901 0.4854 -0.0751 0.0131  0.0891  83  ASP A CG    
270 O OD1   . ASP A 36 ? 0.3589 0.4149 0.3785 -0.0680 0.0184  0.0731  83  ASP A OD1   
271 O OD2   . ASP A 36 ? 0.5067 0.5242 0.5145 -0.0822 0.0110  0.1122  83  ASP A OD2   
272 N N     . VAL A 37 ? 0.2239 0.2158 0.2855 -0.0479 -0.0013 0.0325  84  VAL A N     
273 C CA    A VAL A 37 ? 0.2940 0.2684 0.3621 -0.0405 -0.0078 0.0188  84  VAL A CA    
274 C CA    B VAL A 37 ? 0.2170 0.1900 0.2854 -0.0409 -0.0079 0.0192  84  VAL A CA    
275 C C     . VAL A 37 ? 0.2199 0.1750 0.2823 -0.0269 -0.0113 0.0219  84  VAL A C     
276 O O     . VAL A 37 ? 0.2274 0.1932 0.2794 -0.0188 -0.0092 0.0273  84  VAL A O     
277 C CB    A VAL A 37 ? 0.2319 0.2283 0.2988 -0.0327 -0.0086 0.0031  84  VAL A CB    
278 C CB    B VAL A 37 ? 0.2494 0.2435 0.3182 -0.0341 -0.0092 0.0021  84  VAL A CB    
279 C CG1   A VAL A 37 ? 0.2384 0.2249 0.3077 -0.0271 -0.0143 -0.0127 84  VAL A CG1   
280 C CG1   B VAL A 37 ? 0.2478 0.2600 0.3298 -0.0464 -0.0095 -0.0052 84  VAL A CG1   
281 C CG2   A VAL A 37 ? 0.2345 0.2558 0.3112 -0.0426 -0.0068 -0.0009 84  VAL A CG2   
282 C CG2   B VAL A 37 ? 0.1861 0.1974 0.2439 -0.0233 -0.0066 0.0045  84  VAL A CG2   
283 N N     . PHE A 38 ? 0.2418 0.1706 0.3147 -0.0243 -0.0173 0.0160  85  PHE A N     
284 C CA    . PHE A 38 ? 0.2512 0.1665 0.3257 -0.0085 -0.0213 0.0131  85  PHE A CA    
285 C C     . PHE A 38 ? 0.2384 0.1775 0.3055 0.0036  -0.0178 -0.0014 85  PHE A C     
286 O O     . PHE A 38 ? 0.2600 0.2132 0.3247 0.0019  -0.0164 -0.0153 85  PHE A O     
287 C CB    . PHE A 38 ? 0.2806 0.1634 0.3737 -0.0071 -0.0291 0.0033  85  PHE A CB    
288 C CG    . PHE A 38 ? 0.2981 0.1706 0.3999 0.0125  -0.0339 -0.0059 85  PHE A CG    
289 C CD1   . PHE A 38 ? 0.3185 0.1730 0.4251 0.0198  -0.0403 0.0121  85  PHE A CD1   
290 C CD2   . PHE A 38 ? 0.3374 0.2232 0.4434 0.0238  -0.0324 -0.0332 85  PHE A CD2   
291 C CE1   . PHE A 38 ? 0.3159 0.1656 0.4368 0.0401  -0.0456 0.0011  85  PHE A CE1   
292 C CE2   . PHE A 38 ? 0.3706 0.2548 0.4885 0.0424  -0.0351 -0.0455 85  PHE A CE2   
293 C CZ    . PHE A 38 ? 0.3488 0.2148 0.4769 0.0515  -0.0419 -0.0291 85  PHE A CZ    
294 N N     . VAL A 39 ? 0.2183 0.1644 0.2821 0.0144  -0.0170 0.0030  86  VAL A N     
295 C CA    . VAL A 39 ? 0.2276 0.1962 0.2867 0.0228  -0.0128 -0.0086 86  VAL A CA    
296 C C     . VAL A 39 ? 0.2716 0.2395 0.3418 0.0368  -0.0145 -0.0151 86  VAL A C     
297 O O     . VAL A 39 ? 0.2533 0.2162 0.3283 0.0414  -0.0181 -0.0031 86  VAL A O     
298 C CB    . VAL A 39 ? 0.2151 0.2040 0.2622 0.0197  -0.0084 0.0010  86  VAL A CB    
299 C CG1   . VAL A 39 ? 0.2226 0.2093 0.2686 0.0192  -0.0099 0.0157  86  VAL A CG1   
300 C CG2   . VAL A 39 ? 0.2208 0.2305 0.2639 0.0248  -0.0041 -0.0059 86  VAL A CG2   
301 N N     . HIS A 40 ? 0.2242 0.2016 0.2994 0.0441  -0.0125 -0.0358 87  HIS A N     
302 C CA    . HIS A 40 ? 0.2479 0.2347 0.3378 0.0593  -0.0124 -0.0470 87  HIS A CA    
303 C C     . HIS A 40 ? 0.2262 0.2506 0.3073 0.0590  -0.0032 -0.0464 87  HIS A C     
304 O O     . HIS A 40 ? 0.2397 0.2787 0.3037 0.0493  0.0020  -0.0427 87  HIS A O     
305 C CB    . HIS A 40 ? 0.3104 0.2918 0.4141 0.0687  -0.0142 -0.0749 87  HIS A CB    
306 C CG    . HIS A 40 ? 0.4041 0.3960 0.5298 0.0876  -0.0150 -0.0898 87  HIS A CG    
307 N ND1   . HIS A 40 ? 0.3943 0.4264 0.5211 0.0954  -0.0054 -0.1124 87  HIS A ND1   
308 C CD2   . HIS A 40 ? 0.4143 0.3865 0.5626 0.1008  -0.0244 -0.0845 87  HIS A CD2   
309 C CE1   . HIS A 40 ? 0.3472 0.3863 0.5004 0.1134  -0.0079 -0.1239 87  HIS A CE1   
310 N NE2   . HIS A 40 ? 0.4430 0.4438 0.6104 0.1182  -0.0209 -0.1069 87  HIS A NE2   
311 N N     . GLN A 41 ? 0.2602 0.3010 0.3556 0.0693  -0.0022 -0.0490 88  GLN A N     
312 C CA    A GLN A 41 ? 0.1911 0.2686 0.2821 0.0651  0.0069  -0.0457 88  GLN A CA    
313 C CA    B GLN A 41 ? 0.2593 0.3371 0.3511 0.0659  0.0069  -0.0466 88  GLN A CA    
314 C C     . GLN A 41 ? 0.2061 0.3129 0.2839 0.0605  0.0174  -0.0579 88  GLN A C     
315 O O     . GLN A 41 ? 0.2625 0.3883 0.3266 0.0488  0.0238  -0.0457 88  GLN A O     
316 C CB    A GLN A 41 ? 0.1927 0.2898 0.3076 0.0774  0.0059  -0.0505 88  GLN A CB    
317 C CB    B GLN A 41 ? 0.3270 0.4238 0.4441 0.0795  0.0058  -0.0538 88  GLN A CB    
318 C CG    A GLN A 41 ? 0.2139 0.3167 0.3509 0.0958  0.0049  -0.0758 88  GLN A CG    
319 C CG    B GLN A 41 ? 0.1795 0.3058 0.2988 0.0722  0.0107  -0.0432 88  GLN A CG    
320 C CD    A GLN A 41 ? 0.2279 0.3461 0.3946 0.1117  -0.0005 -0.0792 88  GLN A CD    
321 C CD    B GLN A 41 ? 0.3003 0.4329 0.4439 0.0838  0.0020  -0.0412 88  GLN A CD    
322 O OE1   A GLN A 41 ? 0.2254 0.3564 0.3944 0.1067  -0.0024 -0.0635 88  GLN A OE1   
323 O OE1   B GLN A 41 ? 0.2613 0.3891 0.4260 0.1019  -0.0046 -0.0532 88  GLN A OE1   
324 N NE2   A GLN A 41 ? 0.2406 0.3579 0.4332 0.1319  -0.0046 -0.1020 88  GLN A NE2   
325 N NE2   B GLN A 41 ? 0.1675 0.3098 0.3098 0.0744  0.0001  -0.0270 88  GLN A NE2   
326 N N     . THR A 42 ? 0.2260 0.3359 0.3071 0.0687  0.0182  -0.0813 89  THR A N     
327 C CA    . THR A 42 ? 0.2721 0.4172 0.3365 0.0647  0.0279  -0.0948 89  THR A CA    
328 C C     . THR A 42 ? 0.2711 0.4089 0.3080 0.0503  0.0260  -0.0809 89  THR A C     
329 O O     . THR A 42 ? 0.2959 0.4639 0.3122 0.0437  0.0324  -0.0818 89  THR A O     
330 C CB    . THR A 42 ? 0.2858 0.4380 0.3610 0.0784  0.0279  -0.1298 89  THR A CB    
331 O OG1   . THR A 42 ? 0.3679 0.4757 0.4485 0.0797  0.0159  -0.1351 89  THR A OG1   
332 C CG2   . THR A 42 ? 0.3967 0.5636 0.5036 0.0964  0.0297  -0.1474 89  THR A CG2   
333 N N     . ALA A 43 ? 0.2368 0.3384 0.2736 0.0458  0.0168  -0.0673 90  ALA A N     
334 C CA    . ALA A 43 ? 0.2468 0.3430 0.2644 0.0350  0.0131  -0.0557 90  ALA A CA    
335 C C     . ALA A 43 ? 0.2835 0.3846 0.2912 0.0259  0.0148  -0.0305 90  ALA A C     
336 O O     . ALA A 43 ? 0.2830 0.3817 0.2777 0.0194  0.0106  -0.0198 90  ALA A O     
337 C CB    . ALA A 43 ? 0.2803 0.3427 0.3063 0.0332  0.0040  -0.0551 90  ALA A CB    
338 N N     . ILE A 44 ? 0.2215 0.3285 0.2391 0.0261  0.0192  -0.0224 91  ILE A N     
339 C CA    . ILE A 44 ? 0.2185 0.3248 0.2330 0.0168  0.0195  -0.0015 91  ILE A CA    
340 C C     . ILE A 44 ? 0.3381 0.4751 0.3414 0.0088  0.0277  0.0057  91  ILE A C     
341 O O     . ILE A 44 ? 0.3351 0.5012 0.3434 0.0112  0.0366  -0.0051 91  ILE A O     
342 C CB    . ILE A 44 ? 0.2375 0.3359 0.2701 0.0187  0.0184  0.0024  91  ILE A CB    
343 C CG1   . ILE A 44 ? 0.2206 0.2922 0.2597 0.0247  0.0108  -0.0006 91  ILE A CG1   
344 C CG2   . ILE A 44 ? 0.2376 0.3339 0.2706 0.0083  0.0177  0.0190  91  ILE A CG2   
345 C CD1   . ILE A 44 ? 0.2301 0.2986 0.2838 0.0289  0.0076  0.0024  91  ILE A CD1   
346 N N     . LYS A 45 ? 0.2486 0.3815 0.2381 -0.0008 0.0246  0.0246  92  LYS A N     
347 C CA    . LYS A 45 ? 0.3206 0.4812 0.2966 -0.0120 0.0319  0.0383  92  LYS A CA    
348 C C     . LYS A 45 ? 0.3878 0.5559 0.3814 -0.0207 0.0381  0.0476  92  LYS A C     
349 O O     . LYS A 45 ? 0.4106 0.5545 0.4214 -0.0200 0.0322  0.0500  92  LYS A O     
350 C CB    . LYS A 45 ? 0.3981 0.5472 0.3556 -0.0189 0.0234  0.0599  92  LYS A CB    
351 C CG    . LYS A 45 ? 0.5300 0.6868 0.4678 -0.0128 0.0177  0.0504  92  LYS A CG    
352 C CD    . LYS A 45 ? 0.6841 0.8405 0.6011 -0.0193 0.0086  0.0752  92  LYS A CD    
353 C CE    . LYS A 45 ? 0.7696 0.9326 0.6719 -0.0120 -0.0014 0.0643  92  LYS A CE    
354 N NZ    . LYS A 45 ? 0.8188 0.9804 0.7034 -0.0154 -0.0144 0.0904  92  LYS A NZ    
355 N N     . LYS A 46 ? 0.4878 0.6945 0.4780 -0.0298 0.0502  0.0507  93  LYS A N     
356 C CA    . LYS A 46 ? 0.5340 0.7556 0.5459 -0.0398 0.0569  0.0567  93  LYS A CA    
357 C C     . LYS A 46 ? 0.5853 0.7805 0.6007 -0.0561 0.0504  0.0834  93  LYS A C     
358 O O     . LYS A 46 ? 0.6633 0.8373 0.6611 -0.0609 0.0431  0.1015  93  LYS A O     
359 C CB    . LYS A 46 ? 0.5839 0.8619 0.5935 -0.0474 0.0737  0.0524  93  LYS A CB    
360 C CG    . LYS A 46 ? 0.5982 0.9047 0.6175 -0.0287 0.0801  0.0192  93  LYS A CG    
361 C CD    . LYS A 46 ? 0.6438 1.0079 0.6471 -0.0327 0.0961  0.0098  93  LYS A CD    
362 C CE    . LYS A 46 ? 0.6575 1.0304 0.6417 -0.0566 0.0998  0.0398  93  LYS A CE    
363 N NZ    . LYS A 46 ? 0.7434 1.1484 0.7010 -0.0581 0.1054  0.0327  93  LYS A NZ    
364 N N     . LYS A 51 ? 0.7663 1.2063 1.0431 0.0043  0.0509  -0.0413 98  LYS A N     
365 C CA    . LYS A 51 ? 0.6646 1.0707 0.9254 -0.0061 0.0429  -0.0266 98  LYS A CA    
366 C C     . LYS A 51 ? 0.4839 0.8502 0.7110 0.0033  0.0443  -0.0236 98  LYS A C     
367 O O     . LYS A 51 ? 0.2783 0.6613 0.4973 0.0081  0.0567  -0.0311 98  LYS A O     
368 C CB    . LYS A 51 ? 0.6825 1.0895 0.9412 -0.0384 0.0495  -0.0103 98  LYS A CB    
369 C CG    . LYS A 51 ? 0.7446 1.1780 1.0331 -0.0501 0.0469  -0.0136 98  LYS A CG    
370 C CD    . LYS A 51 ? 0.7558 1.1857 1.0613 -0.0369 0.0268  -0.0223 98  LYS A CD    
371 C CE    . LYS A 51 ? 0.7310 1.1284 1.0263 -0.0492 0.0148  -0.0144 98  LYS A CE    
372 N NZ    . LYS A 51 ? 0.6438 1.0425 0.9504 -0.0389 -0.0053 -0.0235 98  LYS A NZ    
373 N N     . TYR A 52 ? 0.3784 0.6933 0.5846 0.0050  0.0315  -0.0141 99  TYR A N     
374 C CA    . TYR A 52 ? 0.2659 0.5406 0.4452 0.0172  0.0286  -0.0137 99  TYR A CA    
375 C C     . TYR A 52 ? 0.3984 0.6545 0.5495 0.0028  0.0372  -0.0023 99  TYR A C     
376 O O     . TYR A 52 ? 0.3364 0.5530 0.4685 -0.0014 0.0302  0.0078  99  TYR A O     
377 C CB    . TYR A 52 ? 0.2173 0.4536 0.3886 0.0253  0.0122  -0.0089 99  TYR A CB    
378 C CG    . TYR A 52 ? 0.3027 0.5574 0.4986 0.0391  0.0001  -0.0152 99  TYR A CG    
379 C CD1   . TYR A 52 ? 0.3713 0.6342 0.5760 0.0310  -0.0098 -0.0116 99  TYR A CD1   
380 C CD2   . TYR A 52 ? 0.3405 0.6060 0.5532 0.0614  -0.0030 -0.0266 99  TYR A CD2   
381 C CE1   . TYR A 52 ? 0.4213 0.7056 0.6473 0.0444  -0.0233 -0.0163 99  TYR A CE1   
382 C CE2   . TYR A 52 ? 0.3759 0.6583 0.6133 0.0765  -0.0171 -0.0301 99  TYR A CE2   
383 C CZ    . TYR A 52 ? 0.4455 0.7392 0.6879 0.0677  -0.0275 -0.0236 99  TYR A CZ    
384 O OH    . TYR A 52 ? 0.4799 0.7945 0.7455 0.0836  -0.0438 -0.0260 99  TYR A OH    
385 N N     . LEU A 53 ? 0.4718 0.7609 0.6204 -0.0038 0.0517  -0.0045 100 LEU A N     
386 C CA    . LEU A 53 ? 0.4778 0.7570 0.5977 -0.0171 0.0588  0.0088  100 LEU A CA    
387 C C     . LEU A 53 ? 0.5023 0.7375 0.5978 -0.0075 0.0504  0.0095  100 LEU A C     
388 O O     . LEU A 53 ? 0.5630 0.7756 0.6382 -0.0176 0.0484  0.0247  100 LEU A O     
389 C CB    . LEU A 53 ? 0.4779 0.8058 0.5934 -0.0199 0.0756  0.0012  100 LEU A CB    
390 C CG    . LEU A 53 ? 0.5105 0.8916 0.6403 -0.0395 0.0905  0.0078  100 LEU A CG    
391 C CD1   . LEU A 53 ? 0.5397 0.9330 0.7053 -0.0427 0.0858  0.0052  100 LEU A CD1   
392 C CD2   . LEU A 53 ? 0.6241 1.0405 0.7479 -0.0302 0.1015  -0.0117 100 LEU A CD2   
393 N N     . ARG A 54 ? 0.3843 0.6074 0.4846 0.0119  0.0444  -0.0062 101 ARG A N     
394 C CA    . ARG A 54 ? 0.3428 0.5264 0.4250 0.0182  0.0362  -0.0056 101 ARG A CA    
395 C C     . ARG A 54 ? 0.3500 0.5056 0.4416 0.0264  0.0239  -0.0046 101 ARG A C     
396 O O     . ARG A 54 ? 0.3532 0.5070 0.4583 0.0409  0.0191  -0.0146 101 ARG A O     
397 C CB    . ARG A 54 ? 0.3247 0.5155 0.4002 0.0297  0.0399  -0.0237 101 ARG A CB    
398 C CG    . ARG A 54 ? 0.3002 0.5274 0.3605 0.0209  0.0526  -0.0254 101 ARG A CG    
399 C CD    . ARG A 54 ? 0.3636 0.5988 0.4148 0.0320  0.0548  -0.0482 101 ARG A CD    
400 N NE    . ARG A 54 ? 0.3298 0.6117 0.3645 0.0244  0.0682  -0.0530 101 ARG A NE    
401 C CZ    . ARG A 54 ? 0.4335 0.7183 0.4370 0.0143  0.0688  -0.0432 101 ARG A CZ    
402 N NH1   . ARG A 54 ? 0.3593 0.6033 0.3504 0.0118  0.0565  -0.0300 101 ARG A NH1   
403 N NH2   . ARG A 54 ? 0.4650 0.7982 0.4501 0.0065  0.0813  -0.0460 101 ARG A NH2   
404 N N     . SER A 55 ? 0.2240 0.3588 0.3086 0.0171  0.0183  0.0082  102 SER A N     
405 C CA    . SER A 55 ? 0.1810 0.2937 0.2669 0.0221  0.0079  0.0106  102 SER A CA    
406 C C     . SER A 55 ? 0.2142 0.3061 0.2874 0.0122  0.0051  0.0193  102 SER A C     
407 O O     . SER A 55 ? 0.2582 0.3515 0.3282 0.0021  0.0085  0.0254  102 SER A O     
408 C CB    . SER A 55 ? 0.2563 0.3866 0.3610 0.0247  0.0026  0.0091  102 SER A CB    
409 O OG    . SER A 55 ? 0.2983 0.4414 0.4098 0.0105  0.0045  0.0132  102 SER A OG    
410 N N     . VAL A 56 ? 0.2263 0.3001 0.2931 0.0157  -0.0015 0.0202  103 VAL A N     
411 C CA    . VAL A 56 ? 0.1843 0.2449 0.2444 0.0093  -0.0045 0.0229  103 VAL A CA    
412 C C     . VAL A 56 ? 0.2296 0.2939 0.2915 0.0105  -0.0111 0.0213  103 VAL A C     
413 O O     . VAL A 56 ? 0.2304 0.3016 0.2953 0.0173  -0.0149 0.0223  103 VAL A O     
414 C CB    . VAL A 56 ? 0.2204 0.2653 0.2687 0.0107  -0.0040 0.0235  103 VAL A CB    
415 C CG1   . VAL A 56 ? 0.2157 0.2612 0.2592 0.0087  -0.0001 0.0253  103 VAL A CG1   
416 C CG2   . VAL A 56 ? 0.2393 0.2776 0.2841 0.0166  -0.0055 0.0229  103 VAL A CG2   
417 N N     . GLY A 57 ? 0.2071 0.2682 0.2674 0.0052  -0.0139 0.0178  104 GLY A N     
418 C CA    . GLY A 57 ? 0.1898 0.2612 0.2483 0.0052  -0.0202 0.0132  104 GLY A CA    
419 C C     . GLY A 57 ? 0.1752 0.2430 0.2182 0.0064  -0.0203 0.0127  104 GLY A C     
420 O O     . GLY A 57 ? 0.1871 0.2452 0.2275 0.0055  -0.0162 0.0105  104 GLY A O     
421 N N     . ASP A 58 ? 0.1573 0.2372 0.1903 0.0080  -0.0253 0.0157  105 ASP A N     
422 C CA    . ASP A 58 ? 0.1861 0.2704 0.2019 0.0059  -0.0235 0.0173  105 ASP A CA    
423 C C     . ASP A 58 ? 0.2077 0.2985 0.2255 0.0026  -0.0206 0.0001  105 ASP A C     
424 O O     . ASP A 58 ? 0.2024 0.3002 0.2285 0.0012  -0.0252 -0.0129 105 ASP A O     
425 C CB    . ASP A 58 ? 0.2119 0.3135 0.2131 0.0061  -0.0308 0.0249  105 ASP A CB    
426 C CG    . ASP A 58 ? 0.2492 0.3412 0.2520 0.0125  -0.0368 0.0425  105 ASP A CG    
427 O OD1   . ASP A 58 ? 0.2434 0.3190 0.2607 0.0172  -0.0343 0.0436  105 ASP A OD1   
428 O OD2   . ASP A 58 ? 0.2721 0.3756 0.2620 0.0136  -0.0452 0.0540  105 ASP A OD2   
429 N N     . GLY A 59 ? 0.1858 0.2748 0.1997 0.0017  -0.0141 -0.0018 106 GLY A N     
430 C CA    . GLY A 59 ? 0.2050 0.3023 0.2255 0.0022  -0.0119 -0.0211 106 GLY A CA    
431 C C     . GLY A 59 ? 0.2193 0.2961 0.2596 0.0058  -0.0131 -0.0270 106 GLY A C     
432 O O     . GLY A 59 ? 0.2484 0.3268 0.2995 0.0094  -0.0131 -0.0428 106 GLY A O     
433 N N     . GLU A 60 ? 0.1956 0.2549 0.2411 0.0054  -0.0145 -0.0145 107 GLU A N     
434 C CA    . GLU A 60 ? 0.2045 0.2450 0.2638 0.0067  -0.0164 -0.0131 107 GLU A CA    
435 C C     . GLU A 60 ? 0.1869 0.2239 0.2468 0.0109  -0.0140 -0.0114 107 GLU A C     
436 O O     . GLU A 60 ? 0.2018 0.2457 0.2518 0.0100  -0.0095 -0.0054 107 GLU A O     
437 C CB    . GLU A 60 ? 0.2508 0.2843 0.3111 0.0031  -0.0162 0.0004  107 GLU A CB    
438 C CG    . GLU A 60 ? 0.3393 0.3573 0.4089 0.0008  -0.0180 0.0074  107 GLU A CG    
439 C CD    . GLU A 60 ? 0.4027 0.4247 0.4717 -0.0046 -0.0149 0.0190  107 GLU A CD    
440 O OE1   . GLU A 60 ? 0.3549 0.3911 0.4202 -0.0036 -0.0121 0.0191  107 GLU A OE1   
441 O OE2   . GLU A 60 ? 0.4493 0.4625 0.5226 -0.0099 -0.0155 0.0288  107 GLU A OE2   
442 N N     . THR A 61 ? 0.1605 0.1865 0.2346 0.0154  -0.0187 -0.0164 108 THR A N     
443 C CA    . THR A 61 ? 0.1904 0.2154 0.2680 0.0206  -0.0195 -0.0133 108 THR A CA    
444 C C     . THR A 61 ? 0.2107 0.2227 0.2824 0.0181  -0.0216 0.0041  108 THR A C     
445 O O     . THR A 61 ? 0.2560 0.2542 0.3316 0.0149  -0.0254 0.0121  108 THR A O     
446 C CB    . THR A 61 ? 0.2237 0.2450 0.3220 0.0301  -0.0261 -0.0266 108 THR A CB    
447 O OG1   . THR A 61 ? 0.2272 0.2723 0.3292 0.0329  -0.0211 -0.0466 108 THR A OG1   
448 C CG2   . THR A 61 ? 0.2394 0.2595 0.3432 0.0363  -0.0307 -0.0195 108 THR A CG2   
449 N N     . VAL A 62 ? 0.2012 0.2207 0.2635 0.0178  -0.0188 0.0093  109 VAL A N     
450 C CA    . VAL A 62 ? 0.1701 0.1856 0.2232 0.0157  -0.0199 0.0215  109 VAL A CA    
451 C C     . VAL A 62 ? 0.2003 0.2220 0.2531 0.0199  -0.0245 0.0218  109 VAL A C     
452 O O     . VAL A 62 ? 0.2225 0.2546 0.2839 0.0227  -0.0246 0.0122  109 VAL A O     
453 C CB    . VAL A 62 ? 0.1915 0.2126 0.2332 0.0114  -0.0131 0.0232  109 VAL A CB    
454 C CG1   . VAL A 62 ? 0.2269 0.2468 0.2708 0.0081  -0.0108 0.0248  109 VAL A CG1   
455 C CG2   . VAL A 62 ? 0.2472 0.2743 0.2876 0.0110  -0.0098 0.0167  109 VAL A CG2   
456 N N     . GLU A 63 ? 0.2445 0.2652 0.2876 0.0190  -0.0283 0.0328  110 GLU A N     
457 C CA    . GLU A 63 ? 0.2310 0.2620 0.2710 0.0226  -0.0351 0.0335  110 GLU A CA    
458 C C     . GLU A 63 ? 0.2310 0.2726 0.2538 0.0176  -0.0303 0.0321  110 GLU A C     
459 O O     . GLU A 63 ? 0.2436 0.2851 0.2557 0.0135  -0.0249 0.0377  110 GLU A O     
460 C CB    . GLU A 63 ? 0.2591 0.2821 0.3000 0.0272  -0.0469 0.0483  110 GLU A CB    
461 C CG    . GLU A 63 ? 0.2841 0.3216 0.3249 0.0335  -0.0579 0.0487  110 GLU A CG    
462 C CD    . GLU A 63 ? 0.4930 0.5186 0.5384 0.0409  -0.0734 0.0664  110 GLU A CD    
463 O OE1   . GLU A 63 ? 0.5481 0.5503 0.6069 0.0429  -0.0760 0.0722  110 GLU A OE1   
464 O OE2   . GLU A 63 ? 0.4933 0.5320 0.5303 0.0448  -0.0847 0.0744  110 GLU A OE2   
465 N N     . PHE A 64 ? 0.2120 0.2653 0.2354 0.0177  -0.0322 0.0219  111 PHE A N     
466 C CA    . PHE A 64 ? 0.1802 0.2414 0.1919 0.0138  -0.0283 0.0140  111 PHE A CA    
467 C C     . PHE A 64 ? 0.2194 0.2956 0.2323 0.0133  -0.0355 0.0036  111 PHE A C     
468 O O     . PHE A 64 ? 0.2311 0.3141 0.2575 0.0155  -0.0423 0.0023  111 PHE A O     
469 C CB    . PHE A 64 ? 0.2094 0.2600 0.2270 0.0107  -0.0194 0.0064  111 PHE A CB    
470 C CG    . PHE A 64 ? 0.2581 0.3050 0.2903 0.0081  -0.0185 0.0026  111 PHE A CG    
471 C CD1   . PHE A 64 ? 0.2629 0.3122 0.3022 0.0023  -0.0188 -0.0066 111 PHE A CD1   
472 C CD2   . PHE A 64 ? 0.2014 0.2457 0.2409 0.0098  -0.0170 0.0072  111 PHE A CD2   
473 C CE1   . PHE A 64 ? 0.2525 0.3041 0.3042 -0.0036 -0.0160 -0.0071 111 PHE A CE1   
474 C CE2   . PHE A 64 ? 0.2184 0.2683 0.2684 0.0063  -0.0140 0.0028  111 PHE A CE2   
475 C CZ    . PHE A 64 ? 0.2299 0.2852 0.2854 -0.0013 -0.0127 -0.0024 111 PHE A CZ    
476 N N     . ASP A 65 ? 0.2090 0.2937 0.2102 0.0108  -0.0346 -0.0067 112 ASP A N     
477 C CA    . ASP A 65 ? 0.2196 0.3180 0.2247 0.0077  -0.0413 -0.0224 112 ASP A CA    
478 C C     . ASP A 65 ? 0.2581 0.3414 0.2783 0.0014  -0.0355 -0.0356 112 ASP A C     
479 O O     . ASP A 65 ? 0.2532 0.3193 0.2738 0.0020  -0.0274 -0.0337 112 ASP A O     
480 C CB    . ASP A 65 ? 0.3121 0.4310 0.2950 0.0084  -0.0454 -0.0298 112 ASP A CB    
481 C CG    . ASP A 65 ? 0.3713 0.5038 0.3349 0.0124  -0.0520 -0.0097 112 ASP A CG    
482 O OD1   . ASP A 65 ? 0.3358 0.4637 0.3093 0.0164  -0.0599 0.0045  112 ASP A OD1   
483 O OD2   . ASP A 65 ? 0.3778 0.5267 0.3172 0.0115  -0.0497 -0.0080 112 ASP A OD2   
484 N N     . VAL A 66 ? 0.2591 0.3489 0.2940 -0.0053 -0.0405 -0.0472 113 VAL A N     
485 C CA    . VAL A 66 ? 0.2622 0.3347 0.3124 -0.0145 -0.0370 -0.0574 113 VAL A CA    
486 C C     . VAL A 66 ? 0.2634 0.3422 0.3131 -0.0179 -0.0436 -0.0801 113 VAL A C     
487 O O     . VAL A 66 ? 0.2508 0.3544 0.3006 -0.0198 -0.0528 -0.0889 113 VAL A O     
488 C CB    . VAL A 66 ? 0.2770 0.3529 0.3488 -0.0245 -0.0360 -0.0536 113 VAL A CB    
489 C CG1   . VAL A 66 ? 0.3725 0.4265 0.4592 -0.0377 -0.0331 -0.0587 113 VAL A CG1   
490 C CG2   . VAL A 66 ? 0.2664 0.3416 0.3378 -0.0199 -0.0295 -0.0368 113 VAL A CG2   
491 N N     . VAL A 67 ? 0.2889 0.3480 0.3395 -0.0170 -0.0404 -0.0919 114 VAL A N     
492 C CA    . VAL A 67 ? 0.3383 0.4022 0.3901 -0.0186 -0.0466 -0.1198 114 VAL A CA    
493 C C     . VAL A 67 ? 0.3236 0.3530 0.4007 -0.0268 -0.0475 -0.1314 114 VAL A C     
494 O O     . VAL A 67 ? 0.3198 0.3221 0.4077 -0.0296 -0.0423 -0.1139 114 VAL A O     
495 C CB    . VAL A 67 ? 0.3674 0.4452 0.3972 -0.0065 -0.0432 -0.1306 114 VAL A CB    
496 C CG1   . VAL A 67 ? 0.3396 0.4469 0.3434 -0.0013 -0.0429 -0.1125 114 VAL A CG1   
497 C CG2   . VAL A 67 ? 0.3204 0.3728 0.3566 0.0011  -0.0344 -0.1268 114 VAL A CG2   
498 N N     . GLU A 68 ? 0.3794 0.4095 0.4660 -0.0316 -0.0554 -0.1605 115 GLU A N     
499 C CA    . GLU A 68 ? 0.4818 0.4730 0.5961 -0.0400 -0.0590 -0.1739 115 GLU A CA    
500 C C     . GLU A 68 ? 0.5034 0.4732 0.6188 -0.0248 -0.0571 -0.1896 115 GLU A C     
501 O O     . GLU A 68 ? 0.5504 0.5375 0.6590 -0.0165 -0.0599 -0.2208 115 GLU A O     
502 C CB    . GLU A 68 ? 0.4882 0.4880 0.6195 -0.0540 -0.0704 -0.2020 115 GLU A CB    
503 C CG    . GLU A 68 ? 0.6115 0.5660 0.7783 -0.0703 -0.0754 -0.2083 115 GLU A CG    
504 C CD    . GLU A 68 ? 0.7834 0.7209 0.9643 -0.0865 -0.0698 -0.1730 115 GLU A CD    
505 O OE1   . GLU A 68 ? 0.7866 0.7465 0.9511 -0.0829 -0.0616 -0.1472 115 GLU A OE1   
506 O OE2   . GLU A 68 ? 0.9333 0.8356 1.1399 -0.1032 -0.0730 -0.1701 115 GLU A OE2   
507 N N     . GLY A 69 ? 0.6279 0.5649 0.7520 -0.0204 -0.0524 -0.1691 116 GLY A N     
508 C CA    . GLY A 69 ? 0.6894 0.6052 0.8221 -0.0039 -0.0523 -0.1829 116 GLY A CA    
509 C C     . GLY A 69 ? 0.7972 0.6653 0.9638 -0.0089 -0.0626 -0.1996 116 GLY A C     
510 O O     . GLY A 69 ? 0.7246 0.5801 0.9052 -0.0281 -0.0686 -0.2002 116 GLY A O     
511 N N     . GLU A 70 ? 0.9224 0.7685 1.1014 0.0085  -0.0637 -0.2075 117 GLU A N     
512 C CA    . GLU A 70 ? 0.9753 0.7829 1.1796 0.0080  -0.0718 -0.2131 117 GLU A CA    
513 C C     . GLU A 70 ? 0.8881 0.6514 1.1063 -0.0101 -0.0765 -0.1787 117 GLU A C     
514 O O     . GLU A 70 ? 0.9401 0.6740 1.1761 -0.0212 -0.0834 -0.1808 117 GLU A O     
515 C CB    . GLU A 70 ? 1.0978 0.8995 1.3118 0.0327  -0.0719 -0.2231 117 GLU A CB    
516 C CG    . GLU A 70 ? 1.1515 1.0056 1.3468 0.0497  -0.0624 -0.2458 117 GLU A CG    
517 C CD    . GLU A 70 ? 1.2638 1.1293 1.4729 0.0663  -0.0638 -0.2783 117 GLU A CD    
518 O OE1   . GLU A 70 ? 1.3225 1.1698 1.5483 0.0613  -0.0719 -0.2973 117 GLU A OE1   
519 O OE2   . GLU A 70 ? 1.2684 1.1630 1.4733 0.0836  -0.0565 -0.2856 117 GLU A OE2   
520 N N     . LYS A 71 ? 0.7500 0.5116 0.9588 -0.0142 -0.0721 -0.1463 118 LYS A N     
521 C CA    . LYS A 71 ? 0.7161 0.4450 0.9313 -0.0315 -0.0741 -0.1083 118 LYS A CA    
522 C C     . LYS A 71 ? 0.7193 0.4704 0.9253 -0.0541 -0.0680 -0.0894 118 LYS A C     
523 O O     . LYS A 71 ? 0.6733 0.4153 0.8751 -0.0659 -0.0649 -0.0538 118 LYS A O     
524 C CB    . LYS A 71 ? 0.6748 0.3849 0.8873 -0.0160 -0.0752 -0.0819 118 LYS A CB    
525 C CG    . LYS A 71 ? 0.7306 0.4233 0.9580 0.0069  -0.0820 -0.1000 118 LYS A CG    
526 C CD    . LYS A 71 ? 0.8233 0.5201 1.0461 0.0279  -0.0819 -0.0848 118 LYS A CD    
527 C CE    . LYS A 71 ? 0.9202 0.6050 1.1628 0.0504  -0.0891 -0.1045 118 LYS A CE    
528 N NZ    . LYS A 71 ? 0.9251 0.6351 1.1741 0.0595  -0.0860 -0.1499 118 LYS A NZ    
529 N N     . GLY A 72 ? 0.7054 0.4951 0.9045 -0.0591 -0.0654 -0.1122 119 GLY A N     
530 C CA    . GLY A 72 ? 0.6596 0.4860 0.8467 -0.0756 -0.0579 -0.0960 119 GLY A CA    
531 C C     . GLY A 72 ? 0.6147 0.4884 0.7726 -0.0609 -0.0498 -0.0957 119 GLY A C     
532 O O     . GLY A 72 ? 0.5922 0.4777 0.7381 -0.0420 -0.0496 -0.1129 119 GLY A O     
533 N N     . ALA A 73 ? 0.5421 0.4440 0.6907 -0.0701 -0.0430 -0.0764 120 ALA A N     
534 C CA    . ALA A 73 ? 0.4424 0.3831 0.5676 -0.0577 -0.0374 -0.0734 120 ALA A CA    
535 C C     . ALA A 73 ? 0.4603 0.3939 0.5695 -0.0403 -0.0326 -0.0612 120 ALA A C     
536 O O     . ALA A 73 ? 0.5060 0.4137 0.6191 -0.0404 -0.0316 -0.0440 120 ALA A O     
537 C CB    . ALA A 73 ? 0.5130 0.4811 0.6387 -0.0692 -0.0321 -0.0576 120 ALA A CB    
538 N N     . GLU A 74 ? 0.3278 0.2862 0.4195 -0.0266 -0.0306 -0.0687 121 GLU A N     
539 C CA    . GLU A 74 ? 0.3083 0.2680 0.3872 -0.0127 -0.0253 -0.0577 121 GLU A CA    
540 C C     . GLU A 74 ? 0.2895 0.2815 0.3498 -0.0070 -0.0221 -0.0550 121 GLU A C     
541 O O     . GLU A 74 ? 0.3167 0.3294 0.3717 -0.0091 -0.0255 -0.0651 121 GLU A O     
542 C CB    . GLU A 74 ? 0.3033 0.2488 0.3877 0.0001  -0.0272 -0.0735 121 GLU A CB    
543 C CG    . GLU A 74 ? 0.3533 0.3193 0.4322 0.0056  -0.0288 -0.1020 121 GLU A CG    
544 C CD    . GLU A 74 ? 0.5485 0.5038 0.6385 0.0196  -0.0298 -0.1239 121 GLU A CD    
545 O OE1   . GLU A 74 ? 0.6571 0.6418 0.7345 0.0301  -0.0244 -0.1364 121 GLU A OE1   
546 O OE2   . GLU A 74 ? 0.4770 0.3954 0.5900 0.0199  -0.0361 -0.1284 121 GLU A OE2   
547 N N     . ALA A 75 ? 0.2384 0.2337 0.2898 -0.0003 -0.0170 -0.0403 122 ALA A N     
548 C CA    . ALA A 75 ? 0.2427 0.2611 0.2794 0.0038  -0.0150 -0.0343 122 ALA A CA    
549 C C     . ALA A 75 ? 0.2317 0.2656 0.2571 0.0109  -0.0137 -0.0460 122 ALA A C     
550 O O     . ALA A 75 ? 0.3001 0.3280 0.3310 0.0168  -0.0118 -0.0585 122 ALA A O     
551 C CB    . ALA A 75 ? 0.2561 0.2719 0.2908 0.0061  -0.0107 -0.0173 122 ALA A CB    
552 N N     . ALA A 76 ? 0.2620 0.3178 0.2723 0.0108  -0.0150 -0.0418 123 ALA A N     
553 C CA    . ALA A 76 ? 0.2150 0.2942 0.2084 0.0146  -0.0119 -0.0472 123 ALA A CA    
554 C C     . ALA A 76 ? 0.2427 0.3334 0.2226 0.0130  -0.0116 -0.0254 123 ALA A C     
555 O O     . ALA A 76 ? 0.2504 0.3336 0.2347 0.0113  -0.0173 -0.0132 123 ALA A O     
556 C CB    . ALA A 76 ? 0.2723 0.3693 0.2571 0.0136  -0.0174 -0.0680 123 ALA A CB    
557 N N     . ASN A 77 ? 0.2442 0.3535 0.2108 0.0133  -0.0050 -0.0209 124 ASN A N     
558 C CA    . ASN A 77 ? 0.2448 0.3621 0.1985 0.0088  -0.0057 0.0028  124 ASN A CA    
559 C C     . ASN A 77 ? 0.2663 0.3591 0.2351 0.0080  -0.0079 0.0188  124 ASN A C     
560 O O     . ASN A 77 ? 0.2639 0.3499 0.2319 0.0073  -0.0161 0.0327  124 ASN A O     
561 C CB    . ASN A 77 ? 0.2995 0.4312 0.2355 0.0075  -0.0161 0.0088  124 ASN A CB    
562 C CG    . ASN A 77 ? 0.4437 0.6065 0.3601 0.0074  -0.0147 -0.0091 124 ASN A CG    
563 O OD1   . ASN A 77 ? 0.4909 0.6746 0.3981 0.0065  -0.0038 -0.0157 124 ASN A OD1   
564 N ND2   . ASN A 77 ? 0.5226 0.6939 0.4345 0.0085  -0.0257 -0.0203 124 ASN A ND2   
565 N N     . VAL A 78 ? 0.2249 0.3062 0.2085 0.0093  -0.0021 0.0148  125 VAL A N     
566 C CA    . VAL A 78 ? 0.1867 0.2485 0.1838 0.0088  -0.0042 0.0237  125 VAL A CA    
567 C C     . VAL A 78 ? 0.2780 0.3401 0.2749 0.0034  -0.0029 0.0400  125 VAL A C     
568 O O     . VAL A 78 ? 0.2332 0.3084 0.2293 -0.0004 0.0044  0.0419  125 VAL A O     
569 C CB    . VAL A 78 ? 0.1784 0.2305 0.1886 0.0116  -0.0008 0.0152  125 VAL A CB    
570 C CG1   . VAL A 78 ? 0.2398 0.2788 0.2596 0.0105  -0.0032 0.0216  125 VAL A CG1   
571 C CG2   . VAL A 78 ? 0.2177 0.2638 0.2311 0.0142  -0.0025 0.0019  125 VAL A CG2   
572 N N     . THR A 79 ? 0.2745 0.3226 0.2757 0.0028  -0.0106 0.0506  126 THR A N     
573 C CA    . THR A 79 ? 0.2511 0.2906 0.2559 -0.0037 -0.0125 0.0673  126 THR A CA    
574 C C     . THR A 79 ? 0.2745 0.2924 0.2980 -0.0006 -0.0187 0.0646  126 THR A C     
575 O O     . THR A 79 ? 0.2459 0.2614 0.2759 0.0060  -0.0201 0.0517  126 THR A O     
576 C CB    . THR A 79 ? 0.3550 0.3963 0.3461 -0.0066 -0.0195 0.0860  126 THR A CB    
577 O OG1   . THR A 79 ? 0.3818 0.4122 0.3782 0.0025  -0.0314 0.0843  126 THR A OG1   
578 C CG2   . THR A 79 ? 0.4559 0.5263 0.4238 -0.0094 -0.0136 0.0854  126 THR A CG2   
579 N N     . GLY A 80 ? 0.3117 0.3150 0.3444 -0.0065 -0.0224 0.0762  127 GLY A N     
580 C CA    . GLY A 80 ? 0.3524 0.3345 0.4044 -0.0017 -0.0308 0.0705  127 GLY A CA    
581 C C     . GLY A 80 ? 0.3695 0.3436 0.4236 0.0084  -0.0418 0.0735  127 GLY A C     
582 O O     . GLY A 80 ? 0.4185 0.4016 0.4576 0.0089  -0.0447 0.0850  127 GLY A O     
583 N N     . PRO A 81 ? 0.3544 0.3165 0.4288 0.0173  -0.0485 0.0608  128 PRO A N     
584 C CA    . PRO A 81 ? 0.3596 0.3176 0.4447 0.0300  -0.0604 0.0602  128 PRO A CA    
585 C C     . PRO A 81 ? 0.4856 0.4217 0.5718 0.0298  -0.0738 0.0853  128 PRO A C     
586 O O     . PRO A 81 ? 0.5525 0.4651 0.6463 0.0216  -0.0763 0.0964  128 PRO A O     
587 C CB    . PRO A 81 ? 0.4403 0.3934 0.5500 0.0389  -0.0621 0.0370  128 PRO A CB    
588 C CG    . PRO A 81 ? 0.4502 0.3924 0.5629 0.0291  -0.0568 0.0333  128 PRO A CG    
589 C CD    . PRO A 81 ? 0.3453 0.3017 0.4351 0.0168  -0.0458 0.0438  128 PRO A CD    
590 N N     . GLY A 82 ? 0.5941 0.5382 0.6729 0.0372  -0.0836 0.0957  129 GLY A N     
591 C CA    . GLY A 82 ? 0.7437 0.6705 0.8166 0.0360  -0.0976 0.1259  129 GLY A CA    
592 C C     . GLY A 82 ? 0.7972 0.7364 0.8383 0.0184  -0.0887 0.1479  129 GLY A C     
593 O O     . GLY A 82 ? 0.7382 0.6997 0.7652 0.0103  -0.0723 0.1358  129 GLY A O     
594 P P     . C   B 2  ? 1.4962 1.4227 1.7445 0.1683  -0.0611 -0.1087 2   C   B P     
595 O OP1   . C   B 2  ? 1.5112 1.4309 1.7824 0.1818  -0.0647 -0.1367 2   C   B OP1   
596 O OP2   . C   B 2  ? 1.4746 1.4020 1.7232 0.1716  -0.0695 -0.0786 2   C   B OP2   
597 O "O5'" . C   B 2  ? 0.6493 0.5328 0.8814 0.1497  -0.0645 -0.0952 2   C   B "O5'" 
598 C "C5'" . C   B 2  ? 0.6366 0.5017 0.8520 0.1365  -0.0691 -0.0601 2   C   B "C5'" 
599 C "C4'" . C   B 2  ? 0.6402 0.4743 0.8436 0.1171  -0.0688 -0.0544 2   C   B "C4'" 
600 O "O4'" . C   B 2  ? 0.5750 0.4410 0.7641 0.1095  -0.0549 -0.0760 2   C   B "O4'" 
601 C "C3'" . C   B 2  ? 0.6908 0.4836 0.9075 0.1137  -0.0770 -0.0624 2   C   B "C3'" 
602 O "O3'" . C   B 2  ? 0.7067 0.4673 0.9121 0.0917  -0.0804 -0.0371 2   C   B "O3'" 
603 C "C2'" . C   B 2  ? 0.7096 0.5228 0.9297 0.1153  -0.0684 -0.1023 2   C   B "C2'" 
604 O "O2'" . C   B 2  ? 0.7600 0.5419 0.9871 0.1044  -0.0734 -0.1134 2   C   B "O2'" 
605 C "C1'" . C   B 2  ? 0.6306 0.4760 0.8290 0.1062  -0.0567 -0.1007 2   C   B "C1'" 
606 N N1    . C   B 2  ? 0.6177 0.5083 0.8076 0.1103  -0.0442 -0.1329 2   C   B N1    
607 C C2    . C   B 2  ? 0.6745 0.5806 0.8407 0.0929  -0.0368 -0.1386 2   C   B C2    
608 O O2    . C   B 2  ? 0.6619 0.5454 0.8189 0.0749  -0.0402 -0.1197 2   C   B O2    
609 N N3    . C   B 2  ? 0.6770 0.6273 0.8307 0.0957  -0.0265 -0.1639 2   C   B N3    
610 C C4    . C   B 2  ? 0.6599 0.6416 0.8245 0.1134  -0.0207 -0.1846 2   C   B C4    
611 N N4    . C   B 2  ? 0.6746 0.7048 0.8226 0.1131  -0.0090 -0.2068 2   C   B N4    
612 C C5    . C   B 2  ? 0.6936 0.6643 0.8837 0.1293  -0.0267 -0.1791 2   C   B C5    
613 C C6    . C   B 2  ? 0.6667 0.5910 0.8677 0.1280  -0.0393 -0.1528 2   C   B C6    
614 P P     . A   B 3  ? 0.8711 0.5834 1.0860 0.0847  -0.0929 -0.0168 3   A   B P     
615 O OP1   . A   B 3  ? 0.8647 0.5721 1.0920 0.1049  -0.1025 -0.0097 3   A   B OP1   
616 O OP2   . A   B 3  ? 0.9102 0.6020 1.1378 0.0756  -0.0934 -0.0405 3   A   B OP2   
617 O "O5'" . A   B 3  ? 0.8219 0.5252 1.0134 0.0613  -0.0919 0.0234  3   A   B "O5'" 
618 C "C5'" . A   B 3  ? 0.7335 0.4623 0.9053 0.0619  -0.0895 0.0469  3   A   B "C5'" 
619 C "C4'" . A   B 3  ? 0.6327 0.3623 0.7819 0.0359  -0.0843 0.0749  3   A   B "C4'" 
620 O "O4'" . A   B 3  ? 0.6077 0.3574 0.7525 0.0253  -0.0730 0.0572  3   A   B "O4'" 
621 C "C3'" . A   B 3  ? 0.6484 0.3440 0.7982 0.0166  -0.0880 0.0935  3   A   B "C3'" 
622 O "O3'" . A   B 3  ? 0.7320 0.4401 0.8560 -0.0021 -0.0838 0.1272  3   A   B "O3'" 
623 C "C2'" . A   B 3  ? 0.6147 0.3064 0.7750 0.0026  -0.0816 0.0702  3   A   B "C2'" 
624 O "O2'" . A   B 3  ? 0.6948 0.3715 0.8520 -0.0239 -0.0793 0.0874  3   A   B "O2'" 
625 C "C1'" . A   B 3  ? 0.5699 0.2989 0.7184 0.0023  -0.0717 0.0613  3   A   B "C1'" 
626 N N9    . A   B 3  ? 0.4987 0.2449 0.6523 0.0013  -0.0645 0.0261  3   A   B N9    
627 C C8    . A   B 3  ? 0.5366 0.2885 0.7033 0.0197  -0.0655 -0.0086 3   A   B C8    
628 N N7    . A   B 3  ? 0.5226 0.2967 0.6849 0.0126  -0.0587 -0.0328 3   A   B N7    
629 C C5    . A   B 3  ? 0.4939 0.2769 0.6437 -0.0105 -0.0533 -0.0136 3   A   B C5    
630 C C6    . A   B 3  ? 0.4833 0.2916 0.6270 -0.0259 -0.0471 -0.0240 3   A   B C6    
631 N N6    . A   B 3  ? 0.5252 0.3533 0.6693 -0.0211 -0.0462 -0.0548 3   A   B N6    
632 N N1    . A   B 3  ? 0.5959 0.4137 0.7328 -0.0460 -0.0420 -0.0016 3   A   B N1    
633 C C2    . A   B 3  ? 0.5245 0.3282 0.6558 -0.0520 -0.0423 0.0299  3   A   B C2    
634 N N3    . A   B 3  ? 0.5460 0.3244 0.6783 -0.0398 -0.0495 0.0455  3   A   B N3    
635 C C4    . A   B 3  ? 0.4713 0.2395 0.6154 -0.0182 -0.0553 0.0217  3   A   B C4    
636 P P     . A   B 4  ? 0.9497 0.6402 1.0626 -0.0051 -0.0927 0.1615  4   A   B P     
637 O OP1   . A   B 4  ? 0.9513 0.6213 1.0831 0.0209  -0.1061 0.1533  4   A   B OP1   
638 O OP2   . A   B 4  ? 1.0128 0.6842 1.1232 -0.0316 -0.0890 0.1780  4   A   B OP2   
639 O "O5'" . A   B 4  ? 0.6834 0.4143 0.7650 -0.0075 -0.0882 0.1821  4   A   B "O5'" 
640 C "C5'" . A   B 4  ? 0.6131 0.3677 0.6927 0.0143  -0.0924 0.1741  4   A   B "C5'" 
641 C "C4'" . A   B 4  ? 0.6720 0.4685 0.7218 0.0061  -0.0859 0.1879  4   A   B "C4'" 
642 O "O4'" . A   B 4  ? 0.6864 0.5028 0.7319 -0.0084 -0.0721 0.1772  4   A   B "O4'" 
643 C "C3'" . A   B 4  ? 0.8234 0.6259 0.8461 -0.0100 -0.0864 0.2194  4   A   B "C3'" 
644 O "O3'" . A   B 4  ? 0.8158 0.6576 0.8147 -0.0055 -0.0871 0.2259  4   A   B "O3'" 
645 C "C2'" . A   B 4  ? 0.8133 0.6246 0.8279 -0.0365 -0.0715 0.2218  4   A   B "C2'" 
646 O "O2'" . A   B 4  ? 0.8787 0.7198 0.8638 -0.0541 -0.0643 0.2427  4   A   B "O2'" 
647 C "C1'" . A   B 4  ? 0.7938 0.6271 0.8159 -0.0323 -0.0630 0.1965  4   A   B "C1'" 
648 N N9    . A   B 4  ? 0.8384 0.6666 0.8720 -0.0494 -0.0528 0.1858  4   A   B N9    
649 C C8    . A   B 4  ? 0.9381 0.7309 0.9930 -0.0562 -0.0553 0.1804  4   A   B C8    
650 N N7    . A   B 4  ? 0.9594 0.7608 1.0226 -0.0723 -0.0456 0.1684  4   A   B N7    
651 C C5    . A   B 4  ? 0.8439 0.6928 0.8889 -0.0729 -0.0341 0.1615  4   A   B C5    
652 C C6    . A   B 4  ? 0.7958 0.6810 0.8397 -0.0818 -0.0204 0.1424  4   A   B C6    
653 N N6    . A   B 4  ? 0.8289 0.7100 0.8910 -0.0951 -0.0167 0.1301  4   A   B N6    
654 N N1    . A   B 4  ? 0.7223 0.6488 0.7487 -0.0756 -0.0124 0.1347  4   A   B N1    
655 C C2    . A   B 4  ? 0.7614 0.6947 0.7713 -0.0638 -0.0172 0.1442  4   A   B C2    
656 N N3    . A   B 4  ? 0.7932 0.7007 0.8010 -0.0552 -0.0300 0.1625  4   A   B N3    
657 C C4    . A   B 4  ? 0.8209 0.6851 0.8475 -0.0594 -0.0381 0.1713  4   A   B C4    
658 P P     . C   B 5  ? 1.2226 1.0655 1.2070 0.0039  -0.1013 0.2478  5   C   B P     
659 O OP1   . C   B 5  ? 1.2232 1.0198 1.2213 0.0049  -0.1110 0.2633  5   C   B OP1   
660 O OP2   . C   B 5  ? 1.2527 1.1374 1.2016 -0.0107 -0.0950 0.2609  5   C   B OP2   
661 O "O5'" . C   B 5  ? 1.1571 1.0126 1.1581 0.0310  -0.1114 0.2293  5   C   B "O5'" 
662 C "C5'" . C   B 5  ? 1.1027 0.9309 1.1381 0.0510  -0.1185 0.2125  5   C   B "C5'" 
663 C "C4'" . C   B 5  ? 1.0285 0.8863 1.0795 0.0693  -0.1190 0.1876  5   C   B "C4'" 
664 O "O4'" . C   B 5  ? 0.8842 0.7605 0.9337 0.0589  -0.1050 0.1718  5   C   B "O4'" 
665 C "C3'" . C   B 5  ? 1.0186 0.9153 1.0544 0.0764  -0.1267 0.1935  5   C   B "C3'" 
666 O "O3'" . C   B 5  ? 1.0766 0.9662 1.1230 0.0958  -0.1425 0.2005  5   C   B "O3'" 
667 C "C2'" . C   B 5  ? 0.9018 0.8321 0.9507 0.0815  -0.1196 0.1679  5   C   B "C2'" 
668 O "O2'" . C   B 5  ? 0.9194 0.8483 1.0032 0.1027  -0.1231 0.1468  5   C   B "O2'" 
669 C "C1'" . C   B 5  ? 0.7937 0.7118 0.8397 0.0650  -0.1047 0.1623  5   C   B "C1'" 
670 N N1    . C   B 5  ? 0.6573 0.6017 0.6726 0.0452  -0.0960 0.1720  5   C   B N1    
671 C C2    . C   B 5  ? 0.6604 0.6459 0.6683 0.0447  -0.0889 0.1528  5   C   B C2    
672 O O2    . C   B 5  ? 0.6696 0.6695 0.6980 0.0584  -0.0917 0.1350  5   C   B O2    
673 N N3    . C   B 5  ? 0.6453 0.6553 0.6266 0.0285  -0.0791 0.1527  5   C   B N3    
674 C C4    . C   B 5  ? 0.6758 0.6780 0.6370 0.0124  -0.0742 0.1713  5   C   B C4    
675 N N4    . C   B 5  ? 0.6758 0.7098 0.6141 -0.0014 -0.0633 0.1660  5   C   B N4    
676 C C5    . C   B 5  ? 0.7212 0.6837 0.6885 0.0090  -0.0798 0.1939  5   C   B C5    
677 C C6    . C   B 5  ? 0.6806 0.6125 0.6746 0.0260  -0.0899 0.1897  5   C   B C6    
678 O O     . HOH C .  ? 0.4524 0.3572 0.5572 -0.0545 -0.0235 0.0024  201 HOH A O     
679 O O     . HOH C .  ? 0.6734 0.7148 0.7425 -0.0173 -0.0043 0.0413  202 HOH A O     
680 O O     . HOH C .  ? 0.5267 0.4988 0.7161 -0.1159 -0.0536 -0.1111 203 HOH A O     
681 O O     . HOH C .  ? 0.4767 0.6666 0.4451 0.0249  0.0309  -0.0605 204 HOH A O     
682 O O     . HOH C .  ? 0.4098 0.5896 0.4330 -0.0242 0.0317  -0.0152 205 HOH A O     
683 O O     . HOH C .  ? 0.8063 0.6404 0.9638 0.0147  -0.0513 -0.1172 206 HOH A O     
684 O O     . HOH C .  ? 0.6729 0.8790 0.5852 0.0158  0.0005  -0.0769 207 HOH A O     
685 O O     . HOH C .  ? 0.3560 0.3384 0.4374 -0.0020 -0.0265 0.0305  208 HOH A O     
686 O O     . HOH C .  ? 0.3191 0.4974 0.3880 -0.0150 0.0281  -0.0306 209 HOH A O     
687 O O     . HOH C .  ? 0.4473 0.5355 0.5685 0.0434  -0.0157 -0.0654 210 HOH A O     
688 O O     . HOH C .  ? 0.5162 0.6495 0.4725 -0.0135 -0.0098 0.0322  211 HOH A O     
689 O O     . HOH C .  ? 0.7326 0.8238 0.7832 0.0617  0.0070  -0.1439 212 HOH A O     
690 O O     . HOH C .  ? 0.3530 0.4021 0.3842 0.0279  -0.0125 -0.1116 213 HOH A O     
691 O O     . HOH C .  ? 0.2552 0.3655 0.3489 0.0269  -0.0241 0.0189  214 HOH A O     
692 O O     . HOH C .  ? 0.1782 0.2789 0.2461 0.0332  -0.0422 0.0328  215 HOH A O     
693 O O     . HOH C .  ? 0.2804 0.2711 0.3398 0.0302  -0.0118 -0.0613 216 HOH A O     
694 O O     . HOH C .  ? 0.5748 0.5897 0.7120 -0.1432 0.0077  0.0402  217 HOH A O     
695 O O     . HOH C .  ? 0.2439 0.3170 0.3284 0.0240  -0.0148 -0.0685 218 HOH A O     
696 O O     . HOH C .  ? 0.2808 0.4165 0.4365 -0.1016 0.0041  -0.0195 219 HOH A O     
697 O O     . HOH C .  ? 0.5171 0.3606 0.6670 0.0244  -0.0971 0.0920  220 HOH A O     
698 O O     . HOH C .  ? 0.3375 0.4871 0.2990 0.0222  0.0093  -0.0630 221 HOH A O     
699 O O     . HOH C .  ? 0.3398 0.3975 0.4679 -0.0825 -0.0119 -0.0240 222 HOH A O     
700 O O     . HOH C .  ? 0.5927 0.6077 0.6507 0.0675  -0.1243 0.1092  223 HOH A O     
701 O O     . HOH C .  ? 0.6904 0.9228 0.8656 -0.0537 -0.0744 -0.1015 224 HOH A O     
702 O O     . HOH C .  ? 0.4534 0.5440 0.4349 0.0220  -0.0586 0.0455  225 HOH A O     
703 O O     . HOH C .  ? 0.4458 0.5127 0.4205 0.0119  -0.0393 0.0641  226 HOH A O     
704 O O     . HOH C .  ? 0.6217 0.6609 0.6815 -0.1341 0.0266  0.1040  227 HOH A O     
705 O O     . HOH C .  ? 0.3691 0.5128 0.5192 0.0477  -0.0498 -0.0332 228 HOH A O     
706 O O     . HOH C .  ? 0.4348 0.6946 0.3977 -0.0166 -0.1021 -0.2036 229 HOH A O     
707 O O     . HOH C .  ? 0.5614 0.5760 0.6663 0.1293  -0.1394 0.1292  230 HOH A O     
708 O O     . HOH C .  ? 0.4701 0.4886 0.5404 0.0520  -0.0085 -0.1180 231 HOH A O     
709 O O     . HOH C .  ? 0.6652 0.6650 0.6939 -0.0348 -0.0204 0.1203  232 HOH A O     
710 O O     . HOH C .  ? 0.4922 0.6331 0.7121 0.1976  -0.1699 0.0976  233 HOH A O     
711 O O     . HOH C .  ? 0.5230 0.7142 0.6909 0.0364  -0.0539 -0.0448 234 HOH A O     
712 O O     . HOH C .  ? 0.7842 0.8950 0.7122 0.0052  -0.0405 0.0732  235 HOH A O     
713 O O     . HOH C .  ? 0.6810 0.8740 0.7920 0.0262  0.0165  -0.0890 236 HOH A O     
714 O O     . HOH C .  ? 0.7301 0.7932 0.9090 -0.1854 0.0160  0.0354  237 HOH A O     
715 O O     . HOH C .  ? 0.5171 0.6804 0.6509 0.0141  -0.0204 0.0086  238 HOH A O     
716 O O     . HOH C .  ? 0.3440 0.5884 0.5674 0.1058  0.0018  -0.0609 239 HOH A O     
717 O O     . HOH C .  ? 0.4660 0.6874 0.6386 0.0505  0.0067  -0.1139 240 HOH A O     
718 O O     . HOH C .  ? 0.4268 0.4896 0.5872 -0.1035 -0.0244 -0.0509 241 HOH A O     
719 O O     . HOH C .  ? 0.6336 0.8975 0.6431 -0.1188 0.0746  0.0578  242 HOH A O     
720 O O     . HOH C .  ? 0.7857 0.8502 0.7914 -0.0347 0.0038  0.1001  243 HOH A O     
721 O O     . HOH C .  ? 0.6951 0.7012 0.7625 -0.0347 -0.0120 0.0782  244 HOH A O     
722 O O     . HOH C .  ? 0.7391 0.7992 0.8577 0.0970  -0.1405 0.0664  245 HOH A O     
723 O O     . HOH C .  ? 0.8508 0.6591 1.0071 0.0389  -0.1252 0.1248  246 HOH A O     
724 O O     . HOH C .  ? 0.9648 0.7900 1.2568 0.1420  -0.0769 -0.2794 247 HOH A O     
725 O O     . HOH C .  ? 0.5622 0.5973 0.7476 -0.1560 -0.0069 -0.0080 248 HOH A O     
726 O O     . HOH C .  ? 0.9550 1.3141 0.9153 -0.0499 0.0688  -0.0484 249 HOH A O     
727 O O     . HOH D .  ? 0.5969 0.6650 0.5704 0.0274  -0.0740 0.1219  101 HOH B O     
# 
loop_
_pdbx_poly_seq_scheme.asym_id 
_pdbx_poly_seq_scheme.entity_id 
_pdbx_poly_seq_scheme.seq_id 
_pdbx_poly_seq_scheme.mon_id 
_pdbx_poly_seq_scheme.ndb_seq_num 
_pdbx_poly_seq_scheme.pdb_seq_num 
_pdbx_poly_seq_scheme.auth_seq_num 
_pdbx_poly_seq_scheme.pdb_mon_id 
_pdbx_poly_seq_scheme.auth_mon_id 
_pdbx_poly_seq_scheme.pdb_strand_id 
_pdbx_poly_seq_scheme.pdb_ins_code 
_pdbx_poly_seq_scheme.hetero 
A 1 1  GLY 1  48  ?   ?   ?   A . n 
A 1 2  SER 2  49  ?   ?   ?   A . n 
A 1 3  GLY 3  50  ?   ?   ?   A . n 
A 1 4  ASP 4  51  ?   ?   ?   A . n 
A 1 5  LYS 5  52  52  LYS LYS A . n 
A 1 6  LYS 6  53  53  LYS LYS A . n 
A 1 7  VAL 7  54  54  VAL VAL A . n 
A 1 8  ILE 8  55  55  ILE ILE A . n 
A 1 9  ALA 9  56  56  ALA ALA A . n 
A 1 10 THR 10 57  57  THR THR A . n 
A 1 11 LYS 11 58  58  LYS LYS A . n 
A 1 12 VAL 12 59  59  VAL VAL A . n 
A 1 13 LEU 13 60  60  LEU LEU A . n 
A 1 14 GLY 14 61  61  GLY GLY A . n 
A 1 15 THR 15 62  62  THR THR A . n 
A 1 16 VAL 16 63  63  VAL VAL A . n 
A 1 17 LYS 17 64  64  LYS LYS A . n 
A 1 18 TRP 18 65  65  TRP TRP A . n 
A 1 19 PHE 19 66  66  PHE PHE A . n 
A 1 20 ASN 20 67  67  ASN ASN A . n 
A 1 21 VAL 21 68  68  VAL VAL A . n 
A 1 22 ARG 22 69  69  ARG ARG A . n 
A 1 23 ASN 23 70  70  ASN ASN A . n 
A 1 24 GLY 24 71  71  GLY GLY A . n 
A 1 25 TYR 25 72  72  TYR TYR A . n 
A 1 26 GLY 26 73  73  GLY GLY A . n 
A 1 27 PHE 27 74  74  PHE PHE A . n 
A 1 28 ILE 28 75  75  ILE ILE A . n 
A 1 29 ASN 29 76  76  ASN ASN A . n 
A 1 30 ARG 30 77  77  ARG ARG A . n 
A 1 31 ASN 31 78  78  ASN ASN A . n 
A 1 32 ASP 32 79  79  ASP ASP A . n 
A 1 33 THR 33 80  80  THR THR A . n 
A 1 34 LYS 34 81  81  LYS LYS A . n 
A 1 35 GLU 35 82  82  GLU GLU A . n 
A 1 36 ASP 36 83  83  ASP ASP A . n 
A 1 37 VAL 37 84  84  VAL VAL A . n 
A 1 38 PHE 38 85  85  PHE PHE A . n 
A 1 39 VAL 39 86  86  VAL VAL A . n 
A 1 40 HIS 40 87  87  HIS HIS A . n 
A 1 41 GLN 41 88  88  GLN GLN A . n 
A 1 42 THR 42 89  89  THR THR A . n 
A 1 43 ALA 43 90  90  ALA ALA A . n 
A 1 44 ILE 44 91  91  ILE ILE A . n 
A 1 45 LYS 45 92  92  LYS LYS A . n 
A 1 46 LYS 46 93  93  LYS LYS A . n 
A 1 47 ASN 47 94  ?   ?   ?   A . n 
A 1 48 ASN 48 95  ?   ?   ?   A . n 
A 1 49 PRO 49 96  ?   ?   ?   A . n 
A 1 50 ARG 50 97  ?   ?   ?   A . n 
A 1 51 LYS 51 98  98  LYS LYS A . n 
A 1 52 TYR 52 99  99  TYR TYR A . n 
A 1 53 LEU 53 100 100 LEU LEU A . n 
A 1 54 ARG 54 101 101 ARG ARG A . n 
A 1 55 SER 55 102 102 SER SER A . n 
A 1 56 VAL 56 103 103 VAL VAL A . n 
A 1 57 GLY 57 104 104 GLY GLY A . n 
A 1 58 ASP 58 105 105 ASP ASP A . n 
A 1 59 GLY 59 106 106 GLY GLY A . n 
A 1 60 GLU 60 107 107 GLU GLU A . n 
A 1 61 THR 61 108 108 THR THR A . n 
A 1 62 VAL 62 109 109 VAL VAL A . n 
A 1 63 GLU 63 110 110 GLU GLU A . n 
A 1 64 PHE 64 111 111 PHE PHE A . n 
A 1 65 ASP 65 112 112 ASP ASP A . n 
A 1 66 VAL 66 113 113 VAL VAL A . n 
A 1 67 VAL 67 114 114 VAL VAL A . n 
A 1 68 GLU 68 115 115 GLU GLU A . n 
A 1 69 GLY 69 116 116 GLY GLY A . n 
A 1 70 GLU 70 117 117 GLU GLU A . n 
A 1 71 LYS 71 118 118 LYS LYS A . n 
A 1 72 GLY 72 119 119 GLY GLY A . n 
A 1 73 ALA 73 120 120 ALA ALA A . n 
A 1 74 GLU 74 121 121 GLU GLU A . n 
A 1 75 ALA 75 122 122 ALA ALA A . n 
A 1 76 ALA 76 123 123 ALA ALA A . n 
A 1 77 ASN 77 124 124 ASN ASN A . n 
A 1 78 VAL 78 125 125 VAL VAL A . n 
A 1 79 THR 79 126 126 THR THR A . n 
A 1 80 GLY 80 127 127 GLY GLY A . n 
A 1 81 PRO 81 128 128 PRO PRO A . n 
A 1 82 GLY 82 129 129 GLY GLY A . n 
A 1 83 GLY 83 130 ?   ?   ?   A . n 
B 2 1  U   1  1   ?   ?   ?   B . n 
B 2 2  C   2  2   2   C   C   B . n 
B 2 3  A   3  3   3   A   A   B . n 
B 2 4  A   4  4   4   A   A   B . n 
B 2 5  C   5  5   5   C   C   B . n 
B 2 6  U   6  6   ?   ?   ?   B . n 
# 
loop_
_pdbx_nonpoly_scheme.asym_id 
_pdbx_nonpoly_scheme.entity_id 
_pdbx_nonpoly_scheme.mon_id 
_pdbx_nonpoly_scheme.ndb_seq_num 
_pdbx_nonpoly_scheme.pdb_seq_num 
_pdbx_nonpoly_scheme.auth_seq_num 
_pdbx_nonpoly_scheme.pdb_mon_id 
_pdbx_nonpoly_scheme.auth_mon_id 
_pdbx_nonpoly_scheme.pdb_strand_id 
_pdbx_nonpoly_scheme.pdb_ins_code 
C 3 HOH 1  201 4  HOH HOH A . 
C 3 HOH 2  202 47 HOH HOH A . 
C 3 HOH 3  203 28 HOH HOH A . 
C 3 HOH 4  204 24 HOH HOH A . 
C 3 HOH 5  205 19 HOH HOH A . 
C 3 HOH 6  206 51 HOH HOH A . 
C 3 HOH 7  207 39 HOH HOH A . 
C 3 HOH 8  208 10 HOH HOH A . 
C 3 HOH 9  209 11 HOH HOH A . 
C 3 HOH 10 210 16 HOH HOH A . 
C 3 HOH 11 211 15 HOH HOH A . 
C 3 HOH 12 212 31 HOH HOH A . 
C 3 HOH 13 213 17 HOH HOH A . 
C 3 HOH 14 214 7  HOH HOH A . 
C 3 HOH 15 215 2  HOH HOH A . 
C 3 HOH 16 216 1  HOH HOH A . 
C 3 HOH 17 217 45 HOH HOH A . 
C 3 HOH 18 218 3  HOH HOH A . 
C 3 HOH 19 219 12 HOH HOH A . 
C 3 HOH 20 220 14 HOH HOH A . 
C 3 HOH 21 221 5  HOH HOH A . 
C 3 HOH 22 222 6  HOH HOH A . 
C 3 HOH 23 223 42 HOH HOH A . 
C 3 HOH 24 224 32 HOH HOH A . 
C 3 HOH 25 225 20 HOH HOH A . 
C 3 HOH 26 226 8  HOH HOH A . 
C 3 HOH 27 227 29 HOH HOH A . 
C 3 HOH 28 228 40 HOH HOH A . 
C 3 HOH 29 229 27 HOH HOH A . 
C 3 HOH 30 230 44 HOH HOH A . 
C 3 HOH 31 231 37 HOH HOH A . 
C 3 HOH 32 232 48 HOH HOH A . 
C 3 HOH 33 233 22 HOH HOH A . 
C 3 HOH 34 234 41 HOH HOH A . 
C 3 HOH 35 235 23 HOH HOH A . 
C 3 HOH 36 236 33 HOH HOH A . 
C 3 HOH 37 237 18 HOH HOH A . 
C 3 HOH 38 238 34 HOH HOH A . 
C 3 HOH 39 239 9  HOH HOH A . 
C 3 HOH 40 240 43 HOH HOH A . 
C 3 HOH 41 241 38 HOH HOH A . 
C 3 HOH 42 242 36 HOH HOH A . 
C 3 HOH 43 243 30 HOH HOH A . 
C 3 HOH 44 244 13 HOH HOH A . 
C 3 HOH 45 245 49 HOH HOH A . 
C 3 HOH 46 246 52 HOH HOH A . 
C 3 HOH 47 247 53 HOH HOH A . 
C 3 HOH 48 248 50 HOH HOH A . 
C 3 HOH 49 249 25 HOH HOH A . 
D 3 HOH 1  101 21 HOH HOH B . 
# 
_pdbx_struct_assembly.id                   1 
_pdbx_struct_assembly.details              author_defined_assembly 
_pdbx_struct_assembly.method_details       ? 
_pdbx_struct_assembly.oligomeric_details   dimeric 
_pdbx_struct_assembly.oligomeric_count     2 
# 
_pdbx_struct_assembly_gen.assembly_id       1 
_pdbx_struct_assembly_gen.oper_expression   1 
_pdbx_struct_assembly_gen.asym_id_list      A,B,C,D 
# 
loop_
_pdbx_struct_assembly_prop.biol_id 
_pdbx_struct_assembly_prop.type 
_pdbx_struct_assembly_prop.value 
_pdbx_struct_assembly_prop.details 
1 'ABSA (A^2)' 1160 ? 
1 MORE         0    ? 
1 'SSA (A^2)'  5140 ? 
# 
_pdbx_struct_oper_list.id                   1 
_pdbx_struct_oper_list.type                 'identity operation' 
_pdbx_struct_oper_list.name                 1_555 
_pdbx_struct_oper_list.symmetry_operation   x,y,z 
_pdbx_struct_oper_list.matrix[1][1]         1.0000000000 
_pdbx_struct_oper_list.matrix[1][2]         0.0000000000 
_pdbx_struct_oper_list.matrix[1][3]         0.0000000000 
_pdbx_struct_oper_list.vector[1]            0.0000000000 
_pdbx_struct_oper_list.matrix[2][1]         0.0000000000 
_pdbx_struct_oper_list.matrix[2][2]         1.0000000000 
_pdbx_struct_oper_list.matrix[2][3]         0.0000000000 
_pdbx_struct_oper_list.vector[2]            0.0000000000 
_pdbx_struct_oper_list.matrix[3][1]         0.0000000000 
_pdbx_struct_oper_list.matrix[3][2]         0.0000000000 
_pdbx_struct_oper_list.matrix[3][3]         1.0000000000 
_pdbx_struct_oper_list.vector[3]            0.0000000000 
# 
loop_
_pdbx_audit_revision_history.ordinal 
_pdbx_audit_revision_history.data_content_type 
_pdbx_audit_revision_history.major_revision 
_pdbx_audit_revision_history.minor_revision 
_pdbx_audit_revision_history.revision_date 
1 'Structure model' 1 0 2018-12-05 
2 'Structure model' 1 1 2019-06-19 
3 'Structure model' 1 2 2019-07-24 
4 'Structure model' 1 3 2023-11-22 
# 
_pdbx_audit_revision_details.ordinal             1 
_pdbx_audit_revision_details.revision_ordinal    1 
_pdbx_audit_revision_details.data_content_type   'Structure model' 
_pdbx_audit_revision_details.provider            repository 
_pdbx_audit_revision_details.type                'Initial release' 
_pdbx_audit_revision_details.description         ? 
_pdbx_audit_revision_details.details             ? 
# 
loop_
_pdbx_audit_revision_group.ordinal 
_pdbx_audit_revision_group.revision_ordinal 
_pdbx_audit_revision_group.data_content_type 
_pdbx_audit_revision_group.group 
1 2 'Structure model' 'Data collection'        
2 2 'Structure model' 'Database references'    
3 3 'Structure model' 'Data collection'        
4 3 'Structure model' 'Database references'    
5 4 'Structure model' 'Data collection'        
6 4 'Structure model' 'Database references'    
7 4 'Structure model' 'Refinement description' 
# 
loop_
_pdbx_audit_revision_category.ordinal 
_pdbx_audit_revision_category.revision_ordinal 
_pdbx_audit_revision_category.data_content_type 
_pdbx_audit_revision_category.category 
1 2 'Structure model' citation                      
2 2 'Structure model' citation_author               
3 3 'Structure model' citation                      
4 3 'Structure model' citation_author               
5 4 'Structure model' chem_comp_atom                
6 4 'Structure model' chem_comp_bond                
7 4 'Structure model' database_2                    
8 4 'Structure model' pdbx_initial_refinement_model 
# 
loop_
_pdbx_audit_revision_item.ordinal 
_pdbx_audit_revision_item.revision_ordinal 
_pdbx_audit_revision_item.data_content_type 
_pdbx_audit_revision_item.item 
1  2 'Structure model' '_citation.country'                   
2  2 'Structure model' '_citation.journal_abbrev'            
3  2 'Structure model' '_citation.journal_id_ASTM'           
4  2 'Structure model' '_citation.journal_id_CSD'            
5  2 'Structure model' '_citation.journal_id_ISSN'           
6  2 'Structure model' '_citation.pdbx_database_id_DOI'      
7  2 'Structure model' '_citation.pdbx_database_id_PubMed'   
8  2 'Structure model' '_citation.title'                     
9  2 'Structure model' '_citation.year'                      
10 3 'Structure model' '_citation.journal_volume'            
11 3 'Structure model' '_citation.page_first'                
12 3 'Structure model' '_citation.page_last'                 
13 3 'Structure model' '_citation_author.identifier_ORCID'   
14 4 'Structure model' '_database_2.pdbx_DOI'                
15 4 'Structure model' '_database_2.pdbx_database_accession' 
# 
_pdbx_refine_tls.pdbx_refine_id   'X-RAY DIFFRACTION' 
_pdbx_refine_tls.id               1 
_pdbx_refine_tls.details          ? 
_pdbx_refine_tls.method           refined 
_pdbx_refine_tls.origin_x         0.7571 
_pdbx_refine_tls.origin_y         -1.5749 
_pdbx_refine_tls.origin_z         0.8721 
_pdbx_refine_tls.T[1][1]          0.1709 
_pdbx_refine_tls.T[2][2]          0.1644 
_pdbx_refine_tls.T[3][3]          0.2126 
_pdbx_refine_tls.T[1][2]          0.0113 
_pdbx_refine_tls.T[1][3]          -0.0074 
_pdbx_refine_tls.T[2][3]          0.0049 
_pdbx_refine_tls.L[1][1]          5.9683 
_pdbx_refine_tls.L[2][2]          2.5722 
_pdbx_refine_tls.L[3][3]          3.6912 
_pdbx_refine_tls.L[1][2]          0.4366 
_pdbx_refine_tls.L[1][3]          1.1267 
_pdbx_refine_tls.L[2][3]          0.9078 
_pdbx_refine_tls.S[1][1]          0.0734 
_pdbx_refine_tls.S[1][2]          0.1508 
_pdbx_refine_tls.S[1][3]          -0.4962 
_pdbx_refine_tls.S[2][1]          -0.0300 
_pdbx_refine_tls.S[2][2]          -0.0613 
_pdbx_refine_tls.S[2][3]          -0.0041 
_pdbx_refine_tls.S[3][1]          0.3636 
_pdbx_refine_tls.S[3][2]          0.0286 
_pdbx_refine_tls.S[3][3]          -0.0566 
# 
_pdbx_refine_tls_group.pdbx_refine_id      'X-RAY DIFFRACTION' 
_pdbx_refine_tls_group.id                  1 
_pdbx_refine_tls_group.refine_tls_id       1 
_pdbx_refine_tls_group.beg_auth_asym_id    ? 
_pdbx_refine_tls_group.beg_auth_seq_id     ? 
_pdbx_refine_tls_group.beg_label_asym_id   ? 
_pdbx_refine_tls_group.beg_label_seq_id    ? 
_pdbx_refine_tls_group.end_auth_asym_id    ? 
_pdbx_refine_tls_group.end_auth_seq_id     ? 
_pdbx_refine_tls_group.end_label_asym_id   ? 
_pdbx_refine_tls_group.end_label_seq_id    ? 
_pdbx_refine_tls_group.selection           ? 
_pdbx_refine_tls_group.selection_details   all 
# 
loop_
_software.citation_id 
_software.classification 
_software.compiler_name 
_software.compiler_version 
_software.contact_author 
_software.contact_author_email 
_software.date 
_software.description 
_software.dependencies 
_software.hardware 
_software.language 
_software.location 
_software.mods 
_software.name 
_software.os 
_software.os_version 
_software.type 
_software.version 
_software.pdbx_ordinal 
? refinement       ? ? ? ? ? ? ? ? ? ? ? PHENIX   ? ? ? 1.9_1692 1 
? 'data reduction' ? ? ? ? ? ? ? ? ? ? ? HKL-3000 ? ? ? .        2 
? 'data scaling'   ? ? ? ? ? ? ? ? ? ? ? HKL-3000 ? ? ? .        3 
? phasing          ? ? ? ? ? ? ? ? ? ? ? PHENIX   ? ? ? .        4 
# 
_pdbx_distant_solvent_atoms.id                                1 
_pdbx_distant_solvent_atoms.PDB_model_num                     1 
_pdbx_distant_solvent_atoms.auth_atom_id                      O 
_pdbx_distant_solvent_atoms.label_alt_id                      ? 
_pdbx_distant_solvent_atoms.auth_asym_id                      A 
_pdbx_distant_solvent_atoms.auth_comp_id                      HOH 
_pdbx_distant_solvent_atoms.auth_seq_id                       249 
_pdbx_distant_solvent_atoms.PDB_ins_code                      ? 
_pdbx_distant_solvent_atoms.neighbor_macromolecule_distance   7.60 
_pdbx_distant_solvent_atoms.neighbor_ligand_distance          . 
# 
loop_
_pdbx_unobs_or_zero_occ_residues.id 
_pdbx_unobs_or_zero_occ_residues.PDB_model_num 
_pdbx_unobs_or_zero_occ_residues.polymer_flag 
_pdbx_unobs_or_zero_occ_residues.occupancy_flag 
_pdbx_unobs_or_zero_occ_residues.auth_asym_id 
_pdbx_unobs_or_zero_occ_residues.auth_comp_id 
_pdbx_unobs_or_zero_occ_residues.auth_seq_id 
_pdbx_unobs_or_zero_occ_residues.PDB_ins_code 
_pdbx_unobs_or_zero_occ_residues.label_asym_id 
_pdbx_unobs_or_zero_occ_residues.label_comp_id 
_pdbx_unobs_or_zero_occ_residues.label_seq_id 
1  1 Y 1 A GLY 48  ? A GLY 1  
2  1 Y 1 A SER 49  ? A SER 2  
3  1 Y 1 A GLY 50  ? A GLY 3  
4  1 Y 1 A ASP 51  ? A ASP 4  
5  1 Y 1 A ASN 94  ? A ASN 47 
6  1 Y 1 A ASN 95  ? A ASN 48 
7  1 Y 1 A PRO 96  ? A PRO 49 
8  1 Y 1 A ARG 97  ? A ARG 50 
9  1 Y 1 A GLY 130 ? A GLY 83 
10 1 Y 1 B U   1   ? B U   1  
11 1 Y 1 B U   6   ? B U   6  
# 
loop_
_chem_comp_atom.comp_id 
_chem_comp_atom.atom_id 
_chem_comp_atom.type_symbol 
_chem_comp_atom.pdbx_aromatic_flag 
_chem_comp_atom.pdbx_stereo_config 
_chem_comp_atom.pdbx_ordinal 
A   OP3    O N N 1   
A   P      P N N 2   
A   OP1    O N N 3   
A   OP2    O N N 4   
A   "O5'"  O N N 5   
A   "C5'"  C N N 6   
A   "C4'"  C N R 7   
A   "O4'"  O N N 8   
A   "C3'"  C N S 9   
A   "O3'"  O N N 10  
A   "C2'"  C N R 11  
A   "O2'"  O N N 12  
A   "C1'"  C N R 13  
A   N9     N Y N 14  
A   C8     C Y N 15  
A   N7     N Y N 16  
A   C5     C Y N 17  
A   C6     C Y N 18  
A   N6     N N N 19  
A   N1     N Y N 20  
A   C2     C Y N 21  
A   N3     N Y N 22  
A   C4     C Y N 23  
A   HOP3   H N N 24  
A   HOP2   H N N 25  
A   "H5'"  H N N 26  
A   "H5''" H N N 27  
A   "H4'"  H N N 28  
A   "H3'"  H N N 29  
A   "HO3'" H N N 30  
A   "H2'"  H N N 31  
A   "HO2'" H N N 32  
A   "H1'"  H N N 33  
A   H8     H N N 34  
A   H61    H N N 35  
A   H62    H N N 36  
A   H2     H N N 37  
ALA N      N N N 38  
ALA CA     C N S 39  
ALA C      C N N 40  
ALA O      O N N 41  
ALA CB     C N N 42  
ALA OXT    O N N 43  
ALA H      H N N 44  
ALA H2     H N N 45  
ALA HA     H N N 46  
ALA HB1    H N N 47  
ALA HB2    H N N 48  
ALA HB3    H N N 49  
ALA HXT    H N N 50  
ARG N      N N N 51  
ARG CA     C N S 52  
ARG C      C N N 53  
ARG O      O N N 54  
ARG CB     C N N 55  
ARG CG     C N N 56  
ARG CD     C N N 57  
ARG NE     N N N 58  
ARG CZ     C N N 59  
ARG NH1    N N N 60  
ARG NH2    N N N 61  
ARG OXT    O N N 62  
ARG H      H N N 63  
ARG H2     H N N 64  
ARG HA     H N N 65  
ARG HB2    H N N 66  
ARG HB3    H N N 67  
ARG HG2    H N N 68  
ARG HG3    H N N 69  
ARG HD2    H N N 70  
ARG HD3    H N N 71  
ARG HE     H N N 72  
ARG HH11   H N N 73  
ARG HH12   H N N 74  
ARG HH21   H N N 75  
ARG HH22   H N N 76  
ARG HXT    H N N 77  
ASN N      N N N 78  
ASN CA     C N S 79  
ASN C      C N N 80  
ASN O      O N N 81  
ASN CB     C N N 82  
ASN CG     C N N 83  
ASN OD1    O N N 84  
ASN ND2    N N N 85  
ASN OXT    O N N 86  
ASN H      H N N 87  
ASN H2     H N N 88  
ASN HA     H N N 89  
ASN HB2    H N N 90  
ASN HB3    H N N 91  
ASN HD21   H N N 92  
ASN HD22   H N N 93  
ASN HXT    H N N 94  
ASP N      N N N 95  
ASP CA     C N S 96  
ASP C      C N N 97  
ASP O      O N N 98  
ASP CB     C N N 99  
ASP CG     C N N 100 
ASP OD1    O N N 101 
ASP OD2    O N N 102 
ASP OXT    O N N 103 
ASP H      H N N 104 
ASP H2     H N N 105 
ASP HA     H N N 106 
ASP HB2    H N N 107 
ASP HB3    H N N 108 
ASP HD2    H N N 109 
ASP HXT    H N N 110 
C   OP3    O N N 111 
C   P      P N N 112 
C   OP1    O N N 113 
C   OP2    O N N 114 
C   "O5'"  O N N 115 
C   "C5'"  C N N 116 
C   "C4'"  C N R 117 
C   "O4'"  O N N 118 
C   "C3'"  C N S 119 
C   "O3'"  O N N 120 
C   "C2'"  C N R 121 
C   "O2'"  O N N 122 
C   "C1'"  C N R 123 
C   N1     N N N 124 
C   C2     C N N 125 
C   O2     O N N 126 
C   N3     N N N 127 
C   C4     C N N 128 
C   N4     N N N 129 
C   C5     C N N 130 
C   C6     C N N 131 
C   HOP3   H N N 132 
C   HOP2   H N N 133 
C   "H5'"  H N N 134 
C   "H5''" H N N 135 
C   "H4'"  H N N 136 
C   "H3'"  H N N 137 
C   "HO3'" H N N 138 
C   "H2'"  H N N 139 
C   "HO2'" H N N 140 
C   "H1'"  H N N 141 
C   H41    H N N 142 
C   H42    H N N 143 
C   H5     H N N 144 
C   H6     H N N 145 
GLN N      N N N 146 
GLN CA     C N S 147 
GLN C      C N N 148 
GLN O      O N N 149 
GLN CB     C N N 150 
GLN CG     C N N 151 
GLN CD     C N N 152 
GLN OE1    O N N 153 
GLN NE2    N N N 154 
GLN OXT    O N N 155 
GLN H      H N N 156 
GLN H2     H N N 157 
GLN HA     H N N 158 
GLN HB2    H N N 159 
GLN HB3    H N N 160 
GLN HG2    H N N 161 
GLN HG3    H N N 162 
GLN HE21   H N N 163 
GLN HE22   H N N 164 
GLN HXT    H N N 165 
GLU N      N N N 166 
GLU CA     C N S 167 
GLU C      C N N 168 
GLU O      O N N 169 
GLU CB     C N N 170 
GLU CG     C N N 171 
GLU CD     C N N 172 
GLU OE1    O N N 173 
GLU OE2    O N N 174 
GLU OXT    O N N 175 
GLU H      H N N 176 
GLU H2     H N N 177 
GLU HA     H N N 178 
GLU HB2    H N N 179 
GLU HB3    H N N 180 
GLU HG2    H N N 181 
GLU HG3    H N N 182 
GLU HE2    H N N 183 
GLU HXT    H N N 184 
GLY N      N N N 185 
GLY CA     C N N 186 
GLY C      C N N 187 
GLY O      O N N 188 
GLY OXT    O N N 189 
GLY H      H N N 190 
GLY H2     H N N 191 
GLY HA2    H N N 192 
GLY HA3    H N N 193 
GLY HXT    H N N 194 
HIS N      N N N 195 
HIS CA     C N S 196 
HIS C      C N N 197 
HIS O      O N N 198 
HIS CB     C N N 199 
HIS CG     C Y N 200 
HIS ND1    N Y N 201 
HIS CD2    C Y N 202 
HIS CE1    C Y N 203 
HIS NE2    N Y N 204 
HIS OXT    O N N 205 
HIS H      H N N 206 
HIS H2     H N N 207 
HIS HA     H N N 208 
HIS HB2    H N N 209 
HIS HB3    H N N 210 
HIS HD1    H N N 211 
HIS HD2    H N N 212 
HIS HE1    H N N 213 
HIS HE2    H N N 214 
HIS HXT    H N N 215 
HOH O      O N N 216 
HOH H1     H N N 217 
HOH H2     H N N 218 
ILE N      N N N 219 
ILE CA     C N S 220 
ILE C      C N N 221 
ILE O      O N N 222 
ILE CB     C N S 223 
ILE CG1    C N N 224 
ILE CG2    C N N 225 
ILE CD1    C N N 226 
ILE OXT    O N N 227 
ILE H      H N N 228 
ILE H2     H N N 229 
ILE HA     H N N 230 
ILE HB     H N N 231 
ILE HG12   H N N 232 
ILE HG13   H N N 233 
ILE HG21   H N N 234 
ILE HG22   H N N 235 
ILE HG23   H N N 236 
ILE HD11   H N N 237 
ILE HD12   H N N 238 
ILE HD13   H N N 239 
ILE HXT    H N N 240 
LEU N      N N N 241 
LEU CA     C N S 242 
LEU C      C N N 243 
LEU O      O N N 244 
LEU CB     C N N 245 
LEU CG     C N N 246 
LEU CD1    C N N 247 
LEU CD2    C N N 248 
LEU OXT    O N N 249 
LEU H      H N N 250 
LEU H2     H N N 251 
LEU HA     H N N 252 
LEU HB2    H N N 253 
LEU HB3    H N N 254 
LEU HG     H N N 255 
LEU HD11   H N N 256 
LEU HD12   H N N 257 
LEU HD13   H N N 258 
LEU HD21   H N N 259 
LEU HD22   H N N 260 
LEU HD23   H N N 261 
LEU HXT    H N N 262 
LYS N      N N N 263 
LYS CA     C N S 264 
LYS C      C N N 265 
LYS O      O N N 266 
LYS CB     C N N 267 
LYS CG     C N N 268 
LYS CD     C N N 269 
LYS CE     C N N 270 
LYS NZ     N N N 271 
LYS OXT    O N N 272 
LYS H      H N N 273 
LYS H2     H N N 274 
LYS HA     H N N 275 
LYS HB2    H N N 276 
LYS HB3    H N N 277 
LYS HG2    H N N 278 
LYS HG3    H N N 279 
LYS HD2    H N N 280 
LYS HD3    H N N 281 
LYS HE2    H N N 282 
LYS HE3    H N N 283 
LYS HZ1    H N N 284 
LYS HZ2    H N N 285 
LYS HZ3    H N N 286 
LYS HXT    H N N 287 
PHE N      N N N 288 
PHE CA     C N S 289 
PHE C      C N N 290 
PHE O      O N N 291 
PHE CB     C N N 292 
PHE CG     C Y N 293 
PHE CD1    C Y N 294 
PHE CD2    C Y N 295 
PHE CE1    C Y N 296 
PHE CE2    C Y N 297 
PHE CZ     C Y N 298 
PHE OXT    O N N 299 
PHE H      H N N 300 
PHE H2     H N N 301 
PHE HA     H N N 302 
PHE HB2    H N N 303 
PHE HB3    H N N 304 
PHE HD1    H N N 305 
PHE HD2    H N N 306 
PHE HE1    H N N 307 
PHE HE2    H N N 308 
PHE HZ     H N N 309 
PHE HXT    H N N 310 
PRO N      N N N 311 
PRO CA     C N S 312 
PRO C      C N N 313 
PRO O      O N N 314 
PRO CB     C N N 315 
PRO CG     C N N 316 
PRO CD     C N N 317 
PRO OXT    O N N 318 
PRO H      H N N 319 
PRO HA     H N N 320 
PRO HB2    H N N 321 
PRO HB3    H N N 322 
PRO HG2    H N N 323 
PRO HG3    H N N 324 
PRO HD2    H N N 325 
PRO HD3    H N N 326 
PRO HXT    H N N 327 
SER N      N N N 328 
SER CA     C N S 329 
SER C      C N N 330 
SER O      O N N 331 
SER CB     C N N 332 
SER OG     O N N 333 
SER OXT    O N N 334 
SER H      H N N 335 
SER H2     H N N 336 
SER HA     H N N 337 
SER HB2    H N N 338 
SER HB3    H N N 339 
SER HG     H N N 340 
SER HXT    H N N 341 
THR N      N N N 342 
THR CA     C N S 343 
THR C      C N N 344 
THR O      O N N 345 
THR CB     C N R 346 
THR OG1    O N N 347 
THR CG2    C N N 348 
THR OXT    O N N 349 
THR H      H N N 350 
THR H2     H N N 351 
THR HA     H N N 352 
THR HB     H N N 353 
THR HG1    H N N 354 
THR HG21   H N N 355 
THR HG22   H N N 356 
THR HG23   H N N 357 
THR HXT    H N N 358 
TRP N      N N N 359 
TRP CA     C N S 360 
TRP C      C N N 361 
TRP O      O N N 362 
TRP CB     C N N 363 
TRP CG     C Y N 364 
TRP CD1    C Y N 365 
TRP CD2    C Y N 366 
TRP NE1    N Y N 367 
TRP CE2    C Y N 368 
TRP CE3    C Y N 369 
TRP CZ2    C Y N 370 
TRP CZ3    C Y N 371 
TRP CH2    C Y N 372 
TRP OXT    O N N 373 
TRP H      H N N 374 
TRP H2     H N N 375 
TRP HA     H N N 376 
TRP HB2    H N N 377 
TRP HB3    H N N 378 
TRP HD1    H N N 379 
TRP HE1    H N N 380 
TRP HE3    H N N 381 
TRP HZ2    H N N 382 
TRP HZ3    H N N 383 
TRP HH2    H N N 384 
TRP HXT    H N N 385 
TYR N      N N N 386 
TYR CA     C N S 387 
TYR C      C N N 388 
TYR O      O N N 389 
TYR CB     C N N 390 
TYR CG     C Y N 391 
TYR CD1    C Y N 392 
TYR CD2    C Y N 393 
TYR CE1    C Y N 394 
TYR CE2    C Y N 395 
TYR CZ     C Y N 396 
TYR OH     O N N 397 
TYR OXT    O N N 398 
TYR H      H N N 399 
TYR H2     H N N 400 
TYR HA     H N N 401 
TYR HB2    H N N 402 
TYR HB3    H N N 403 
TYR HD1    H N N 404 
TYR HD2    H N N 405 
TYR HE1    H N N 406 
TYR HE2    H N N 407 
TYR HH     H N N 408 
TYR HXT    H N N 409 
U   OP3    O N N 410 
U   P      P N N 411 
U   OP1    O N N 412 
U   OP2    O N N 413 
U   "O5'"  O N N 414 
U   "C5'"  C N N 415 
U   "C4'"  C N R 416 
U   "O4'"  O N N 417 
U   "C3'"  C N S 418 
U   "O3'"  O N N 419 
U   "C2'"  C N R 420 
U   "O2'"  O N N 421 
U   "C1'"  C N R 422 
U   N1     N N N 423 
U   C2     C N N 424 
U   O2     O N N 425 
U   N3     N N N 426 
U   C4     C N N 427 
U   O4     O N N 428 
U   C5     C N N 429 
U   C6     C N N 430 
U   HOP3   H N N 431 
U   HOP2   H N N 432 
U   "H5'"  H N N 433 
U   "H5''" H N N 434 
U   "H4'"  H N N 435 
U   "H3'"  H N N 436 
U   "HO3'" H N N 437 
U   "H2'"  H N N 438 
U   "HO2'" H N N 439 
U   "H1'"  H N N 440 
U   H3     H N N 441 
U   H5     H N N 442 
U   H6     H N N 443 
VAL N      N N N 444 
VAL CA     C N S 445 
VAL C      C N N 446 
VAL O      O N N 447 
VAL CB     C N N 448 
VAL CG1    C N N 449 
VAL CG2    C N N 450 
VAL OXT    O N N 451 
VAL H      H N N 452 
VAL H2     H N N 453 
VAL HA     H N N 454 
VAL HB     H N N 455 
VAL HG11   H N N 456 
VAL HG12   H N N 457 
VAL HG13   H N N 458 
VAL HG21   H N N 459 
VAL HG22   H N N 460 
VAL HG23   H N N 461 
VAL HXT    H N N 462 
# 
loop_
_chem_comp_bond.comp_id 
_chem_comp_bond.atom_id_1 
_chem_comp_bond.atom_id_2 
_chem_comp_bond.value_order 
_chem_comp_bond.pdbx_aromatic_flag 
_chem_comp_bond.pdbx_stereo_config 
_chem_comp_bond.pdbx_ordinal 
A   OP3   P      sing N N 1   
A   OP3   HOP3   sing N N 2   
A   P     OP1    doub N N 3   
A   P     OP2    sing N N 4   
A   P     "O5'"  sing N N 5   
A   OP2   HOP2   sing N N 6   
A   "O5'" "C5'"  sing N N 7   
A   "C5'" "C4'"  sing N N 8   
A   "C5'" "H5'"  sing N N 9   
A   "C5'" "H5''" sing N N 10  
A   "C4'" "O4'"  sing N N 11  
A   "C4'" "C3'"  sing N N 12  
A   "C4'" "H4'"  sing N N 13  
A   "O4'" "C1'"  sing N N 14  
A   "C3'" "O3'"  sing N N 15  
A   "C3'" "C2'"  sing N N 16  
A   "C3'" "H3'"  sing N N 17  
A   "O3'" "HO3'" sing N N 18  
A   "C2'" "O2'"  sing N N 19  
A   "C2'" "C1'"  sing N N 20  
A   "C2'" "H2'"  sing N N 21  
A   "O2'" "HO2'" sing N N 22  
A   "C1'" N9     sing N N 23  
A   "C1'" "H1'"  sing N N 24  
A   N9    C8     sing Y N 25  
A   N9    C4     sing Y N 26  
A   C8    N7     doub Y N 27  
A   C8    H8     sing N N 28  
A   N7    C5     sing Y N 29  
A   C5    C6     sing Y N 30  
A   C5    C4     doub Y N 31  
A   C6    N6     sing N N 32  
A   C6    N1     doub Y N 33  
A   N6    H61    sing N N 34  
A   N6    H62    sing N N 35  
A   N1    C2     sing Y N 36  
A   C2    N3     doub Y N 37  
A   C2    H2     sing N N 38  
A   N3    C4     sing Y N 39  
ALA N     CA     sing N N 40  
ALA N     H      sing N N 41  
ALA N     H2     sing N N 42  
ALA CA    C      sing N N 43  
ALA CA    CB     sing N N 44  
ALA CA    HA     sing N N 45  
ALA C     O      doub N N 46  
ALA C     OXT    sing N N 47  
ALA CB    HB1    sing N N 48  
ALA CB    HB2    sing N N 49  
ALA CB    HB3    sing N N 50  
ALA OXT   HXT    sing N N 51  
ARG N     CA     sing N N 52  
ARG N     H      sing N N 53  
ARG N     H2     sing N N 54  
ARG CA    C      sing N N 55  
ARG CA    CB     sing N N 56  
ARG CA    HA     sing N N 57  
ARG C     O      doub N N 58  
ARG C     OXT    sing N N 59  
ARG CB    CG     sing N N 60  
ARG CB    HB2    sing N N 61  
ARG CB    HB3    sing N N 62  
ARG CG    CD     sing N N 63  
ARG CG    HG2    sing N N 64  
ARG CG    HG3    sing N N 65  
ARG CD    NE     sing N N 66  
ARG CD    HD2    sing N N 67  
ARG CD    HD3    sing N N 68  
ARG NE    CZ     sing N N 69  
ARG NE    HE     sing N N 70  
ARG CZ    NH1    sing N N 71  
ARG CZ    NH2    doub N N 72  
ARG NH1   HH11   sing N N 73  
ARG NH1   HH12   sing N N 74  
ARG NH2   HH21   sing N N 75  
ARG NH2   HH22   sing N N 76  
ARG OXT   HXT    sing N N 77  
ASN N     CA     sing N N 78  
ASN N     H      sing N N 79  
ASN N     H2     sing N N 80  
ASN CA    C      sing N N 81  
ASN CA    CB     sing N N 82  
ASN CA    HA     sing N N 83  
ASN C     O      doub N N 84  
ASN C     OXT    sing N N 85  
ASN CB    CG     sing N N 86  
ASN CB    HB2    sing N N 87  
ASN CB    HB3    sing N N 88  
ASN CG    OD1    doub N N 89  
ASN CG    ND2    sing N N 90  
ASN ND2   HD21   sing N N 91  
ASN ND2   HD22   sing N N 92  
ASN OXT   HXT    sing N N 93  
ASP N     CA     sing N N 94  
ASP N     H      sing N N 95  
ASP N     H2     sing N N 96  
ASP CA    C      sing N N 97  
ASP CA    CB     sing N N 98  
ASP CA    HA     sing N N 99  
ASP C     O      doub N N 100 
ASP C     OXT    sing N N 101 
ASP CB    CG     sing N N 102 
ASP CB    HB2    sing N N 103 
ASP CB    HB3    sing N N 104 
ASP CG    OD1    doub N N 105 
ASP CG    OD2    sing N N 106 
ASP OD2   HD2    sing N N 107 
ASP OXT   HXT    sing N N 108 
C   OP3   P      sing N N 109 
C   OP3   HOP3   sing N N 110 
C   P     OP1    doub N N 111 
C   P     OP2    sing N N 112 
C   P     "O5'"  sing N N 113 
C   OP2   HOP2   sing N N 114 
C   "O5'" "C5'"  sing N N 115 
C   "C5'" "C4'"  sing N N 116 
C   "C5'" "H5'"  sing N N 117 
C   "C5'" "H5''" sing N N 118 
C   "C4'" "O4'"  sing N N 119 
C   "C4'" "C3'"  sing N N 120 
C   "C4'" "H4'"  sing N N 121 
C   "O4'" "C1'"  sing N N 122 
C   "C3'" "O3'"  sing N N 123 
C   "C3'" "C2'"  sing N N 124 
C   "C3'" "H3'"  sing N N 125 
C   "O3'" "HO3'" sing N N 126 
C   "C2'" "O2'"  sing N N 127 
C   "C2'" "C1'"  sing N N 128 
C   "C2'" "H2'"  sing N N 129 
C   "O2'" "HO2'" sing N N 130 
C   "C1'" N1     sing N N 131 
C   "C1'" "H1'"  sing N N 132 
C   N1    C2     sing N N 133 
C   N1    C6     sing N N 134 
C   C2    O2     doub N N 135 
C   C2    N3     sing N N 136 
C   N3    C4     doub N N 137 
C   C4    N4     sing N N 138 
C   C4    C5     sing N N 139 
C   N4    H41    sing N N 140 
C   N4    H42    sing N N 141 
C   C5    C6     doub N N 142 
C   C5    H5     sing N N 143 
C   C6    H6     sing N N 144 
GLN N     CA     sing N N 145 
GLN N     H      sing N N 146 
GLN N     H2     sing N N 147 
GLN CA    C      sing N N 148 
GLN CA    CB     sing N N 149 
GLN CA    HA     sing N N 150 
GLN C     O      doub N N 151 
GLN C     OXT    sing N N 152 
GLN CB    CG     sing N N 153 
GLN CB    HB2    sing N N 154 
GLN CB    HB3    sing N N 155 
GLN CG    CD     sing N N 156 
GLN CG    HG2    sing N N 157 
GLN CG    HG3    sing N N 158 
GLN CD    OE1    doub N N 159 
GLN CD    NE2    sing N N 160 
GLN NE2   HE21   sing N N 161 
GLN NE2   HE22   sing N N 162 
GLN OXT   HXT    sing N N 163 
GLU N     CA     sing N N 164 
GLU N     H      sing N N 165 
GLU N     H2     sing N N 166 
GLU CA    C      sing N N 167 
GLU CA    CB     sing N N 168 
GLU CA    HA     sing N N 169 
GLU C     O      doub N N 170 
GLU C     OXT    sing N N 171 
GLU CB    CG     sing N N 172 
GLU CB    HB2    sing N N 173 
GLU CB    HB3    sing N N 174 
GLU CG    CD     sing N N 175 
GLU CG    HG2    sing N N 176 
GLU CG    HG3    sing N N 177 
GLU CD    OE1    doub N N 178 
GLU CD    OE2    sing N N 179 
GLU OE2   HE2    sing N N 180 
GLU OXT   HXT    sing N N 181 
GLY N     CA     sing N N 182 
GLY N     H      sing N N 183 
GLY N     H2     sing N N 184 
GLY CA    C      sing N N 185 
GLY CA    HA2    sing N N 186 
GLY CA    HA3    sing N N 187 
GLY C     O      doub N N 188 
GLY C     OXT    sing N N 189 
GLY OXT   HXT    sing N N 190 
HIS N     CA     sing N N 191 
HIS N     H      sing N N 192 
HIS N     H2     sing N N 193 
HIS CA    C      sing N N 194 
HIS CA    CB     sing N N 195 
HIS CA    HA     sing N N 196 
HIS C     O      doub N N 197 
HIS C     OXT    sing N N 198 
HIS CB    CG     sing N N 199 
HIS CB    HB2    sing N N 200 
HIS CB    HB3    sing N N 201 
HIS CG    ND1    sing Y N 202 
HIS CG    CD2    doub Y N 203 
HIS ND1   CE1    doub Y N 204 
HIS ND1   HD1    sing N N 205 
HIS CD2   NE2    sing Y N 206 
HIS CD2   HD2    sing N N 207 
HIS CE1   NE2    sing Y N 208 
HIS CE1   HE1    sing N N 209 
HIS NE2   HE2    sing N N 210 
HIS OXT   HXT    sing N N 211 
HOH O     H1     sing N N 212 
HOH O     H2     sing N N 213 
ILE N     CA     sing N N 214 
ILE N     H      sing N N 215 
ILE N     H2     sing N N 216 
ILE CA    C      sing N N 217 
ILE CA    CB     sing N N 218 
ILE CA    HA     sing N N 219 
ILE C     O      doub N N 220 
ILE C     OXT    sing N N 221 
ILE CB    CG1    sing N N 222 
ILE CB    CG2    sing N N 223 
ILE CB    HB     sing N N 224 
ILE CG1   CD1    sing N N 225 
ILE CG1   HG12   sing N N 226 
ILE CG1   HG13   sing N N 227 
ILE CG2   HG21   sing N N 228 
ILE CG2   HG22   sing N N 229 
ILE CG2   HG23   sing N N 230 
ILE CD1   HD11   sing N N 231 
ILE CD1   HD12   sing N N 232 
ILE CD1   HD13   sing N N 233 
ILE OXT   HXT    sing N N 234 
LEU N     CA     sing N N 235 
LEU N     H      sing N N 236 
LEU N     H2     sing N N 237 
LEU CA    C      sing N N 238 
LEU CA    CB     sing N N 239 
LEU CA    HA     sing N N 240 
LEU C     O      doub N N 241 
LEU C     OXT    sing N N 242 
LEU CB    CG     sing N N 243 
LEU CB    HB2    sing N N 244 
LEU CB    HB3    sing N N 245 
LEU CG    CD1    sing N N 246 
LEU CG    CD2    sing N N 247 
LEU CG    HG     sing N N 248 
LEU CD1   HD11   sing N N 249 
LEU CD1   HD12   sing N N 250 
LEU CD1   HD13   sing N N 251 
LEU CD2   HD21   sing N N 252 
LEU CD2   HD22   sing N N 253 
LEU CD2   HD23   sing N N 254 
LEU OXT   HXT    sing N N 255 
LYS N     CA     sing N N 256 
LYS N     H      sing N N 257 
LYS N     H2     sing N N 258 
LYS CA    C      sing N N 259 
LYS CA    CB     sing N N 260 
LYS CA    HA     sing N N 261 
LYS C     O      doub N N 262 
LYS C     OXT    sing N N 263 
LYS CB    CG     sing N N 264 
LYS CB    HB2    sing N N 265 
LYS CB    HB3    sing N N 266 
LYS CG    CD     sing N N 267 
LYS CG    HG2    sing N N 268 
LYS CG    HG3    sing N N 269 
LYS CD    CE     sing N N 270 
LYS CD    HD2    sing N N 271 
LYS CD    HD3    sing N N 272 
LYS CE    NZ     sing N N 273 
LYS CE    HE2    sing N N 274 
LYS CE    HE3    sing N N 275 
LYS NZ    HZ1    sing N N 276 
LYS NZ    HZ2    sing N N 277 
LYS NZ    HZ3    sing N N 278 
LYS OXT   HXT    sing N N 279 
PHE N     CA     sing N N 280 
PHE N     H      sing N N 281 
PHE N     H2     sing N N 282 
PHE CA    C      sing N N 283 
PHE CA    CB     sing N N 284 
PHE CA    HA     sing N N 285 
PHE C     O      doub N N 286 
PHE C     OXT    sing N N 287 
PHE CB    CG     sing N N 288 
PHE CB    HB2    sing N N 289 
PHE CB    HB3    sing N N 290 
PHE CG    CD1    doub Y N 291 
PHE CG    CD2    sing Y N 292 
PHE CD1   CE1    sing Y N 293 
PHE CD1   HD1    sing N N 294 
PHE CD2   CE2    doub Y N 295 
PHE CD2   HD2    sing N N 296 
PHE CE1   CZ     doub Y N 297 
PHE CE1   HE1    sing N N 298 
PHE CE2   CZ     sing Y N 299 
PHE CE2   HE2    sing N N 300 
PHE CZ    HZ     sing N N 301 
PHE OXT   HXT    sing N N 302 
PRO N     CA     sing N N 303 
PRO N     CD     sing N N 304 
PRO N     H      sing N N 305 
PRO CA    C      sing N N 306 
PRO CA    CB     sing N N 307 
PRO CA    HA     sing N N 308 
PRO C     O      doub N N 309 
PRO C     OXT    sing N N 310 
PRO CB    CG     sing N N 311 
PRO CB    HB2    sing N N 312 
PRO CB    HB3    sing N N 313 
PRO CG    CD     sing N N 314 
PRO CG    HG2    sing N N 315 
PRO CG    HG3    sing N N 316 
PRO CD    HD2    sing N N 317 
PRO CD    HD3    sing N N 318 
PRO OXT   HXT    sing N N 319 
SER N     CA     sing N N 320 
SER N     H      sing N N 321 
SER N     H2     sing N N 322 
SER CA    C      sing N N 323 
SER CA    CB     sing N N 324 
SER CA    HA     sing N N 325 
SER C     O      doub N N 326 
SER C     OXT    sing N N 327 
SER CB    OG     sing N N 328 
SER CB    HB2    sing N N 329 
SER CB    HB3    sing N N 330 
SER OG    HG     sing N N 331 
SER OXT   HXT    sing N N 332 
THR N     CA     sing N N 333 
THR N     H      sing N N 334 
THR N     H2     sing N N 335 
THR CA    C      sing N N 336 
THR CA    CB     sing N N 337 
THR CA    HA     sing N N 338 
THR C     O      doub N N 339 
THR C     OXT    sing N N 340 
THR CB    OG1    sing N N 341 
THR CB    CG2    sing N N 342 
THR CB    HB     sing N N 343 
THR OG1   HG1    sing N N 344 
THR CG2   HG21   sing N N 345 
THR CG2   HG22   sing N N 346 
THR CG2   HG23   sing N N 347 
THR OXT   HXT    sing N N 348 
TRP N     CA     sing N N 349 
TRP N     H      sing N N 350 
TRP N     H2     sing N N 351 
TRP CA    C      sing N N 352 
TRP CA    CB     sing N N 353 
TRP CA    HA     sing N N 354 
TRP C     O      doub N N 355 
TRP C     OXT    sing N N 356 
TRP CB    CG     sing N N 357 
TRP CB    HB2    sing N N 358 
TRP CB    HB3    sing N N 359 
TRP CG    CD1    doub Y N 360 
TRP CG    CD2    sing Y N 361 
TRP CD1   NE1    sing Y N 362 
TRP CD1   HD1    sing N N 363 
TRP CD2   CE2    doub Y N 364 
TRP CD2   CE3    sing Y N 365 
TRP NE1   CE2    sing Y N 366 
TRP NE1   HE1    sing N N 367 
TRP CE2   CZ2    sing Y N 368 
TRP CE3   CZ3    doub Y N 369 
TRP CE3   HE3    sing N N 370 
TRP CZ2   CH2    doub Y N 371 
TRP CZ2   HZ2    sing N N 372 
TRP CZ3   CH2    sing Y N 373 
TRP CZ3   HZ3    sing N N 374 
TRP CH2   HH2    sing N N 375 
TRP OXT   HXT    sing N N 376 
TYR N     CA     sing N N 377 
TYR N     H      sing N N 378 
TYR N     H2     sing N N 379 
TYR CA    C      sing N N 380 
TYR CA    CB     sing N N 381 
TYR CA    HA     sing N N 382 
TYR C     O      doub N N 383 
TYR C     OXT    sing N N 384 
TYR CB    CG     sing N N 385 
TYR CB    HB2    sing N N 386 
TYR CB    HB3    sing N N 387 
TYR CG    CD1    doub Y N 388 
TYR CG    CD2    sing Y N 389 
TYR CD1   CE1    sing Y N 390 
TYR CD1   HD1    sing N N 391 
TYR CD2   CE2    doub Y N 392 
TYR CD2   HD2    sing N N 393 
TYR CE1   CZ     doub Y N 394 
TYR CE1   HE1    sing N N 395 
TYR CE2   CZ     sing Y N 396 
TYR CE2   HE2    sing N N 397 
TYR CZ    OH     sing N N 398 
TYR OH    HH     sing N N 399 
TYR OXT   HXT    sing N N 400 
U   OP3   P      sing N N 401 
U   OP3   HOP3   sing N N 402 
U   P     OP1    doub N N 403 
U   P     OP2    sing N N 404 
U   P     "O5'"  sing N N 405 
U   OP2   HOP2   sing N N 406 
U   "O5'" "C5'"  sing N N 407 
U   "C5'" "C4'"  sing N N 408 
U   "C5'" "H5'"  sing N N 409 
U   "C5'" "H5''" sing N N 410 
U   "C4'" "O4'"  sing N N 411 
U   "C4'" "C3'"  sing N N 412 
U   "C4'" "H4'"  sing N N 413 
U   "O4'" "C1'"  sing N N 414 
U   "C3'" "O3'"  sing N N 415 
U   "C3'" "C2'"  sing N N 416 
U   "C3'" "H3'"  sing N N 417 
U   "O3'" "HO3'" sing N N 418 
U   "C2'" "O2'"  sing N N 419 
U   "C2'" "C1'"  sing N N 420 
U   "C2'" "H2'"  sing N N 421 
U   "O2'" "HO2'" sing N N 422 
U   "C1'" N1     sing N N 423 
U   "C1'" "H1'"  sing N N 424 
U   N1    C2     sing N N 425 
U   N1    C6     sing N N 426 
U   C2    O2     doub N N 427 
U   C2    N3     sing N N 428 
U   N3    C4     sing N N 429 
U   N3    H3     sing N N 430 
U   C4    O4     doub N N 431 
U   C4    C5     sing N N 432 
U   C5    C6     doub N N 433 
U   C5    H5     sing N N 434 
U   C6    H6     sing N N 435 
VAL N     CA     sing N N 436 
VAL N     H      sing N N 437 
VAL N     H2     sing N N 438 
VAL CA    C      sing N N 439 
VAL CA    CB     sing N N 440 
VAL CA    HA     sing N N 441 
VAL C     O      doub N N 442 
VAL C     OXT    sing N N 443 
VAL CB    CG1    sing N N 444 
VAL CB    CG2    sing N N 445 
VAL CB    HB     sing N N 446 
VAL CG1   HG11   sing N N 447 
VAL CG1   HG12   sing N N 448 
VAL CG1   HG13   sing N N 449 
VAL CG2   HG21   sing N N 450 
VAL CG2   HG22   sing N N 451 
VAL CG2   HG23   sing N N 452 
VAL OXT   HXT    sing N N 453 
# 
_pdbx_audit_support.funding_organization   'National Natural Science Foundation of China' 
_pdbx_audit_support.country                China 
_pdbx_audit_support.grant_number           ? 
_pdbx_audit_support.ordinal                1 
# 
_pdbx_entity_nonpoly.entity_id   3 
_pdbx_entity_nonpoly.name        water 
_pdbx_entity_nonpoly.comp_id     HOH 
# 
_pdbx_initial_refinement_model.id               1 
_pdbx_initial_refinement_model.entity_id_list   ? 
_pdbx_initial_refinement_model.type             'experimental model' 
_pdbx_initial_refinement_model.source_name      PDB 
_pdbx_initial_refinement_model.accession_code   3PF5 
_pdbx_initial_refinement_model.details          ? 
# 
_pdbx_struct_assembly_auth_evidence.id                     1 
_pdbx_struct_assembly_auth_evidence.assembly_id            1 
_pdbx_struct_assembly_auth_evidence.experimental_support   immunoprecipitation 
_pdbx_struct_assembly_auth_evidence.details                'YB1 can form homodimer in vivo' 
# 
